data_6JML
#
_entry.id   6JML
#
_cell.length_a   164.382
_cell.length_b   82.893
_cell.length_c   179.771
_cell.angle_alpha   90.00
_cell.angle_beta   91.21
_cell.angle_gamma   90.00
#
_symmetry.space_group_name_H-M   'C 1 2 1'
#
loop_
_entity.id
_entity.type
_entity.pdbx_description
1 polymer 'L-lactate dehydrogenase'
2 non-polymer 'SULFATE ION'
3 water water
#
_entity_poly.entity_id   1
_entity_poly.type   'polypeptide(L)'
_entity_poly.pdbx_seq_one_letter_code
;MASITDKDHQKVILVGDGAVGSSYAYAMVLQGIAQEIGIVDIFKDKTKGDAIDLSNALPFTSPKKIYSAEYSDAKDADLV
VITAGAPQKPGETRLDLVNKNLKILKSIVDPIVDSGFNGIFLVAANPVDILTYATWKLSGFPKNRVVGSGTSLDTARFRQ
SIAEMVNVDARSVHAYIMGEHGDTEFPVWSHANIGGVTIAEWVKAHPEIKEDKLVKMFEDVRDAAYEIIKLKGATFYGIA
TALARISKAILNDENAVLPLSVYMDGQYGLNDIYIGTPAVINRNGIQNILEIPLTDHEEESMQKSASQLKKVLTDAFAKN
DIETRQ
;
_entity_poly.pdbx_strand_id   A,B,C,D,E,F
#
# COMPACT_ATOMS: atom_id res chain seq x y z
N ILE A 4 -0.16 -90.99 3.14
CA ILE A 4 0.04 -89.54 3.51
C ILE A 4 -0.30 -89.40 5.00
N THR A 5 -1.28 -90.16 5.50
CA THR A 5 -1.72 -90.06 6.91
C THR A 5 -0.65 -90.68 7.81
N ASP A 6 0.29 -91.46 7.26
CA ASP A 6 1.55 -91.87 7.96
C ASP A 6 2.26 -90.68 8.64
N LYS A 7 2.02 -89.45 8.21
CA LYS A 7 2.59 -88.18 8.72
C LYS A 7 1.83 -87.68 9.95
N ASP A 8 0.59 -88.16 10.19
CA ASP A 8 -0.29 -87.66 11.27
C ASP A 8 0.15 -88.28 12.59
N HIS A 9 1.42 -88.04 12.91
CA HIS A 9 2.07 -88.50 14.15
C HIS A 9 3.05 -87.39 14.51
N GLN A 10 2.79 -86.63 15.57
CA GLN A 10 3.67 -85.51 15.99
C GLN A 10 4.61 -86.03 17.08
N LYS A 11 5.89 -85.79 16.90
CA LYS A 11 6.95 -86.28 17.78
C LYS A 11 7.76 -85.13 18.37
N VAL A 12 7.96 -85.17 19.66
CA VAL A 12 8.75 -84.15 20.38
C VAL A 12 9.90 -84.85 21.07
N ILE A 13 11.11 -84.31 20.88
CA ILE A 13 12.28 -84.71 21.67
C ILE A 13 12.53 -83.57 22.65
N LEU A 14 12.49 -83.90 23.93
CA LEU A 14 12.80 -82.98 25.04
C LEU A 14 14.20 -83.32 25.52
N VAL A 15 15.06 -82.31 25.56
CA VAL A 15 16.42 -82.40 26.17
C VAL A 15 16.38 -81.71 27.52
N GLY A 16 16.63 -82.48 28.58
CA GLY A 16 16.61 -81.97 29.95
C GLY A 16 15.36 -82.43 30.66
N ASP A 17 15.54 -83.27 31.67
CA ASP A 17 14.42 -83.85 32.44
C ASP A 17 14.48 -83.32 33.86
N GLY A 18 14.90 -82.08 34.06
CA GLY A 18 14.76 -81.36 35.34
C GLY A 18 13.31 -80.94 35.55
N ALA A 19 13.04 -80.11 36.54
CA ALA A 19 11.66 -79.71 36.90
C ALA A 19 10.97 -79.05 35.69
N VAL A 20 11.69 -78.33 34.86
CA VAL A 20 11.09 -77.60 33.70
C VAL A 20 10.69 -78.63 32.65
N GLY A 21 11.64 -79.47 32.20
CA GLY A 21 11.38 -80.44 31.12
C GLY A 21 10.25 -81.39 31.51
N SER A 22 10.34 -81.89 32.72
CA SER A 22 9.40 -82.90 33.32
C SER A 22 8.01 -82.26 33.40
N SER A 23 7.90 -81.06 33.97
CA SER A 23 6.62 -80.29 34.01
C SER A 23 6.09 -80.06 32.59
N TYR A 24 6.96 -79.75 31.65
CA TYR A 24 6.58 -79.49 30.22
C TYR A 24 5.97 -80.78 29.68
N ALA A 25 6.65 -81.92 29.88
CA ALA A 25 6.14 -83.20 29.37
C ALA A 25 4.75 -83.43 29.98
N TYR A 26 4.57 -83.15 31.28
CA TYR A 26 3.27 -83.35 31.97
C TYR A 26 2.20 -82.48 31.31
N ALA A 27 2.55 -81.24 31.01
CA ALA A 27 1.58 -80.29 30.39
C ALA A 27 1.15 -80.84 29.04
N MET A 28 2.09 -81.39 28.28
CA MET A 28 1.81 -81.95 26.92
C MET A 28 0.93 -83.20 27.05
N VAL A 29 1.16 -84.03 28.08
CA VAL A 29 0.27 -85.19 28.42
C VAL A 29 -1.13 -84.72 28.72
N LEU A 30 -1.27 -83.82 29.68
CA LEU A 30 -2.64 -83.39 30.10
C LEU A 30 -3.37 -82.68 28.96
N GLN A 31 -2.69 -81.95 28.13
CA GLN A 31 -3.41 -81.19 27.08
C GLN A 31 -3.51 -82.02 25.80
N GLY A 32 -2.93 -83.22 25.72
CA GLY A 32 -3.07 -84.09 24.54
C GLY A 32 -2.31 -83.53 23.37
N ILE A 33 -1.21 -82.81 23.59
CA ILE A 33 -0.41 -82.22 22.48
C ILE A 33 0.71 -83.20 22.11
N ALA A 34 0.79 -83.53 20.84
CA ALA A 34 1.72 -84.52 20.24
C ALA A 34 1.34 -85.94 20.62
N GLN A 35 1.90 -86.88 19.91
CA GLN A 35 1.57 -88.32 20.06
C GLN A 35 2.79 -89.08 20.60
N GLU A 36 3.95 -88.42 20.69
CA GLU A 36 5.21 -89.05 21.12
C GLU A 36 6.16 -88.04 21.74
N ILE A 37 6.69 -88.36 22.91
CA ILE A 37 7.71 -87.56 23.63
C ILE A 37 8.87 -88.47 24.00
N GLY A 38 10.03 -88.17 23.43
CA GLY A 38 11.31 -88.74 23.86
C GLY A 38 12.05 -87.80 24.77
N ILE A 39 12.47 -88.28 25.93
CA ILE A 39 13.11 -87.47 27.00
C ILE A 39 14.58 -87.87 27.05
N VAL A 40 15.45 -86.91 26.73
CA VAL A 40 16.92 -87.08 26.69
C VAL A 40 17.53 -86.35 27.87
N ASP A 41 18.34 -87.07 28.64
CA ASP A 41 19.05 -86.50 29.79
C ASP A 41 20.19 -87.47 30.13
N ILE A 42 21.29 -86.92 30.63
CA ILE A 42 22.44 -87.69 31.17
C ILE A 42 21.92 -88.73 32.17
N PHE A 43 20.96 -88.33 33.03
CA PHE A 43 20.47 -89.20 34.13
C PHE A 43 19.46 -90.19 33.55
N LYS A 44 19.91 -91.32 33.04
CA LYS A 44 19.07 -92.28 32.28
C LYS A 44 18.00 -92.89 33.19
N ASP A 45 18.35 -93.24 34.43
CA ASP A 45 17.41 -93.85 35.39
C ASP A 45 16.24 -92.88 35.63
N LYS A 46 16.55 -91.61 35.81
CA LYS A 46 15.56 -90.59 36.13
C LYS A 46 14.61 -90.45 34.95
N THR A 47 15.11 -90.43 33.71
CA THR A 47 14.23 -90.21 32.53
C THR A 47 13.35 -91.45 32.39
N LYS A 48 13.86 -92.65 32.64
CA LYS A 48 13.05 -93.88 32.60
C LYS A 48 11.93 -93.77 33.64
N GLY A 49 12.23 -93.31 34.85
CA GLY A 49 11.25 -93.16 35.93
C GLY A 49 10.18 -92.16 35.53
N ASP A 50 10.59 -91.05 34.95
CA ASP A 50 9.66 -89.99 34.53
C ASP A 50 8.78 -90.49 33.38
N ALA A 51 9.32 -91.15 32.40
CA ALA A 51 8.55 -91.70 31.25
C ALA A 51 7.47 -92.63 31.85
N ILE A 52 7.78 -93.46 32.83
CA ILE A 52 6.76 -94.37 33.44
C ILE A 52 5.74 -93.52 34.21
N ASP A 53 6.18 -92.60 35.06
CA ASP A 53 5.26 -91.78 35.88
C ASP A 53 4.31 -91.01 34.96
N LEU A 54 4.81 -90.38 33.92
CA LEU A 54 4.00 -89.64 32.91
C LEU A 54 3.05 -90.60 32.17
N SER A 55 3.54 -91.78 31.79
CA SER A 55 2.72 -92.82 31.08
C SER A 55 1.56 -93.25 31.97
N ASN A 56 1.76 -93.27 33.29
CA ASN A 56 0.70 -93.68 34.25
C ASN A 56 -0.48 -92.70 34.14
N ALA A 57 -0.28 -91.49 33.61
CA ALA A 57 -1.34 -90.48 33.48
C ALA A 57 -2.17 -90.75 32.20
N LEU A 58 -1.63 -91.48 31.24
CA LEU A 58 -2.17 -91.50 29.86
C LEU A 58 -3.59 -92.08 29.81
N PRO A 59 -3.98 -93.07 30.66
CA PRO A 59 -5.34 -93.57 30.64
C PRO A 59 -6.39 -92.48 30.88
N PHE A 60 -6.03 -91.34 31.43
CA PHE A 60 -6.98 -90.22 31.70
C PHE A 60 -6.88 -89.16 30.60
N THR A 61 -6.14 -89.38 29.55
CA THR A 61 -5.96 -88.33 28.50
C THR A 61 -5.79 -89.05 27.16
N SER A 62 -5.34 -88.37 26.13
CA SER A 62 -5.10 -89.03 24.83
C SER A 62 -3.77 -89.76 24.88
N PRO A 63 -3.67 -90.87 24.11
CA PRO A 63 -2.50 -91.74 24.17
C PRO A 63 -1.27 -91.07 23.58
N LYS A 64 -0.13 -91.55 24.04
CA LYS A 64 1.19 -91.08 23.64
C LYS A 64 2.16 -92.25 23.82
N LYS A 65 3.22 -92.25 23.07
CA LYS A 65 4.45 -93.01 23.32
C LYS A 65 5.42 -92.08 24.06
N ILE A 66 5.78 -92.39 25.30
CA ILE A 66 6.70 -91.59 26.13
C ILE A 66 7.84 -92.50 26.54
N TYR A 67 9.09 -92.08 26.32
CA TYR A 67 10.25 -92.95 26.60
C TYR A 67 11.49 -92.09 26.86
N SER A 68 12.42 -92.71 27.57
CA SER A 68 13.84 -92.30 27.71
C SER A 68 14.49 -92.43 26.33
N ALA A 69 15.03 -91.33 25.84
CA ALA A 69 15.44 -91.24 24.43
C ALA A 69 16.93 -90.89 24.33
N GLU A 70 17.44 -90.97 23.12
CA GLU A 70 18.82 -90.58 22.73
C GLU A 70 18.69 -89.48 21.67
N TYR A 71 19.74 -88.68 21.49
CA TYR A 71 19.81 -87.62 20.46
C TYR A 71 19.43 -88.21 19.10
N SER A 72 19.82 -89.46 18.81
CA SER A 72 19.55 -90.12 17.52
C SER A 72 18.03 -90.29 17.27
N ASP A 73 17.21 -90.26 18.32
CA ASP A 73 15.75 -90.38 18.16
C ASP A 73 15.14 -89.08 17.59
N ALA A 74 15.91 -88.00 17.44
CA ALA A 74 15.44 -86.71 16.87
C ALA A 74 15.29 -86.81 15.36
N LYS A 75 15.71 -87.91 14.74
CA LYS A 75 15.78 -88.05 13.26
C LYS A 75 14.46 -87.56 12.65
N ASP A 76 13.32 -88.04 13.13
CA ASP A 76 12.01 -87.74 12.49
C ASP A 76 11.15 -86.94 13.47
N ALA A 77 11.76 -86.24 14.44
CA ALA A 77 11.03 -85.38 15.38
C ALA A 77 10.53 -84.12 14.66
N ASP A 78 9.35 -83.66 15.02
CA ASP A 78 8.84 -82.32 14.64
C ASP A 78 9.55 -81.23 15.41
N LEU A 79 9.80 -81.49 16.67
CA LEU A 79 10.12 -80.43 17.65
C LEU A 79 11.20 -80.95 18.59
N VAL A 80 12.30 -80.19 18.74
CA VAL A 80 13.33 -80.42 19.78
C VAL A 80 13.23 -79.24 20.75
N VAL A 81 12.99 -79.57 22.01
CA VAL A 81 12.84 -78.57 23.09
C VAL A 81 14.06 -78.71 24.00
N ILE A 82 14.85 -77.65 24.11
CA ILE A 82 16.09 -77.65 24.92
C ILE A 82 15.83 -76.89 26.21
N THR A 83 15.89 -77.60 27.34
CA THR A 83 15.77 -77.01 28.70
C THR A 83 17.07 -77.17 29.49
N ALA A 84 18.04 -77.93 28.96
CA ALA A 84 19.33 -78.28 29.63
C ALA A 84 20.29 -77.06 29.69
N GLY A 85 20.18 -76.27 30.78
CA GLY A 85 20.95 -75.02 31.02
C GLY A 85 21.69 -74.96 32.35
N ALA A 86 23.03 -74.93 32.38
CA ALA A 86 23.82 -74.84 33.64
C ALA A 86 23.62 -73.47 34.30
N PRO A 87 23.42 -73.34 35.63
CA PRO A 87 23.31 -72.01 36.26
C PRO A 87 24.67 -71.35 36.61
N THR A 93 30.89 -64.77 36.17
CA THR A 93 30.64 -63.73 35.12
C THR A 93 29.58 -64.26 34.15
N ARG A 94 28.79 -63.35 33.57
CA ARG A 94 27.82 -63.68 32.52
C ARG A 94 28.54 -64.42 31.38
N LEU A 95 29.73 -63.95 31.00
CA LEU A 95 30.49 -64.50 29.85
C LEU A 95 30.90 -65.95 30.16
N ASP A 96 31.33 -66.23 31.40
CA ASP A 96 31.68 -67.61 31.81
C ASP A 96 30.42 -68.49 31.73
N LEU A 97 29.30 -68.02 32.26
CA LEU A 97 28.00 -68.75 32.20
C LEU A 97 27.70 -69.14 30.76
N VAL A 98 27.87 -68.19 29.82
CA VAL A 98 27.63 -68.42 28.38
C VAL A 98 28.62 -69.47 27.85
N ASN A 99 29.92 -69.33 28.13
CA ASN A 99 30.95 -70.27 27.58
C ASN A 99 30.66 -71.70 28.07
N LYS A 100 30.29 -71.86 29.34
CA LYS A 100 29.92 -73.16 29.95
C LYS A 100 28.70 -73.74 29.19
N ASN A 101 27.69 -72.90 28.92
CA ASN A 101 26.41 -73.35 28.31
C ASN A 101 26.64 -73.60 26.82
N LEU A 102 27.56 -72.89 26.18
CA LEU A 102 27.88 -73.13 24.74
C LEU A 102 28.48 -74.52 24.55
N LYS A 103 29.38 -74.96 25.43
CA LYS A 103 30.00 -76.30 25.29
C LYS A 103 28.90 -77.34 25.52
N ILE A 104 28.06 -77.20 26.55
CA ILE A 104 26.93 -78.15 26.78
C ILE A 104 26.00 -78.11 25.54
N LEU A 105 25.65 -76.92 25.05
CA LEU A 105 24.69 -76.78 23.93
C LEU A 105 25.24 -77.44 22.67
N LYS A 106 26.55 -77.32 22.42
CA LYS A 106 27.20 -77.94 21.23
C LYS A 106 27.03 -79.47 21.32
N SER A 107 27.19 -80.03 22.52
CA SER A 107 27.10 -81.48 22.80
C SER A 107 25.65 -81.95 22.60
N ILE A 108 24.68 -81.04 22.56
CA ILE A 108 23.23 -81.36 22.32
C ILE A 108 22.92 -81.18 20.84
N VAL A 109 23.22 -80.01 20.31
CA VAL A 109 22.76 -79.61 18.96
C VAL A 109 23.47 -80.48 17.92
N ASP A 110 24.76 -80.74 18.07
CA ASP A 110 25.52 -81.44 17.00
C ASP A 110 24.92 -82.83 16.78
N PRO A 111 24.81 -83.70 17.80
CA PRO A 111 24.25 -85.05 17.60
C PRO A 111 22.79 -85.03 17.14
N ILE A 112 22.03 -84.02 17.55
CA ILE A 112 20.63 -83.83 17.05
C ILE A 112 20.64 -83.55 15.56
N VAL A 113 21.49 -82.64 15.09
CA VAL A 113 21.61 -82.36 13.63
C VAL A 113 22.11 -83.63 12.93
N ASP A 114 23.12 -84.29 13.49
CA ASP A 114 23.71 -85.52 12.92
C ASP A 114 22.61 -86.59 12.79
N SER A 115 21.60 -86.61 13.64
CA SER A 115 20.49 -87.60 13.55
C SER A 115 19.72 -87.48 12.22
N GLY A 116 19.78 -86.31 11.58
CA GLY A 116 18.88 -85.96 10.44
C GLY A 116 17.70 -85.11 10.84
N PHE A 117 17.60 -84.70 12.11
CA PHE A 117 16.50 -83.83 12.59
C PHE A 117 16.33 -82.65 11.63
N ASN A 118 15.09 -82.36 11.30
CA ASN A 118 14.75 -81.37 10.26
C ASN A 118 13.47 -80.64 10.67
N GLY A 119 13.25 -80.41 11.96
CA GLY A 119 12.05 -79.77 12.49
C GLY A 119 12.35 -78.38 13.01
N ILE A 120 11.73 -78.00 14.12
CA ILE A 120 11.97 -76.68 14.78
C ILE A 120 12.66 -76.92 16.12
N PHE A 121 13.62 -76.10 16.44
CA PHE A 121 14.23 -76.01 17.77
C PHE A 121 13.43 -75.01 18.59
N LEU A 122 13.05 -75.41 19.80
CA LEU A 122 12.46 -74.50 20.82
C LEU A 122 13.38 -74.50 22.03
N VAL A 123 14.01 -73.35 22.29
CA VAL A 123 15.08 -73.20 23.30
C VAL A 123 14.50 -72.50 24.51
N ALA A 124 14.62 -73.09 25.68
CA ALA A 124 14.18 -72.51 26.96
C ALA A 124 15.35 -72.43 27.95
N ALA A 125 16.53 -72.95 27.61
CA ALA A 125 17.69 -72.92 28.55
C ALA A 125 18.14 -71.48 28.80
N ASN A 126 18.52 -71.16 30.03
CA ASN A 126 19.03 -69.83 30.39
C ASN A 126 20.53 -69.78 30.14
N PRO A 127 21.07 -68.69 29.55
CA PRO A 127 20.29 -67.52 29.12
C PRO A 127 19.72 -67.64 27.71
N VAL A 128 18.40 -67.49 27.60
CA VAL A 128 17.61 -68.04 26.47
C VAL A 128 17.92 -67.29 25.19
N ASP A 129 18.01 -65.97 25.22
CA ASP A 129 18.21 -65.22 23.96
C ASP A 129 19.58 -65.58 23.39
N ILE A 130 20.61 -65.66 24.26
CA ILE A 130 21.99 -66.01 23.83
C ILE A 130 21.97 -67.46 23.32
N LEU A 131 21.34 -68.40 24.05
CA LEU A 131 21.45 -69.83 23.66
C LEU A 131 20.56 -70.09 22.44
N THR A 132 19.58 -69.23 22.18
CA THR A 132 18.73 -69.32 20.97
C THR A 132 19.62 -68.96 19.78
N TYR A 133 20.33 -67.85 19.85
CA TYR A 133 21.32 -67.44 18.82
C TYR A 133 22.35 -68.57 18.65
N ALA A 134 22.89 -69.07 19.76
CA ALA A 134 23.92 -70.14 19.71
C ALA A 134 23.34 -71.38 19.02
N THR A 135 22.09 -71.75 19.30
CA THR A 135 21.43 -72.91 18.68
C THR A 135 21.37 -72.69 17.16
N TRP A 136 20.95 -71.50 16.73
CA TRP A 136 20.95 -71.10 15.30
C TRP A 136 22.36 -71.29 14.69
N LYS A 137 23.38 -70.74 15.33
CA LYS A 137 24.80 -70.76 14.85
C LYS A 137 25.27 -72.22 14.77
N LEU A 138 25.05 -73.02 15.80
CA LEU A 138 25.55 -74.42 15.85
C LEU A 138 24.78 -75.29 14.85
N SER A 139 23.46 -75.08 14.71
CA SER A 139 22.58 -76.01 13.96
C SER A 139 22.74 -75.79 12.46
N GLY A 140 22.93 -74.56 12.00
CA GLY A 140 22.87 -74.19 10.57
C GLY A 140 21.45 -74.12 10.07
N PHE A 141 20.46 -74.18 10.95
CA PHE A 141 19.04 -74.13 10.57
C PHE A 141 18.68 -72.71 10.13
N PRO A 142 17.59 -72.56 9.35
CA PRO A 142 17.04 -71.24 9.08
C PRO A 142 16.62 -70.53 10.39
N LYS A 143 16.78 -69.20 10.40
CA LYS A 143 16.38 -68.25 11.47
C LYS A 143 14.98 -68.54 12.03
N ASN A 144 14.02 -68.82 11.16
CA ASN A 144 12.61 -68.92 11.55
C ASN A 144 12.33 -70.32 12.17
N ARG A 145 13.29 -71.24 12.18
CA ARG A 145 13.08 -72.60 12.71
C ARG A 145 13.94 -72.79 13.98
N VAL A 146 14.48 -71.71 14.50
CA VAL A 146 15.08 -71.69 15.86
C VAL A 146 14.37 -70.58 16.64
N VAL A 147 13.68 -71.01 17.68
CA VAL A 147 12.79 -70.13 18.48
C VAL A 147 13.19 -70.24 19.93
N GLY A 148 13.23 -69.12 20.64
CA GLY A 148 13.43 -69.14 22.08
C GLY A 148 12.17 -68.74 22.78
N SER A 149 12.00 -69.22 24.01
CA SER A 149 10.84 -68.87 24.85
C SER A 149 10.92 -67.38 25.18
N GLY A 150 12.09 -66.76 25.12
CA GLY A 150 12.24 -65.31 25.32
C GLY A 150 11.43 -64.75 26.48
N THR A 151 10.53 -63.79 26.22
CA THR A 151 9.74 -63.07 27.25
C THR A 151 8.31 -63.63 27.28
N SER A 152 8.07 -64.84 26.77
CA SER A 152 6.72 -65.47 26.88
C SER A 152 6.32 -65.57 28.33
N LEU A 153 7.19 -66.02 29.22
CA LEU A 153 6.77 -66.23 30.64
C LEU A 153 6.67 -64.87 31.34
N ASP A 154 7.63 -63.97 31.10
CA ASP A 154 7.59 -62.63 31.72
C ASP A 154 6.27 -61.96 31.32
N THR A 155 5.87 -62.08 30.06
CA THR A 155 4.62 -61.52 29.51
C THR A 155 3.42 -62.16 30.23
N ALA A 156 3.39 -63.49 30.35
CA ALA A 156 2.31 -64.17 31.12
C ALA A 156 2.27 -63.60 32.55
N ARG A 157 3.42 -63.54 33.21
CA ARG A 157 3.47 -63.04 34.59
C ARG A 157 2.91 -61.62 34.63
N PHE A 158 3.31 -60.79 33.67
CA PHE A 158 2.85 -59.37 33.58
C PHE A 158 1.34 -59.36 33.44
N ARG A 159 0.81 -60.12 32.49
CA ARG A 159 -0.65 -60.13 32.24
C ARG A 159 -1.39 -60.64 33.49
N GLN A 160 -0.88 -61.63 34.18
CA GLN A 160 -1.61 -62.22 35.35
C GLN A 160 -1.62 -61.21 36.49
N SER A 161 -0.53 -60.48 36.67
CA SER A 161 -0.41 -59.43 37.69
C SER A 161 -1.42 -58.29 37.39
N ILE A 162 -1.56 -57.86 36.14
CA ILE A 162 -2.61 -56.89 35.74
C ILE A 162 -4.00 -57.49 36.00
N ALA A 163 -4.22 -58.74 35.59
CA ALA A 163 -5.49 -59.49 35.78
C ALA A 163 -5.91 -59.44 37.23
N GLU A 164 -4.98 -59.68 38.15
CA GLU A 164 -5.26 -59.73 39.59
C GLU A 164 -5.51 -58.32 40.12
N MET A 165 -4.77 -57.30 39.67
CA MET A 165 -5.01 -55.92 40.14
C MET A 165 -6.45 -55.51 39.78
N VAL A 166 -6.96 -55.94 38.64
CA VAL A 166 -8.18 -55.35 38.02
C VAL A 166 -9.33 -56.38 38.08
N ASN A 167 -9.07 -57.62 38.53
CA ASN A 167 -10.11 -58.68 38.64
C ASN A 167 -10.70 -59.00 37.25
N VAL A 168 -9.85 -59.28 36.29
CA VAL A 168 -10.22 -59.64 34.89
C VAL A 168 -9.40 -60.87 34.51
N ASP A 169 -10.02 -61.82 33.86
CA ASP A 169 -9.35 -62.94 33.18
C ASP A 169 -8.11 -62.43 32.44
N ALA A 170 -6.94 -63.00 32.68
CA ALA A 170 -5.70 -62.54 32.03
C ALA A 170 -5.82 -62.72 30.52
N ARG A 171 -6.72 -63.58 30.03
CA ARG A 171 -6.90 -63.79 28.58
C ARG A 171 -7.53 -62.55 27.94
N SER A 172 -8.06 -61.63 28.75
CA SER A 172 -8.63 -60.33 28.31
C SER A 172 -7.63 -59.22 28.55
N VAL A 173 -6.42 -59.54 28.97
CA VAL A 173 -5.33 -58.56 29.26
C VAL A 173 -4.24 -58.72 28.22
N HIS A 174 -3.74 -57.63 27.65
CA HIS A 174 -2.82 -57.66 26.50
C HIS A 174 -1.67 -56.71 26.78
N ALA A 175 -0.53 -57.25 27.20
CA ALA A 175 0.64 -56.44 27.57
C ALA A 175 1.87 -57.29 27.32
N TYR A 176 2.97 -56.66 26.93
CA TYR A 176 4.23 -57.37 26.64
C TYR A 176 5.35 -56.94 27.60
N ILE A 177 6.21 -57.92 27.94
CA ILE A 177 7.62 -57.68 28.32
C ILE A 177 8.46 -57.98 27.08
N MET A 178 9.44 -57.15 26.77
CA MET A 178 10.25 -57.31 25.53
C MET A 178 11.70 -57.08 25.89
N GLY A 179 12.56 -57.35 24.92
CA GLY A 179 14.01 -57.27 25.08
C GLY A 179 14.59 -58.64 25.40
N GLU A 180 15.79 -58.64 25.91
CA GLU A 180 16.49 -59.84 26.42
C GLU A 180 15.82 -60.22 27.72
N HIS A 181 15.28 -61.43 27.80
CA HIS A 181 14.79 -62.00 29.07
C HIS A 181 15.90 -61.86 30.12
N GLY A 182 15.62 -61.22 31.26
CA GLY A 182 16.63 -60.86 32.28
C GLY A 182 16.46 -59.41 32.74
N ASP A 183 17.46 -58.84 33.44
CA ASP A 183 17.35 -57.51 34.11
C ASP A 183 17.03 -56.37 33.16
N THR A 184 17.40 -56.48 31.90
CA THR A 184 17.28 -55.35 30.95
C THR A 184 15.93 -55.42 30.24
N GLU A 185 15.07 -56.42 30.52
CA GLU A 185 13.78 -56.51 29.82
C GLU A 185 12.91 -55.32 30.24
N PHE A 186 11.87 -54.97 29.48
CA PHE A 186 11.05 -53.79 29.86
C PHE A 186 9.60 -54.04 29.51
N PRO A 187 8.69 -53.35 30.20
CA PRO A 187 7.26 -53.45 29.91
C PRO A 187 6.87 -52.47 28.81
N VAL A 188 6.05 -52.91 27.86
CA VAL A 188 5.58 -51.97 26.80
C VAL A 188 4.27 -51.35 27.26
N TRP A 189 4.33 -50.45 28.24
CA TRP A 189 3.10 -49.82 28.77
C TRP A 189 2.31 -49.10 27.69
N SER A 190 2.98 -48.52 26.69
CA SER A 190 2.34 -47.69 25.65
C SER A 190 1.22 -48.47 24.96
N HIS A 191 1.33 -49.81 24.78
CA HIS A 191 0.34 -50.62 24.01
C HIS A 191 -0.42 -51.57 24.91
N ALA A 192 -0.09 -51.57 26.21
CA ALA A 192 -0.72 -52.51 27.18
C ALA A 192 -2.17 -52.08 27.34
N ASN A 193 -3.06 -53.06 27.40
CA ASN A 193 -4.51 -52.76 27.46
C ASN A 193 -5.24 -53.94 28.11
N ILE A 194 -6.47 -53.67 28.50
CA ILE A 194 -7.45 -54.60 29.09
C ILE A 194 -8.67 -54.45 28.21
N GLY A 195 -8.97 -55.47 27.42
CA GLY A 195 -10.13 -55.49 26.53
C GLY A 195 -10.07 -54.31 25.58
N GLY A 196 -8.85 -53.85 25.25
CA GLY A 196 -8.63 -52.80 24.23
C GLY A 196 -8.52 -51.41 24.87
N VAL A 197 -8.85 -51.29 26.17
CA VAL A 197 -8.70 -50.01 26.94
C VAL A 197 -7.26 -49.97 27.46
N THR A 198 -6.46 -49.02 26.98
CA THR A 198 -5.02 -48.94 27.33
C THR A 198 -4.93 -48.77 28.85
N ILE A 199 -3.82 -49.18 29.43
CA ILE A 199 -3.57 -48.94 30.87
C ILE A 199 -3.68 -47.44 31.19
N ALA A 200 -3.12 -46.55 30.35
CA ALA A 200 -3.28 -45.08 30.52
C ALA A 200 -4.78 -44.78 30.60
N GLU A 201 -5.58 -45.30 29.68
CA GLU A 201 -7.04 -45.03 29.71
C GLU A 201 -7.64 -45.60 30.99
N TRP A 202 -7.21 -46.80 31.39
CA TRP A 202 -7.81 -47.55 32.52
C TRP A 202 -7.56 -46.78 33.81
N VAL A 203 -6.32 -46.29 33.95
CA VAL A 203 -5.91 -45.52 35.16
C VAL A 203 -6.74 -44.22 35.25
N LYS A 204 -7.06 -43.55 34.14
CA LYS A 204 -7.93 -42.33 34.14
C LYS A 204 -9.32 -42.69 34.67
N ALA A 205 -9.93 -43.80 34.23
CA ALA A 205 -11.26 -44.23 34.71
C ALA A 205 -11.18 -44.80 36.15
N HIS A 206 -10.02 -45.26 36.61
CA HIS A 206 -9.85 -45.97 37.91
C HIS A 206 -8.63 -45.43 38.66
N PRO A 207 -8.68 -44.17 39.15
CA PRO A 207 -7.49 -43.50 39.65
C PRO A 207 -6.96 -43.93 41.03
N GLU A 208 -7.67 -44.86 41.70
CA GLU A 208 -7.19 -45.67 42.86
C GLU A 208 -5.91 -46.40 42.45
N ILE A 209 -5.75 -46.72 41.16
CA ILE A 209 -4.50 -47.35 40.64
C ILE A 209 -3.45 -46.25 40.48
N LYS A 210 -2.47 -46.25 41.37
CA LYS A 210 -1.35 -45.29 41.46
C LYS A 210 -0.23 -45.73 40.55
N GLU A 211 0.47 -44.78 39.97
CA GLU A 211 1.61 -45.02 39.06
C GLU A 211 2.60 -45.93 39.76
N ASP A 212 2.80 -45.76 41.07
CA ASP A 212 3.83 -46.50 41.83
C ASP A 212 3.40 -47.99 41.93
N LYS A 213 2.11 -48.34 41.90
CA LYS A 213 1.65 -49.77 41.90
C LYS A 213 2.10 -50.41 40.56
N LEU A 214 1.92 -49.71 39.43
CA LEU A 214 2.37 -50.16 38.10
C LEU A 214 3.90 -50.33 38.07
N VAL A 215 4.67 -49.37 38.59
CA VAL A 215 6.16 -49.46 38.64
C VAL A 215 6.51 -50.76 39.36
N LYS A 216 5.91 -50.98 40.54
CA LYS A 216 6.19 -52.11 41.44
C LYS A 216 5.84 -53.39 40.70
N MET A 217 4.69 -53.39 40.02
CA MET A 217 4.19 -54.56 39.30
C MET A 217 5.24 -54.99 38.25
N PHE A 218 5.83 -54.09 37.48
CA PHE A 218 6.91 -54.49 36.53
C PHE A 218 8.13 -54.97 37.32
N GLU A 219 8.47 -54.32 38.43
CA GLU A 219 9.65 -54.74 39.25
C GLU A 219 9.45 -56.17 39.76
N ASP A 220 8.25 -56.49 40.28
CA ASP A 220 7.89 -57.87 40.71
C ASP A 220 7.96 -58.85 39.54
N VAL A 221 7.59 -58.45 38.32
CA VAL A 221 7.78 -59.33 37.14
C VAL A 221 9.28 -59.59 36.90
N ARG A 222 10.09 -58.55 36.85
CA ARG A 222 11.55 -58.67 36.60
C ARG A 222 12.20 -59.58 37.65
N ASP A 223 11.80 -59.47 38.91
CA ASP A 223 12.36 -60.23 40.05
C ASP A 223 11.50 -61.48 40.35
N ALA A 224 10.54 -61.87 39.51
CA ALA A 224 9.60 -62.98 39.82
C ALA A 224 10.37 -64.27 40.14
N ALA A 225 11.35 -64.65 39.33
CA ALA A 225 12.08 -65.92 39.48
C ALA A 225 12.76 -65.94 40.87
N TYR A 226 13.39 -64.82 41.26
CA TYR A 226 14.11 -64.67 42.54
C TYR A 226 13.12 -64.93 43.67
N GLU A 227 11.93 -64.34 43.58
CA GLU A 227 10.91 -64.40 44.65
C GLU A 227 10.38 -65.84 44.76
N ILE A 228 10.16 -66.50 43.62
CA ILE A 228 9.60 -67.88 43.62
C ILE A 228 10.66 -68.85 44.15
N ILE A 229 11.89 -68.73 43.67
CA ILE A 229 13.03 -69.59 44.11
C ILE A 229 13.21 -69.43 45.62
N LYS A 230 13.14 -68.20 46.11
CA LYS A 230 13.25 -67.93 47.55
C LYS A 230 12.15 -68.70 48.31
N LEU A 231 10.93 -68.72 47.78
CA LEU A 231 9.76 -69.30 48.49
C LEU A 231 9.74 -70.83 48.38
N LYS A 232 9.90 -71.41 47.19
CA LYS A 232 9.70 -72.87 46.96
C LYS A 232 10.92 -73.53 46.32
N GLY A 233 12.01 -72.81 46.07
CA GLY A 233 13.29 -73.44 45.71
C GLY A 233 13.54 -73.45 44.21
N ALA A 234 12.52 -73.30 43.38
CA ALA A 234 12.66 -73.36 41.91
C ALA A 234 11.39 -72.83 41.24
N THR A 235 11.48 -72.57 39.95
CA THR A 235 10.39 -72.02 39.12
C THR A 235 10.19 -73.00 37.97
N PHE A 236 8.99 -73.46 37.69
CA PHE A 236 8.81 -74.44 36.57
C PHE A 236 7.40 -74.45 35.95
N TYR A 237 6.33 -74.26 36.70
CA TYR A 237 4.96 -74.38 36.15
C TYR A 237 4.74 -73.31 35.06
N GLY A 238 5.22 -72.11 35.29
CA GLY A 238 5.07 -71.00 34.34
C GLY A 238 5.68 -71.34 32.98
N ILE A 239 6.96 -71.65 32.95
CA ILE A 239 7.71 -71.86 31.66
C ILE A 239 7.21 -73.16 31.02
N ALA A 240 6.90 -74.19 31.83
CA ALA A 240 6.37 -75.45 31.29
C ALA A 240 5.09 -75.17 30.51
N THR A 241 4.22 -74.36 31.07
CA THR A 241 2.94 -74.01 30.45
C THR A 241 3.17 -73.17 29.17
N ALA A 242 4.06 -72.19 29.22
CA ALA A 242 4.43 -71.34 28.06
C ALA A 242 4.98 -72.24 26.93
N LEU A 243 5.85 -73.19 27.26
CA LEU A 243 6.50 -74.08 26.26
C LEU A 243 5.43 -74.94 25.59
N ALA A 244 4.48 -75.42 26.39
CA ALA A 244 3.36 -76.23 25.85
C ALA A 244 2.48 -75.34 24.97
N ARG A 245 2.25 -74.08 25.34
CA ARG A 245 1.45 -73.12 24.49
C ARG A 245 2.15 -72.90 23.13
N ILE A 246 3.46 -72.66 23.18
CA ILE A 246 4.26 -72.43 21.93
C ILE A 246 4.21 -73.73 21.13
N SER A 247 4.41 -74.89 21.78
CA SER A 247 4.33 -76.20 21.09
C SER A 247 2.95 -76.31 20.38
N LYS A 248 1.84 -75.93 20.99
CA LYS A 248 0.46 -76.08 20.39
C LYS A 248 0.41 -75.12 19.16
N ALA A 249 0.98 -73.92 19.25
CA ALA A 249 0.90 -72.92 18.16
C ALA A 249 1.60 -73.49 16.92
N ILE A 250 2.71 -74.19 17.11
CA ILE A 250 3.45 -74.84 16.01
C ILE A 250 2.63 -76.03 15.49
N LEU A 251 2.28 -76.98 16.36
CA LEU A 251 1.76 -78.33 15.94
C LEU A 251 0.34 -78.20 15.39
N ASN A 252 -0.43 -77.17 15.81
CA ASN A 252 -1.77 -76.88 15.27
C ASN A 252 -1.71 -75.72 14.27
N ASP A 253 -0.51 -75.30 13.84
CA ASP A 253 -0.38 -74.35 12.72
C ASP A 253 -1.28 -73.10 12.94
N GLU A 254 -1.13 -72.42 14.05
CA GLU A 254 -2.15 -71.44 14.49
C GLU A 254 -1.95 -70.05 13.88
N ASN A 255 -0.70 -69.66 13.55
CA ASN A 255 -0.39 -68.26 13.23
C ASN A 255 -0.79 -67.41 14.42
N ALA A 256 -0.38 -67.86 15.59
CA ALA A 256 -0.62 -67.19 16.87
C ALA A 256 0.47 -66.14 17.07
N VAL A 257 0.08 -65.03 17.72
CA VAL A 257 1.07 -64.01 18.12
C VAL A 257 1.53 -64.36 19.52
N LEU A 258 2.82 -64.61 19.67
CA LEU A 258 3.45 -64.84 20.98
C LEU A 258 4.73 -64.02 21.08
N PRO A 259 5.08 -63.55 22.28
CA PRO A 259 6.36 -62.90 22.49
C PRO A 259 7.44 -63.99 22.55
N LEU A 260 8.38 -63.99 21.62
CA LEU A 260 9.41 -65.06 21.50
C LEU A 260 10.77 -64.44 21.23
N SER A 261 11.86 -65.21 21.43
CA SER A 261 13.19 -64.84 20.92
C SER A 261 13.21 -65.10 19.43
N VAL A 262 13.39 -64.04 18.65
CA VAL A 262 13.39 -64.09 17.15
C VAL A 262 14.53 -63.26 16.61
N TYR A 263 14.93 -63.57 15.39
CA TYR A 263 16.12 -62.98 14.76
C TYR A 263 15.80 -61.56 14.29
N MET A 264 16.58 -60.60 14.76
CA MET A 264 16.45 -59.18 14.37
C MET A 264 17.09 -58.97 13.00
N ASP A 265 16.27 -58.55 12.03
CA ASP A 265 16.72 -58.12 10.68
C ASP A 265 16.27 -56.69 10.40
N GLY A 266 16.59 -55.75 11.30
CA GLY A 266 16.26 -54.31 11.12
C GLY A 266 15.18 -53.84 12.09
N GLN A 267 14.37 -54.76 12.64
CA GLN A 267 13.29 -54.42 13.59
C GLN A 267 13.91 -53.66 14.78
N TYR A 268 13.32 -52.49 15.12
CA TYR A 268 13.74 -51.64 16.27
C TYR A 268 15.17 -51.10 16.04
N GLY A 269 15.68 -51.18 14.80
CA GLY A 269 17.06 -50.75 14.50
C GLY A 269 18.11 -51.75 14.98
N LEU A 270 17.71 -53.04 15.16
CA LEU A 270 18.60 -54.13 15.64
C LEU A 270 18.91 -55.09 14.48
N ASN A 271 20.09 -55.72 14.53
CA ASN A 271 20.52 -56.74 13.54
C ASN A 271 21.32 -57.87 14.23
N ASP A 272 21.10 -59.10 13.77
CA ASP A 272 22.03 -60.25 14.02
C ASP A 272 22.03 -60.57 15.52
N ILE A 273 20.87 -60.48 16.17
CA ILE A 273 20.66 -61.09 17.51
C ILE A 273 19.27 -61.73 17.57
N TYR A 274 19.10 -62.63 18.53
CA TYR A 274 17.77 -63.09 18.95
C TYR A 274 17.37 -62.26 20.14
N ILE A 275 16.14 -61.75 20.14
CA ILE A 275 15.62 -60.93 21.26
C ILE A 275 14.10 -61.04 21.29
N GLY A 276 13.50 -60.67 22.42
CA GLY A 276 12.06 -60.83 22.68
C GLY A 276 11.23 -59.78 22.02
N THR A 277 10.33 -60.22 21.15
CA THR A 277 9.29 -59.37 20.55
C THR A 277 8.14 -60.28 20.15
N PRO A 278 6.90 -59.75 20.07
CA PRO A 278 5.81 -60.53 19.52
C PRO A 278 6.12 -60.96 18.09
N ALA A 279 5.71 -62.15 17.76
CA ALA A 279 5.88 -62.75 16.42
C ALA A 279 4.71 -63.68 16.14
N VAL A 280 4.44 -63.90 14.88
CA VAL A 280 3.46 -64.91 14.40
C VAL A 280 4.20 -66.23 14.25
N ILE A 281 3.64 -67.29 14.81
CA ILE A 281 4.28 -68.63 14.70
C ILE A 281 3.23 -69.64 14.21
N ASN A 282 3.65 -70.50 13.30
CA ASN A 282 2.82 -71.59 12.75
C ASN A 282 3.70 -72.83 12.62
N ARG A 283 3.25 -73.79 11.83
CA ARG A 283 3.94 -75.09 11.66
C ARG A 283 5.35 -74.93 11.10
N ASN A 284 5.64 -73.83 10.39
CA ASN A 284 6.93 -73.53 9.74
C ASN A 284 7.76 -72.61 10.63
N GLY A 285 7.37 -72.41 11.87
CA GLY A 285 8.09 -71.52 12.79
C GLY A 285 7.68 -70.07 12.64
N ILE A 286 8.64 -69.16 12.78
CA ILE A 286 8.37 -67.69 12.80
C ILE A 286 7.93 -67.27 11.39
N GLN A 287 6.76 -66.65 11.25
CA GLN A 287 6.23 -66.18 9.94
C GLN A 287 6.42 -64.69 9.80
N ASN A 288 6.21 -63.94 10.86
CA ASN A 288 6.17 -62.45 10.84
C ASN A 288 6.72 -62.00 12.18
N ILE A 289 7.59 -61.01 12.18
CA ILE A 289 8.03 -60.39 13.45
C ILE A 289 7.24 -59.10 13.60
N LEU A 290 6.44 -58.98 14.67
CA LEU A 290 5.66 -57.74 14.90
C LEU A 290 6.62 -56.71 15.48
N GLU A 291 6.68 -55.57 14.85
CA GLU A 291 7.50 -54.45 15.34
C GLU A 291 6.54 -53.48 16.01
N ILE A 292 6.40 -53.52 17.33
CA ILE A 292 5.49 -52.59 18.04
C ILE A 292 6.15 -51.21 17.98
N PRO A 293 5.44 -50.14 17.55
CA PRO A 293 6.03 -48.81 17.58
C PRO A 293 6.18 -48.40 19.03
N LEU A 294 7.42 -48.33 19.52
CA LEU A 294 7.74 -48.03 20.93
C LEU A 294 7.83 -46.51 21.10
N THR A 295 7.51 -46.02 22.29
CA THR A 295 7.83 -44.62 22.70
C THR A 295 9.35 -44.45 22.63
N ASP A 296 9.84 -43.21 22.70
CA ASP A 296 11.30 -42.94 22.77
C ASP A 296 11.86 -43.70 23.98
N HIS A 297 11.22 -43.60 25.16
CA HIS A 297 11.66 -44.29 26.42
C HIS A 297 11.71 -45.81 26.17
N GLU A 298 10.68 -46.41 25.56
CA GLU A 298 10.59 -47.89 25.36
C GLU A 298 11.66 -48.32 24.35
N GLU A 299 11.87 -47.53 23.29
CA GLU A 299 12.89 -47.82 22.23
C GLU A 299 14.28 -47.77 22.87
N GLU A 300 14.54 -46.81 23.76
CA GLU A 300 15.82 -46.71 24.49
C GLU A 300 16.04 -48.01 25.29
N SER A 301 15.03 -48.42 26.08
CA SER A 301 15.06 -49.69 26.87
C SER A 301 15.41 -50.87 25.93
N MET A 302 14.78 -50.93 24.75
CA MET A 302 15.04 -52.01 23.76
C MET A 302 16.49 -51.94 23.30
N GLN A 303 16.99 -50.74 22.98
CA GLN A 303 18.37 -50.52 22.45
C GLN A 303 19.37 -50.93 23.53
N LYS A 304 19.17 -50.53 24.79
CA LYS A 304 20.10 -50.86 25.92
C LYS A 304 20.08 -52.38 26.15
N SER A 305 18.90 -53.02 26.12
CA SER A 305 18.80 -54.49 26.28
C SER A 305 19.60 -55.13 25.14
N ALA A 306 19.37 -54.72 23.90
CA ALA A 306 19.99 -55.30 22.68
C ALA A 306 21.49 -55.14 22.74
N SER A 307 21.97 -53.92 22.99
CA SER A 307 23.41 -53.55 22.91
C SER A 307 24.22 -54.41 23.90
N GLN A 308 23.81 -54.45 25.17
CA GLN A 308 24.45 -55.28 26.24
C GLN A 308 24.45 -56.76 25.80
N LEU A 309 23.37 -57.24 25.18
CA LEU A 309 23.26 -58.65 24.73
C LEU A 309 24.19 -58.90 23.53
N LYS A 310 24.21 -57.99 22.57
CA LYS A 310 25.11 -58.08 21.38
C LYS A 310 26.58 -58.12 21.81
N LYS A 311 26.97 -57.32 22.83
CA LYS A 311 28.35 -57.29 23.35
C LYS A 311 28.74 -58.68 23.87
N VAL A 312 27.88 -59.31 24.67
CA VAL A 312 28.14 -60.66 25.26
C VAL A 312 28.24 -61.70 24.12
N LEU A 313 27.38 -61.66 23.11
CA LEU A 313 27.44 -62.62 21.97
C LEU A 313 28.77 -62.48 21.23
N THR A 314 29.09 -61.27 20.76
CA THR A 314 30.39 -60.90 20.13
C THR A 314 31.53 -61.54 20.96
N ASP A 315 31.61 -61.24 22.26
CA ASP A 315 32.73 -61.68 23.15
C ASP A 315 32.72 -63.22 23.21
N ALA A 316 31.55 -63.85 23.23
CA ALA A 316 31.42 -65.31 23.39
C ALA A 316 31.84 -66.03 22.10
N PHE A 317 31.49 -65.50 20.92
CA PHE A 317 31.92 -66.01 19.59
C PHE A 317 33.11 -65.17 19.09
N ILE B 4 -28.54 -67.10 42.67
CA ILE B 4 -28.26 -68.57 42.71
C ILE B 4 -26.97 -68.82 41.95
N THR B 5 -26.65 -68.02 40.92
CA THR B 5 -25.42 -68.21 40.12
C THR B 5 -24.22 -67.76 40.97
N ASP B 6 -24.42 -67.02 42.09
CA ASP B 6 -23.36 -66.77 43.10
C ASP B 6 -22.64 -68.08 43.51
N LYS B 7 -23.29 -69.24 43.36
CA LYS B 7 -22.81 -70.58 43.74
C LYS B 7 -21.96 -71.17 42.61
N ASP B 8 -22.02 -70.63 41.37
CA ASP B 8 -21.25 -71.20 40.22
C ASP B 8 -19.78 -70.80 40.33
N HIS B 9 -19.20 -71.11 41.48
CA HIS B 9 -17.78 -70.87 41.80
C HIS B 9 -17.33 -72.12 42.57
N GLN B 10 -16.49 -72.95 41.97
CA GLN B 10 -16.05 -74.21 42.60
C GLN B 10 -14.72 -73.96 43.31
N LYS B 11 -14.66 -74.37 44.56
CA LYS B 11 -13.49 -74.11 45.43
C LYS B 11 -12.92 -75.43 45.95
N VAL B 12 -11.61 -75.55 45.83
CA VAL B 12 -10.88 -76.74 46.30
C VAL B 12 -9.86 -76.27 47.32
N ILE B 13 -9.86 -76.92 48.47
CA ILE B 13 -8.80 -76.75 49.50
C ILE B 13 -7.94 -78.02 49.40
N LEU B 14 -6.67 -77.81 49.09
CA LEU B 14 -5.66 -78.86 49.02
C LEU B 14 -4.86 -78.80 50.31
N VAL B 15 -4.76 -79.93 51.00
CA VAL B 15 -3.93 -80.10 52.20
C VAL B 15 -2.73 -80.93 51.80
N GLY B 16 -1.56 -80.36 51.89
CA GLY B 16 -0.33 -80.98 51.42
C GLY B 16 0.14 -80.41 50.11
N ASP B 17 1.28 -79.76 50.14
CA ASP B 17 1.90 -79.11 48.97
C ASP B 17 3.20 -79.81 48.65
N GLY B 18 3.21 -81.14 48.76
CA GLY B 18 4.34 -81.97 48.28
C GLY B 18 4.28 -82.07 46.76
N ALA B 19 5.05 -82.94 46.16
CA ALA B 19 5.08 -83.24 44.71
C ALA B 19 3.68 -83.66 44.27
N VAL B 20 2.95 -84.39 45.10
CA VAL B 20 1.58 -84.89 44.72
C VAL B 20 0.62 -83.70 44.69
N GLY B 21 0.51 -82.93 45.78
CA GLY B 21 -0.45 -81.81 45.89
C GLY B 21 -0.20 -80.78 44.79
N SER B 22 1.07 -80.45 44.62
CA SER B 22 1.60 -79.45 43.68
C SER B 22 1.26 -79.90 42.26
N SER B 23 1.59 -81.15 41.91
CA SER B 23 1.26 -81.71 40.57
C SER B 23 -0.25 -81.72 40.39
N TYR B 24 -1.01 -82.04 41.43
CA TYR B 24 -2.49 -82.08 41.38
C TYR B 24 -2.99 -80.68 41.03
N ALA B 25 -2.51 -79.68 41.74
CA ALA B 25 -2.97 -78.30 41.52
C ALA B 25 -2.62 -77.95 40.05
N TYR B 26 -1.45 -78.34 39.54
CA TYR B 26 -1.03 -78.01 38.16
C TYR B 26 -2.01 -78.69 37.17
N ALA B 27 -2.38 -79.94 37.45
CA ALA B 27 -3.32 -80.67 36.60
C ALA B 27 -4.66 -79.91 36.55
N MET B 28 -5.11 -79.43 37.69
CA MET B 28 -6.38 -78.67 37.80
C MET B 28 -6.30 -77.34 37.05
N VAL B 29 -5.14 -76.67 37.09
CA VAL B 29 -4.86 -75.43 36.31
C VAL B 29 -4.95 -75.74 34.83
N LEU B 30 -4.19 -76.72 34.35
CA LEU B 30 -4.14 -76.97 32.89
C LEU B 30 -5.49 -77.48 32.38
N GLN B 31 -6.26 -78.21 33.19
CA GLN B 31 -7.51 -78.75 32.64
C GLN B 31 -8.66 -77.79 32.91
N GLY B 32 -8.46 -76.68 33.61
CA GLY B 32 -9.55 -75.71 33.88
C GLY B 32 -10.58 -76.24 34.85
N ILE B 33 -10.17 -77.08 35.81
CA ILE B 33 -11.15 -77.65 36.80
C ILE B 33 -11.11 -76.78 38.04
N ALA B 34 -12.28 -76.33 38.45
CA ALA B 34 -12.53 -75.43 39.59
C ALA B 34 -12.04 -74.00 39.28
N GLN B 35 -12.48 -73.09 40.12
CA GLN B 35 -12.23 -71.64 39.92
C GLN B 35 -11.34 -71.12 41.05
N GLU B 36 -11.05 -71.95 42.05
CA GLU B 36 -10.28 -71.51 43.24
C GLU B 36 -9.59 -72.70 43.90
N ILE B 37 -8.31 -72.56 44.18
CA ILE B 37 -7.50 -73.57 44.89
C ILE B 37 -6.77 -72.86 46.03
N GLY B 38 -7.12 -73.24 47.25
CA GLY B 38 -6.38 -72.87 48.47
C GLY B 38 -5.45 -74.00 48.87
N ILE B 39 -4.18 -73.69 49.05
CA ILE B 39 -3.12 -74.71 49.32
C ILE B 39 -2.69 -74.53 50.78
N VAL B 40 -2.95 -75.56 51.58
CA VAL B 40 -2.64 -75.60 53.03
C VAL B 40 -1.47 -76.56 53.25
N ASP B 41 -0.44 -76.08 53.92
CA ASP B 41 0.71 -76.92 54.31
C ASP B 41 1.40 -76.18 55.46
N ILE B 42 2.00 -76.94 56.37
CA ILE B 42 2.87 -76.41 57.46
C ILE B 42 3.92 -75.49 56.83
N PHE B 43 4.51 -75.88 55.71
CA PHE B 43 5.59 -75.11 55.01
C PHE B 43 4.96 -73.94 54.24
N LYS B 44 4.71 -72.82 54.92
CA LYS B 44 3.89 -71.71 54.41
C LYS B 44 4.62 -71.07 53.22
N ASP B 45 5.94 -70.89 53.28
CA ASP B 45 6.67 -70.21 52.18
C ASP B 45 6.51 -71.04 50.90
N LYS B 46 6.60 -72.35 51.00
CA LYS B 46 6.51 -73.24 49.84
C LYS B 46 5.13 -73.06 49.18
N THR B 47 4.06 -73.00 49.95
CA THR B 47 2.69 -72.89 49.39
C THR B 47 2.54 -71.53 48.70
N LYS B 48 3.12 -70.47 49.27
CA LYS B 48 3.08 -69.11 48.66
C LYS B 48 3.84 -69.17 47.33
N GLY B 49 4.98 -69.85 47.29
CA GLY B 49 5.81 -69.97 46.06
C GLY B 49 5.05 -70.73 45.01
N ASP B 50 4.41 -71.82 45.41
CA ASP B 50 3.62 -72.68 44.49
C ASP B 50 2.42 -71.87 43.95
N ALA B 51 1.70 -71.16 44.79
CA ALA B 51 0.54 -70.39 44.37
C ALA B 51 0.98 -69.39 43.27
N ILE B 52 2.13 -68.74 43.45
CA ILE B 52 2.63 -67.79 42.43
C ILE B 52 3.01 -68.55 41.16
N ASP B 53 3.81 -69.61 41.29
CA ASP B 53 4.29 -70.37 40.12
C ASP B 53 3.10 -70.90 39.30
N LEU B 54 2.12 -71.51 39.97
CA LEU B 54 0.87 -72.03 39.32
C LEU B 54 0.10 -70.85 38.68
N SER B 55 -0.02 -69.72 39.37
CA SER B 55 -0.76 -68.54 38.85
C SER B 55 -0.10 -68.04 37.58
N ASN B 56 1.23 -68.17 37.47
CA ASN B 56 1.96 -67.72 36.26
C ASN B 56 1.47 -68.47 35.03
N ALA B 57 0.88 -69.64 35.21
CA ALA B 57 0.37 -70.46 34.09
C ALA B 57 -0.99 -69.96 33.61
N LEU B 58 -1.73 -69.23 34.44
CA LEU B 58 -3.18 -69.00 34.23
C LEU B 58 -3.47 -68.27 32.93
N PRO B 59 -2.61 -67.34 32.44
CA PRO B 59 -2.93 -66.67 31.18
C PRO B 59 -3.00 -67.61 29.99
N PHE B 60 -2.51 -68.85 30.09
CA PHE B 60 -2.64 -69.87 29.01
C PHE B 60 -3.80 -70.82 29.28
N THR B 61 -4.64 -70.58 30.27
CA THR B 61 -5.75 -71.51 30.57
C THR B 61 -6.91 -70.72 31.13
N SER B 62 -7.89 -71.37 31.75
CA SER B 62 -9.02 -70.64 32.38
C SER B 62 -8.58 -70.07 33.72
N PRO B 63 -9.13 -68.91 34.10
CA PRO B 63 -8.70 -68.21 35.31
C PRO B 63 -9.09 -68.92 36.57
N LYS B 64 -8.33 -68.65 37.62
CA LYS B 64 -8.51 -69.22 38.98
C LYS B 64 -7.98 -68.21 39.99
N LYS B 65 -8.44 -68.30 41.23
CA LYS B 65 -7.79 -67.72 42.42
C LYS B 65 -7.00 -68.87 43.07
N ILE B 66 -5.68 -68.75 43.13
CA ILE B 66 -4.77 -69.73 43.75
C ILE B 66 -4.02 -69.00 44.86
N TYR B 67 -4.02 -69.54 46.08
CA TYR B 67 -3.37 -68.85 47.21
C TYR B 67 -2.95 -69.87 48.28
N SER B 68 -1.98 -69.45 49.09
CA SER B 68 -1.61 -70.08 50.38
C SER B 68 -2.78 -69.92 51.33
N ALA B 69 -3.32 -71.02 51.81
CA ALA B 69 -4.60 -71.01 52.55
C ALA B 69 -4.41 -71.56 53.97
N GLU B 70 -5.45 -71.43 54.76
CA GLU B 70 -5.59 -71.97 56.12
C GLU B 70 -6.82 -72.89 56.15
N TYR B 71 -6.92 -73.72 57.18
CA TYR B 71 -8.03 -74.68 57.37
C TYR B 71 -9.35 -73.90 57.34
N SER B 72 -9.37 -72.70 57.89
CA SER B 72 -10.61 -71.87 58.01
C SER B 72 -11.12 -71.47 56.61
N ASP B 73 -10.27 -71.48 55.59
CA ASP B 73 -10.71 -71.19 54.20
C ASP B 73 -11.56 -72.33 53.59
N ALA B 74 -11.70 -73.47 54.28
CA ALA B 74 -12.54 -74.62 53.84
C ALA B 74 -14.02 -74.32 54.04
N LYS B 75 -14.37 -73.22 54.69
CA LYS B 75 -15.77 -72.93 55.11
C LYS B 75 -16.72 -73.19 53.94
N ASP B 76 -16.43 -72.64 52.77
CA ASP B 76 -17.37 -72.70 51.61
C ASP B 76 -16.72 -73.51 50.48
N ALA B 77 -15.78 -74.40 50.80
CA ALA B 77 -15.11 -75.26 49.80
C ALA B 77 -16.09 -76.35 49.35
N ASP B 78 -16.04 -76.69 48.06
CA ASP B 78 -16.71 -77.90 47.54
C ASP B 78 -15.93 -79.15 47.93
N LEU B 79 -14.62 -79.07 47.95
CA LEU B 79 -13.75 -80.26 47.90
C LEU B 79 -12.54 -79.97 48.79
N VAL B 80 -12.24 -80.89 49.72
CA VAL B 80 -10.97 -80.90 50.50
C VAL B 80 -10.22 -82.15 50.05
N VAL B 81 -9.02 -81.93 49.53
CA VAL B 81 -8.16 -82.99 48.99
C VAL B 81 -6.97 -83.13 49.95
N ILE B 82 -6.84 -84.31 50.58
CA ILE B 82 -5.80 -84.54 51.59
C ILE B 82 -4.72 -85.42 50.96
N THR B 83 -3.53 -84.85 50.82
CA THR B 83 -2.36 -85.55 50.27
C THR B 83 -1.20 -85.75 51.26
N ALA B 84 -0.90 -85.04 52.34
CA ALA B 84 0.61 -85.27 52.59
C ALA B 84 0.89 -86.27 53.74
N GLY B 85 0.74 -87.58 53.51
CA GLY B 85 0.80 -88.59 54.61
C GLY B 85 2.22 -88.67 55.15
N ALA B 86 2.42 -88.72 56.48
CA ALA B 86 3.77 -88.91 57.10
C ALA B 86 4.31 -90.29 56.68
N PRO B 87 5.50 -90.33 56.06
CA PRO B 87 5.97 -91.56 55.39
C PRO B 87 6.47 -92.62 56.38
N GLN B 88 6.35 -93.90 56.00
CA GLN B 88 6.84 -95.04 56.83
C GLN B 88 8.37 -94.95 56.97
N LYS B 89 8.87 -94.81 58.19
CA LYS B 89 10.32 -94.86 58.54
C LYS B 89 10.79 -96.32 58.49
N PRO B 90 12.10 -96.58 58.25
CA PRO B 90 12.65 -97.93 58.31
C PRO B 90 12.41 -98.51 59.71
N GLY B 91 11.77 -99.68 59.77
CA GLY B 91 11.55 -100.41 61.05
C GLY B 91 10.40 -99.84 61.84
N GLU B 92 9.55 -99.03 61.20
CA GLU B 92 8.29 -98.62 61.82
C GLU B 92 7.27 -99.70 61.50
N THR B 93 6.40 -100.11 62.43
CA THR B 93 5.26 -101.00 62.14
C THR B 93 4.22 -100.24 61.29
N ARG B 94 3.39 -100.99 60.59
CA ARG B 94 2.22 -100.46 59.89
C ARG B 94 1.30 -99.71 60.87
N LEU B 95 1.12 -100.27 62.05
CA LEU B 95 0.21 -99.71 63.10
C LEU B 95 0.79 -98.40 63.61
N ASP B 96 2.11 -98.28 63.78
CA ASP B 96 2.75 -97.00 64.17
C ASP B 96 2.53 -95.97 63.06
N LEU B 97 2.74 -96.34 61.79
CA LEU B 97 2.49 -95.46 60.63
C LEU B 97 1.07 -94.88 60.73
N VAL B 98 0.10 -95.73 61.00
CA VAL B 98 -1.32 -95.35 61.15
C VAL B 98 -1.48 -94.39 62.33
N ASN B 99 -0.94 -94.73 63.49
CA ASN B 99 -1.14 -93.90 64.72
C ASN B 99 -0.54 -92.50 64.49
N LYS B 100 0.64 -92.43 63.89
CA LYS B 100 1.35 -91.17 63.54
C LYS B 100 0.44 -90.34 62.62
N ASN B 101 -0.15 -90.97 61.59
CA ASN B 101 -0.95 -90.29 60.56
C ASN B 101 -2.29 -89.88 61.16
N LEU B 102 -2.83 -90.64 62.12
CA LEU B 102 -4.11 -90.29 62.78
C LEU B 102 -3.96 -89.01 63.58
N LYS B 103 -2.87 -88.81 64.32
CA LYS B 103 -2.69 -87.56 65.09
C LYS B 103 -2.60 -86.39 64.08
N ILE B 104 -1.81 -86.52 63.03
CA ILE B 104 -1.69 -85.44 62.00
C ILE B 104 -3.07 -85.23 61.35
N LEU B 105 -3.76 -86.30 60.98
CA LEU B 105 -5.05 -86.21 60.26
C LEU B 105 -6.09 -85.52 61.15
N LYS B 106 -6.09 -85.78 62.46
CA LYS B 106 -7.04 -85.14 63.40
C LYS B 106 -6.80 -83.63 63.39
N SER B 107 -5.56 -83.21 63.36
CA SER B 107 -5.13 -81.78 63.36
C SER B 107 -5.53 -81.12 62.04
N ILE B 108 -5.90 -81.88 61.01
CA ILE B 108 -6.36 -81.34 59.68
C ILE B 108 -7.90 -81.37 59.68
N VAL B 109 -8.49 -82.51 59.96
CA VAL B 109 -9.94 -82.71 59.77
C VAL B 109 -10.72 -81.86 60.76
N ASP B 110 -10.27 -81.75 62.01
CA ASP B 110 -11.09 -81.07 63.06
C ASP B 110 -11.25 -79.61 62.68
N PRO B 111 -10.18 -78.83 62.42
CA PRO B 111 -10.32 -77.41 62.05
C PRO B 111 -11.07 -77.19 60.73
N ILE B 112 -10.98 -78.15 59.82
CA ILE B 112 -11.72 -78.09 58.54
C ILE B 112 -13.21 -78.24 58.84
N VAL B 113 -13.60 -79.21 59.67
CA VAL B 113 -15.03 -79.37 60.07
C VAL B 113 -15.46 -78.11 60.84
N ASP B 114 -14.63 -77.64 61.78
CA ASP B 114 -14.91 -76.42 62.59
C ASP B 114 -15.15 -75.23 61.67
N SER B 115 -14.52 -75.14 60.51
CA SER B 115 -14.70 -73.99 59.58
C SER B 115 -16.15 -73.90 59.09
N GLY B 116 -16.92 -75.00 59.17
CA GLY B 116 -18.25 -75.12 58.51
C GLY B 116 -18.20 -75.86 57.18
N PHE B 117 -17.04 -76.37 56.77
CA PHE B 117 -16.90 -77.13 55.50
C PHE B 117 -17.98 -78.20 55.44
N ASN B 118 -18.62 -78.30 54.28
CA ASN B 118 -19.79 -79.17 54.11
C ASN B 118 -19.77 -79.81 52.72
N GLY B 119 -18.60 -80.11 52.20
CA GLY B 119 -18.42 -80.67 50.84
C GLY B 119 -18.01 -82.13 50.89
N ILE B 120 -17.09 -82.52 50.01
CA ILE B 120 -16.56 -83.91 49.93
C ILE B 120 -15.10 -83.89 50.32
N PHE B 121 -14.70 -84.86 51.13
CA PHE B 121 -13.29 -85.16 51.40
C PHE B 121 -12.79 -86.17 50.37
N LEU B 122 -11.69 -85.84 49.70
CA LEU B 122 -10.98 -86.74 48.76
C LEU B 122 -9.59 -86.99 49.33
N VAL B 123 -9.33 -88.23 49.75
CA VAL B 123 -8.14 -88.61 50.56
C VAL B 123 -7.20 -89.36 49.63
N ALA B 124 -5.96 -88.89 49.51
CA ALA B 124 -4.88 -89.58 48.74
C ALA B 124 -3.71 -89.91 49.65
N ALA B 125 -3.69 -89.49 50.90
CA ALA B 125 -2.55 -89.70 51.83
C ALA B 125 -2.38 -91.20 52.10
N ASN B 126 -1.13 -91.67 52.15
CA ASN B 126 -0.83 -93.08 52.43
C ASN B 126 -0.79 -93.28 53.94
N PRO B 127 -1.37 -94.38 54.47
CA PRO B 127 -2.11 -95.38 53.69
C PRO B 127 -3.60 -95.03 53.45
N VAL B 128 -3.99 -95.04 52.18
CA VAL B 128 -5.17 -94.28 51.72
C VAL B 128 -6.46 -94.93 52.24
N ASP B 129 -6.57 -96.27 52.17
CA ASP B 129 -7.86 -96.89 52.56
C ASP B 129 -8.06 -96.65 54.06
N ILE B 130 -7.02 -96.78 54.85
CA ILE B 130 -7.07 -96.58 56.33
C ILE B 130 -7.35 -95.11 56.59
N LEU B 131 -6.67 -94.18 55.93
CA LEU B 131 -6.85 -92.73 56.25
C LEU B 131 -8.19 -92.23 55.71
N THR B 132 -8.77 -92.94 54.75
CA THR B 132 -10.12 -92.64 54.22
C THR B 132 -11.10 -92.98 55.34
N TYR B 133 -10.99 -94.20 55.88
CA TYR B 133 -11.84 -94.60 57.05
C TYR B 133 -11.62 -93.60 58.19
N ALA B 134 -10.37 -93.28 58.51
CA ALA B 134 -10.04 -92.35 59.62
C ALA B 134 -10.70 -90.99 59.36
N THR B 135 -10.65 -90.49 58.12
CA THR B 135 -11.25 -89.19 57.77
C THR B 135 -12.77 -89.26 58.03
N TRP B 136 -13.41 -90.35 57.63
CA TRP B 136 -14.85 -90.62 57.90
C TRP B 136 -15.11 -90.54 59.42
N LYS B 137 -14.34 -91.28 60.22
CA LYS B 137 -14.48 -91.36 61.68
C LYS B 137 -14.28 -89.97 62.30
N LEU B 138 -13.23 -89.25 61.92
CA LEU B 138 -12.90 -87.93 62.53
C LEU B 138 -13.94 -86.89 62.09
N SER B 139 -14.38 -86.92 60.84
CA SER B 139 -15.21 -85.83 60.26
C SER B 139 -16.65 -85.92 60.73
N GLY B 140 -17.20 -87.13 60.90
CA GLY B 140 -18.65 -87.33 61.12
C GLY B 140 -19.44 -87.20 59.85
N PHE B 141 -18.79 -87.08 58.70
CA PHE B 141 -19.47 -86.92 57.40
C PHE B 141 -20.09 -88.25 57.00
N PRO B 142 -21.13 -88.20 56.16
CA PRO B 142 -21.68 -89.44 55.59
C PRO B 142 -20.60 -90.22 54.82
N LYS B 143 -20.73 -91.55 54.82
CA LYS B 143 -19.90 -92.54 54.09
C LYS B 143 -19.60 -92.10 52.63
N ASN B 144 -20.62 -91.61 51.94
CA ASN B 144 -20.56 -91.33 50.50
C ASN B 144 -19.87 -89.98 50.26
N ARG B 145 -19.53 -89.20 51.29
CA ARG B 145 -18.89 -87.87 51.13
C ARG B 145 -17.45 -87.92 51.62
N VAL B 146 -16.95 -89.13 51.90
CA VAL B 146 -15.53 -89.39 52.20
C VAL B 146 -15.07 -90.45 51.20
N VAL B 147 -14.16 -90.05 50.35
CA VAL B 147 -13.71 -90.85 49.18
C VAL B 147 -12.19 -90.94 49.24
N GLY B 148 -11.65 -92.11 48.96
CA GLY B 148 -10.20 -92.24 48.82
C GLY B 148 -9.87 -92.55 47.40
N SER B 149 -8.66 -92.20 46.99
CA SER B 149 -8.18 -92.48 45.62
C SER B 149 -8.05 -93.99 45.43
N GLY B 150 -7.91 -94.74 46.53
CA GLY B 150 -7.91 -96.22 46.47
C GLY B 150 -7.05 -96.78 45.35
N THR B 151 -7.63 -97.60 44.48
CA THR B 151 -6.90 -98.29 43.36
C THR B 151 -7.05 -97.54 42.02
N SER B 152 -7.38 -96.25 42.03
CA SER B 152 -7.57 -95.50 40.76
C SER B 152 -6.27 -95.50 39.96
N LEU B 153 -5.15 -95.24 40.59
CA LEU B 153 -3.86 -95.19 39.90
C LEU B 153 -3.39 -96.60 39.53
N ASP B 154 -3.54 -97.56 40.44
CA ASP B 154 -3.12 -98.95 40.15
C ASP B 154 -3.88 -99.41 38.91
N THR B 155 -5.18 -99.08 38.84
CA THR B 155 -6.05 -99.45 37.70
C THR B 155 -5.54 -98.76 36.42
N ALA B 156 -5.23 -97.47 36.47
CA ALA B 156 -4.65 -96.76 35.30
C ALA B 156 -3.36 -97.47 34.91
N ARG B 157 -2.47 -97.74 35.85
CA ARG B 157 -1.19 -98.40 35.52
C ARG B 157 -1.48 -99.74 34.82
N PHE B 158 -2.44 -100.49 35.35
CA PHE B 158 -2.82 -101.81 34.80
C PHE B 158 -3.33 -101.62 33.35
N ARG B 159 -4.25 -100.67 33.16
CA ARG B 159 -4.80 -100.43 31.80
C ARG B 159 -3.70 -99.98 30.83
N GLN B 160 -2.77 -99.15 31.27
CA GLN B 160 -1.72 -98.62 30.33
C GLN B 160 -0.76 -99.76 29.96
N SER B 161 -0.48 -100.66 30.90
CA SER B 161 0.35 -101.86 30.66
C SER B 161 -0.30 -102.76 29.62
N ILE B 162 -1.59 -103.03 29.74
CA ILE B 162 -2.34 -103.82 28.73
C ILE B 162 -2.34 -103.05 27.39
N ALA B 163 -2.61 -101.74 27.40
CA ALA B 163 -2.58 -100.84 26.22
C ALA B 163 -1.25 -101.02 25.45
N GLU B 164 -0.15 -100.97 26.16
CA GLU B 164 1.22 -101.11 25.59
C GLU B 164 1.43 -102.53 25.05
N MET B 165 1.00 -103.57 25.75
CA MET B 165 1.17 -104.95 25.24
C MET B 165 0.44 -105.10 23.88
N VAL B 166 -0.69 -104.47 23.72
CA VAL B 166 -1.68 -104.77 22.64
C VAL B 166 -1.74 -103.60 21.62
N ASN B 167 -1.04 -102.51 21.86
CA ASN B 167 -0.98 -101.33 20.96
C ASN B 167 -2.39 -100.72 20.78
N VAL B 168 -3.06 -100.44 21.87
CA VAL B 168 -4.44 -99.88 21.89
C VAL B 168 -4.43 -98.74 22.88
N ASP B 169 -5.12 -97.65 22.55
CA ASP B 169 -5.45 -96.55 23.49
C ASP B 169 -5.95 -97.20 24.80
N ALA B 170 -5.36 -96.84 25.92
CA ALA B 170 -5.81 -97.37 27.23
C ALA B 170 -7.28 -97.00 27.50
N ARG B 171 -7.84 -95.99 26.84
CA ARG B 171 -9.26 -95.61 27.04
C ARG B 171 -10.18 -96.68 26.45
N SER B 172 -9.63 -97.61 25.65
CA SER B 172 -10.36 -98.75 25.06
C SER B 172 -10.07 -100.00 25.87
N VAL B 173 -9.33 -99.89 26.97
CA VAL B 173 -8.92 -101.04 27.84
C VAL B 173 -9.63 -100.90 29.17
N HIS B 174 -10.23 -101.97 29.68
CA HIS B 174 -11.12 -101.90 30.87
C HIS B 174 -10.73 -103.02 31.82
N ALA B 175 -9.97 -102.69 32.85
CA ALA B 175 -9.43 -103.68 33.82
C ALA B 175 -9.29 -102.99 35.16
N TYR B 176 -9.52 -103.71 36.25
CA TYR B 176 -9.41 -103.14 37.61
C TYR B 176 -8.31 -103.79 38.42
N ILE B 177 -7.67 -102.99 39.27
CA ILE B 177 -7.02 -103.50 40.49
C ILE B 177 -7.96 -103.17 41.64
N MET B 178 -8.17 -104.11 42.56
CA MET B 178 -9.10 -103.90 43.69
C MET B 178 -8.44 -104.33 44.97
N GLY B 179 -9.14 -104.10 46.07
CA GLY B 179 -8.67 -104.35 47.42
C GLY B 179 -8.07 -103.10 48.01
N GLU B 180 -7.29 -103.28 49.07
CA GLU B 180 -6.52 -102.21 49.74
C GLU B 180 -5.36 -101.88 48.80
N HIS B 181 -5.28 -100.64 48.38
CA HIS B 181 -4.09 -100.11 47.66
C HIS B 181 -2.85 -100.52 48.47
N GLY B 182 -1.89 -101.21 47.86
CA GLY B 182 -0.70 -101.76 48.52
C GLY B 182 -0.47 -103.19 48.12
N ASP B 183 0.37 -103.91 48.85
CA ASP B 183 0.87 -105.27 48.50
C ASP B 183 -0.28 -106.28 48.36
N THR B 184 -1.44 -106.07 48.99
CA THR B 184 -2.51 -107.11 49.01
C THR B 184 -3.49 -106.83 47.89
N GLU B 185 -3.27 -105.81 47.05
CA GLU B 185 -4.27 -105.51 45.98
C GLU B 185 -4.24 -106.65 44.94
N PHE B 186 -5.24 -106.79 44.07
CA PHE B 186 -5.22 -107.92 43.10
C PHE B 186 -5.88 -107.47 41.79
N PRO B 187 -5.54 -108.13 40.67
CA PRO B 187 -6.14 -107.81 39.38
C PRO B 187 -7.43 -108.58 39.18
N VAL B 188 -8.47 -107.92 38.66
CA VAL B 188 -9.72 -108.62 38.29
C VAL B 188 -9.60 -109.09 36.84
N TRP B 189 -8.78 -110.09 36.58
CA TRP B 189 -8.63 -110.64 35.20
C TRP B 189 -9.96 -111.10 34.64
N SER B 190 -10.85 -111.64 35.47
CA SER B 190 -12.11 -112.28 35.01
C SER B 190 -12.94 -111.29 34.19
N HIS B 191 -12.91 -109.98 34.50
CA HIS B 191 -13.78 -108.97 33.84
C HIS B 191 -12.95 -108.00 33.00
N ALA B 192 -11.64 -108.19 32.97
CA ALA B 192 -10.72 -107.31 32.22
C ALA B 192 -10.98 -107.55 30.75
N ASN B 193 -11.01 -106.49 29.98
CA ASN B 193 -11.33 -106.60 28.53
C ASN B 193 -10.69 -105.44 27.75
N ILE B 194 -10.63 -105.62 26.45
CA ILE B 194 -10.16 -104.64 25.45
C ILE B 194 -11.32 -104.52 24.47
N GLY B 195 -11.99 -103.38 24.51
CA GLY B 195 -13.14 -103.11 23.63
C GLY B 195 -14.17 -104.21 23.77
N GLY B 196 -14.29 -104.79 24.97
CA GLY B 196 -15.36 -105.73 25.32
C GLY B 196 -14.91 -107.19 25.16
N VAL B 197 -13.76 -107.43 24.53
CA VAL B 197 -13.13 -108.76 24.38
C VAL B 197 -12.34 -109.03 25.66
N THR B 198 -12.74 -110.00 26.47
CA THR B 198 -12.06 -110.31 27.76
C THR B 198 -10.61 -110.65 27.45
N ILE B 199 -9.73 -110.42 28.41
CA ILE B 199 -8.32 -110.88 28.29
C ILE B 199 -8.28 -112.40 28.02
N ALA B 200 -9.09 -113.22 28.70
CA ALA B 200 -9.16 -114.69 28.41
C ALA B 200 -9.49 -114.84 26.91
N GLU B 201 -10.49 -114.12 26.40
CA GLU B 201 -10.85 -114.24 24.97
C GLU B 201 -9.67 -113.78 24.10
N TRP B 202 -8.98 -112.70 24.50
CA TRP B 202 -7.92 -112.06 23.69
C TRP B 202 -6.73 -113.03 23.60
N VAL B 203 -6.40 -113.64 24.72
CA VAL B 203 -5.30 -114.62 24.82
C VAL B 203 -5.61 -115.85 23.92
N LYS B 204 -6.85 -116.33 23.85
CA LYS B 204 -7.25 -117.43 22.92
C LYS B 204 -6.97 -117.02 21.46
N ALA B 205 -7.35 -115.83 21.04
CA ALA B 205 -7.12 -115.33 19.66
C ALA B 205 -5.63 -114.99 19.41
N HIS B 206 -4.85 -114.72 20.45
CA HIS B 206 -3.43 -114.26 20.36
C HIS B 206 -2.55 -115.06 21.30
N PRO B 207 -2.35 -116.39 21.06
CA PRO B 207 -1.72 -117.26 22.07
C PRO B 207 -0.19 -117.12 22.26
N GLU B 208 0.47 -116.29 21.46
CA GLU B 208 1.82 -115.72 21.70
C GLU B 208 1.86 -115.00 23.07
N ILE B 209 0.73 -114.49 23.57
CA ILE B 209 0.63 -113.90 24.95
C ILE B 209 0.59 -115.06 25.96
N LYS B 210 1.69 -115.22 26.69
CA LYS B 210 1.91 -116.31 27.68
C LYS B 210 1.31 -115.88 29.02
N GLU B 211 0.76 -116.86 29.75
CA GLU B 211 0.23 -116.67 31.11
C GLU B 211 1.28 -115.94 31.96
N ASP B 212 2.58 -116.29 31.82
CA ASP B 212 3.60 -115.74 32.75
C ASP B 212 3.82 -114.25 32.43
N LYS B 213 3.58 -113.77 31.22
CA LYS B 213 3.68 -112.32 30.88
C LYS B 213 2.57 -111.56 31.64
N LEU B 214 1.36 -112.10 31.68
CA LEU B 214 0.21 -111.53 32.44
C LEU B 214 0.50 -111.51 33.95
N VAL B 215 1.02 -112.61 34.50
CA VAL B 215 1.35 -112.66 35.95
C VAL B 215 2.34 -111.51 36.24
N LYS B 216 3.38 -111.40 35.43
CA LYS B 216 4.47 -110.43 35.60
C LYS B 216 3.89 -109.02 35.48
N MET B 217 3.01 -108.82 34.51
CA MET B 217 2.37 -107.50 34.25
C MET B 217 1.63 -107.07 35.53
N PHE B 218 0.86 -107.93 36.22
CA PHE B 218 0.22 -107.52 37.50
C PHE B 218 1.31 -107.26 38.54
N GLU B 219 2.36 -108.08 38.58
CA GLU B 219 3.42 -107.90 39.60
C GLU B 219 4.05 -106.53 39.43
N ASP B 220 4.39 -106.15 38.18
CA ASP B 220 4.96 -104.83 37.85
C ASP B 220 4.00 -103.68 38.24
N VAL B 221 2.70 -103.87 38.08
CA VAL B 221 1.70 -102.87 38.57
C VAL B 221 1.78 -102.74 40.10
N ARG B 222 1.71 -103.84 40.82
CA ARG B 222 1.78 -103.86 42.31
C ARG B 222 3.04 -103.15 42.81
N ASP B 223 4.17 -103.39 42.14
CA ASP B 223 5.50 -102.86 42.50
C ASP B 223 5.81 -101.58 41.71
N ALA B 224 4.87 -100.97 41.00
CA ALA B 224 5.16 -99.81 40.14
C ALA B 224 5.80 -98.66 40.95
N ALA B 225 5.22 -98.31 42.09
CA ALA B 225 5.69 -97.17 42.91
C ALA B 225 7.14 -97.42 43.32
N TYR B 226 7.47 -98.63 43.76
CA TYR B 226 8.86 -99.00 44.18
C TYR B 226 9.83 -98.77 43.01
N GLU B 227 9.44 -99.16 41.81
CA GLU B 227 10.28 -99.06 40.58
C GLU B 227 10.47 -97.59 40.24
N ILE B 228 9.42 -96.77 40.34
CA ILE B 228 9.51 -95.35 39.95
C ILE B 228 10.34 -94.60 41.00
N ILE B 229 10.10 -94.82 42.29
CA ILE B 229 10.87 -94.22 43.41
C ILE B 229 12.35 -94.59 43.25
N LYS B 230 12.62 -95.84 42.91
CA LYS B 230 14.02 -96.30 42.71
C LYS B 230 14.64 -95.47 41.57
N LEU B 231 13.90 -95.21 40.49
CA LEU B 231 14.49 -94.58 39.28
C LEU B 231 14.55 -93.07 39.42
N LYS B 232 13.50 -92.38 39.87
CA LYS B 232 13.46 -90.89 39.89
C LYS B 232 13.22 -90.34 41.29
N GLY B 233 13.07 -91.17 42.33
CA GLY B 233 13.06 -90.68 43.72
C GLY B 233 11.67 -90.48 44.26
N ALA B 234 10.65 -90.40 43.41
CA ALA B 234 9.27 -90.14 43.89
C ALA B 234 8.27 -90.42 42.77
N THR B 235 7.00 -90.57 43.18
CA THR B 235 5.89 -90.87 42.25
C THR B 235 4.90 -89.72 42.38
N PHE B 236 4.44 -89.09 41.29
CA PHE B 236 3.45 -88.00 41.50
C PHE B 236 2.53 -87.74 40.30
N TYR B 237 2.97 -87.90 39.07
CA TYR B 237 2.14 -87.50 37.89
C TYR B 237 0.91 -88.41 37.84
N GLY B 238 1.10 -89.70 38.12
CA GLY B 238 -0.01 -90.68 38.07
C GLY B 238 -1.13 -90.28 39.02
N ILE B 239 -0.82 -90.15 40.30
CA ILE B 239 -1.86 -89.89 41.36
C ILE B 239 -2.44 -88.47 41.15
N ALA B 240 -1.62 -87.50 40.78
CA ALA B 240 -2.10 -86.11 40.50
C ALA B 240 -3.16 -86.15 39.41
N THR B 241 -2.91 -86.91 38.37
CA THR B 241 -3.85 -87.02 37.22
C THR B 241 -5.12 -87.74 37.67
N ALA B 242 -4.99 -88.82 38.42
CA ALA B 242 -6.15 -89.58 38.97
C ALA B 242 -6.99 -88.64 39.85
N LEU B 243 -6.36 -87.88 40.74
CA LEU B 243 -7.07 -86.97 41.68
C LEU B 243 -7.83 -85.91 40.88
N ALA B 244 -7.22 -85.40 39.81
CA ALA B 244 -7.89 -84.39 38.95
C ALA B 244 -9.07 -85.06 38.22
N ARG B 245 -8.95 -86.32 37.79
CA ARG B 245 -10.07 -87.04 37.15
C ARG B 245 -11.22 -87.22 38.14
N ILE B 246 -10.92 -87.64 39.36
CA ILE B 246 -11.96 -87.82 40.41
C ILE B 246 -12.59 -86.44 40.70
N SER B 247 -11.75 -85.42 40.86
CA SER B 247 -12.22 -84.03 41.09
C SER B 247 -13.22 -83.63 39.95
N LYS B 248 -12.94 -83.94 38.68
CA LYS B 248 -13.81 -83.55 37.51
C LYS B 248 -15.12 -84.34 37.65
N ALA B 249 -15.07 -85.61 38.04
CA ALA B 249 -16.28 -86.46 38.12
C ALA B 249 -17.23 -85.86 39.16
N ILE B 250 -16.70 -85.35 40.27
CA ILE B 250 -17.52 -84.71 41.32
C ILE B 250 -18.03 -83.38 40.80
N LEU B 251 -17.14 -82.49 40.34
CA LEU B 251 -17.46 -81.06 40.07
C LEU B 251 -18.32 -80.92 38.82
N ASN B 252 -18.26 -81.88 37.90
CA ASN B 252 -19.11 -81.90 36.68
C ASN B 252 -20.23 -82.93 36.88
N ASP B 253 -20.43 -83.47 38.08
CA ASP B 253 -21.62 -84.30 38.37
C ASP B 253 -21.77 -85.41 37.31
N GLU B 254 -20.75 -86.22 37.08
CA GLU B 254 -20.69 -87.07 35.87
C GLU B 254 -21.41 -88.42 36.08
N ASN B 255 -21.51 -88.93 37.31
CA ASN B 255 -21.96 -90.32 37.55
C ASN B 255 -21.01 -91.22 36.79
N ALA B 256 -19.72 -90.94 36.98
CA ALA B 256 -18.66 -91.74 36.35
C ALA B 256 -18.34 -92.94 37.23
N VAL B 257 -17.97 -94.05 36.60
CA VAL B 257 -17.51 -95.26 37.32
C VAL B 257 -16.00 -95.14 37.46
N LEU B 258 -15.50 -95.10 38.68
CA LEU B 258 -14.05 -95.05 38.97
C LEU B 258 -13.75 -96.02 40.11
N PRO B 259 -12.56 -96.59 40.14
CA PRO B 259 -12.15 -97.45 41.24
C PRO B 259 -11.74 -96.56 42.39
N LEU B 260 -12.44 -96.59 43.51
CA LEU B 260 -12.19 -95.68 44.65
C LEU B 260 -12.23 -96.44 45.96
N SER B 261 -11.74 -95.82 47.02
CA SER B 261 -11.94 -96.36 48.40
C SER B 261 -13.34 -95.95 48.81
N VAL B 262 -14.20 -96.95 49.06
CA VAL B 262 -15.63 -96.75 49.41
C VAL B 262 -15.99 -97.67 50.55
N TYR B 263 -17.03 -97.30 51.27
CA TYR B 263 -17.45 -97.99 52.50
C TYR B 263 -18.16 -99.29 52.14
N MET B 264 -17.64 -100.39 52.68
CA MET B 264 -18.22 -101.73 52.49
C MET B 264 -19.43 -101.91 53.41
N ASP B 265 -20.59 -102.16 52.83
CA ASP B 265 -21.83 -102.54 53.58
C ASP B 265 -22.37 -103.86 53.05
N GLY B 266 -21.54 -104.92 53.03
CA GLY B 266 -21.92 -106.28 52.59
C GLY B 266 -21.33 -106.66 51.25
N GLN B 267 -20.90 -105.68 50.45
CA GLN B 267 -20.28 -105.95 49.13
C GLN B 267 -19.05 -106.86 49.35
N TYR B 268 -18.95 -107.93 48.57
CA TYR B 268 -17.83 -108.92 48.59
C TYR B 268 -17.76 -109.64 49.95
N GLY B 269 -18.80 -109.54 50.76
CA GLY B 269 -18.79 -110.14 52.11
C GLY B 269 -17.98 -109.32 53.10
N LEU B 270 -17.83 -108.02 52.84
CA LEU B 270 -17.05 -107.07 53.68
C LEU B 270 -17.98 -106.09 54.38
N ASN B 271 -17.58 -105.59 55.54
CA ASN B 271 -18.35 -104.60 56.35
C ASN B 271 -17.38 -103.64 57.06
N ASP B 272 -17.73 -102.36 57.09
CA ASP B 272 -17.15 -101.38 58.05
C ASP B 272 -15.66 -101.19 57.74
N ILE B 273 -15.29 -101.22 56.47
CA ILE B 273 -13.97 -100.71 56.01
C ILE B 273 -14.15 -99.90 54.74
N TYR B 274 -13.17 -99.06 54.45
CA TYR B 274 -13.01 -98.48 53.09
C TYR B 274 -12.04 -99.37 52.34
N ILE B 275 -12.39 -99.71 51.11
CA ILE B 275 -11.54 -100.56 50.24
C ILE B 275 -11.87 -100.27 48.77
N GLY B 276 -10.97 -100.68 47.89
CA GLY B 276 -10.99 -100.32 46.48
C GLY B 276 -11.92 -101.20 45.70
N THR B 277 -12.86 -100.56 45.03
CA THR B 277 -13.78 -101.19 44.06
C THR B 277 -14.34 -100.08 43.19
N PRO B 278 -14.75 -100.39 41.95
CA PRO B 278 -15.46 -99.45 41.10
C PRO B 278 -16.70 -98.94 41.83
N ALA B 279 -16.95 -97.64 41.65
CA ALA B 279 -18.16 -96.98 42.18
C ALA B 279 -18.57 -95.87 41.23
N VAL B 280 -19.83 -95.48 41.29
CA VAL B 280 -20.39 -94.32 40.58
C VAL B 280 -20.20 -93.11 41.50
N ILE B 281 -19.67 -92.01 40.97
CA ILE B 281 -19.43 -90.80 41.77
C ILE B 281 -19.99 -89.60 40.97
N ASN B 282 -20.65 -88.69 41.69
CA ASN B 282 -21.22 -87.46 41.14
C ASN B 282 -21.00 -86.36 42.17
N ARG B 283 -21.71 -85.25 42.02
CA ARG B 283 -21.56 -84.04 42.88
C ARG B 283 -21.82 -84.37 44.34
N ASN B 284 -22.61 -85.42 44.64
CA ASN B 284 -22.99 -85.82 46.03
C ASN B 284 -22.06 -86.93 46.52
N GLY B 285 -20.97 -87.22 45.82
CA GLY B 285 -20.06 -88.30 46.17
C GLY B 285 -20.52 -89.65 45.65
N ILE B 286 -20.31 -90.70 46.43
CA ILE B 286 -20.52 -92.11 46.01
C ILE B 286 -22.03 -92.34 45.87
N GLN B 287 -22.49 -92.78 44.70
CA GLN B 287 -23.92 -93.03 44.42
C GLN B 287 -24.22 -94.52 44.46
N ASN B 288 -23.33 -95.35 43.96
CA ASN B 288 -23.52 -96.81 43.80
C ASN B 288 -22.14 -97.45 43.93
N ILE B 289 -22.04 -98.54 44.67
CA ILE B 289 -20.79 -99.32 44.73
C ILE B 289 -21.01 -100.50 43.81
N LEU B 290 -20.18 -100.64 42.78
CA LEU B 290 -20.31 -101.78 41.85
C LEU B 290 -19.66 -102.99 42.53
N GLU B 291 -20.41 -104.07 42.64
CA GLU B 291 -19.90 -105.33 43.20
C GLU B 291 -19.62 -106.25 42.02
N ILE B 292 -18.38 -106.31 41.54
CA ILE B 292 -18.03 -107.22 40.40
C ILE B 292 -18.12 -108.65 40.92
N PRO B 293 -18.85 -109.56 40.24
CA PRO B 293 -18.88 -110.97 40.65
C PRO B 293 -17.48 -111.53 40.39
N LEU B 294 -16.73 -111.81 41.45
CA LEU B 294 -15.33 -112.29 41.39
C LEU B 294 -15.29 -113.80 41.29
N THR B 295 -14.27 -114.36 40.64
CA THR B 295 -13.98 -115.81 40.69
C THR B 295 -13.72 -116.18 42.16
N ASP B 296 -13.65 -117.48 42.48
CA ASP B 296 -13.33 -117.93 43.84
C ASP B 296 -11.95 -117.35 44.20
N HIS B 297 -10.95 -117.48 43.31
CA HIS B 297 -9.56 -116.97 43.55
C HIS B 297 -9.61 -115.43 43.78
N GLU B 298 -10.37 -114.67 42.97
CA GLU B 298 -10.40 -113.19 43.07
C GLU B 298 -11.07 -112.80 44.39
N GLU B 299 -12.15 -113.50 44.76
CA GLU B 299 -12.91 -113.24 46.02
C GLU B 299 -11.99 -113.52 47.21
N GLU B 300 -11.22 -114.60 47.17
CA GLU B 300 -10.25 -114.93 48.24
C GLU B 300 -9.24 -113.78 48.40
N SER B 301 -8.65 -113.31 47.29
CA SER B 301 -7.72 -112.13 47.27
C SER B 301 -8.41 -110.92 47.93
N MET B 302 -9.66 -110.67 47.61
CA MET B 302 -10.43 -109.55 48.21
C MET B 302 -10.56 -109.76 49.72
N GLN B 303 -10.92 -110.98 50.14
CA GLN B 303 -11.09 -111.33 51.59
C GLN B 303 -9.78 -111.15 52.36
N LYS B 304 -8.66 -111.61 51.79
CA LYS B 304 -7.32 -111.53 52.45
C LYS B 304 -6.92 -110.05 52.54
N SER B 305 -7.14 -109.25 51.48
CA SER B 305 -6.80 -107.80 51.49
C SER B 305 -7.63 -107.18 52.61
N ALA B 306 -8.95 -107.42 52.64
CA ALA B 306 -9.90 -106.79 53.57
C ALA B 306 -9.55 -107.14 55.01
N SER B 307 -9.34 -108.44 55.28
CA SER B 307 -9.17 -108.94 56.65
C SER B 307 -7.92 -108.32 57.31
N GLN B 308 -6.79 -108.34 56.62
CA GLN B 308 -5.49 -107.70 57.04
C GLN B 308 -5.74 -106.19 57.32
N LEU B 309 -6.53 -105.53 56.48
CA LEU B 309 -6.80 -104.07 56.62
C LEU B 309 -7.72 -103.83 57.84
N LYS B 310 -8.75 -104.64 57.97
CA LYS B 310 -9.69 -104.56 59.12
C LYS B 310 -8.95 -104.77 60.45
N LYS B 311 -7.98 -105.69 60.51
CA LYS B 311 -7.20 -105.95 61.74
C LYS B 311 -6.47 -104.68 62.16
N VAL B 312 -5.77 -104.02 61.23
CA VAL B 312 -5.02 -102.77 61.52
C VAL B 312 -5.98 -101.65 61.99
N LEU B 313 -7.13 -101.48 61.34
CA LEU B 313 -8.12 -100.44 61.74
C LEU B 313 -8.63 -100.69 63.16
N THR B 314 -9.14 -101.90 63.44
CA THR B 314 -9.55 -102.37 64.79
C THR B 314 -8.47 -101.94 65.80
N ASP B 315 -7.21 -102.35 65.59
CA ASP B 315 -6.10 -102.10 66.54
C ASP B 315 -5.87 -100.60 66.68
N ALA B 316 -6.01 -99.84 65.59
CA ALA B 316 -5.73 -98.39 65.56
C ALA B 316 -6.80 -97.62 66.34
N PHE B 317 -8.08 -97.99 66.21
CA PHE B 317 -9.22 -97.37 66.96
C PHE B 317 -9.51 -98.15 68.28
N ALA B 318 -8.84 -97.78 69.39
CA ALA B 318 -8.93 -98.33 70.77
C ALA B 318 -7.65 -97.98 71.56
N ILE C 4 13.64 54.14 1.81
CA ILE C 4 12.29 54.58 1.30
C ILE C 4 11.61 53.38 0.62
N THR C 5 12.39 52.50 0.00
CA THR C 5 11.80 51.35 -0.76
C THR C 5 11.26 50.31 0.23
N ASP C 6 11.65 50.37 1.51
CA ASP C 6 11.00 49.60 2.60
C ASP C 6 9.46 49.73 2.57
N LYS C 7 8.90 50.79 1.98
CA LYS C 7 7.41 50.97 1.90
C LYS C 7 6.84 50.32 0.64
N ASP C 8 7.66 49.85 -0.31
CA ASP C 8 7.16 49.24 -1.58
C ASP C 8 6.69 47.83 -1.33
N HIS C 9 5.75 47.72 -0.40
CA HIS C 9 5.11 46.47 0.03
C HIS C 9 3.66 46.86 0.34
N GLN C 10 2.69 46.43 -0.45
CA GLN C 10 1.26 46.78 -0.25
C GLN C 10 0.60 45.61 0.50
N LYS C 11 -0.10 45.97 1.55
CA LYS C 11 -0.72 44.99 2.46
C LYS C 11 -2.24 45.20 2.49
N VAL C 12 -2.96 44.13 2.26
CA VAL C 12 -4.43 44.11 2.35
C VAL C 12 -4.88 43.21 3.51
N ILE C 13 -5.75 43.73 4.34
CA ILE C 13 -6.50 42.91 5.34
C ILE C 13 -7.92 42.74 4.78
N LEU C 14 -8.31 41.49 4.55
CA LEU C 14 -9.65 41.08 4.14
C LEU C 14 -10.37 40.56 5.38
N VAL C 15 -11.52 41.14 5.67
CA VAL C 15 -12.44 40.70 6.75
C VAL C 15 -13.60 39.99 6.08
N GLY C 16 -13.76 38.70 6.36
CA GLY C 16 -14.82 37.88 5.78
C GLY C 16 -14.25 36.98 4.73
N ASP C 17 -14.28 35.70 5.01
CA ASP C 17 -13.66 34.67 4.15
C ASP C 17 -14.74 33.76 3.64
N GLY C 18 -15.91 34.28 3.35
CA GLY C 18 -16.98 33.57 2.62
C GLY C 18 -16.60 33.49 1.13
N ALA C 19 -17.53 33.10 0.27
CA ALA C 19 -17.31 32.98 -1.18
C ALA C 19 -16.84 34.32 -1.77
N VAL C 20 -17.30 35.45 -1.24
CA VAL C 20 -16.95 36.79 -1.77
C VAL C 20 -15.49 37.08 -1.43
N GLY C 21 -15.14 37.00 -0.15
CA GLY C 21 -13.79 37.38 0.32
C GLY C 21 -12.76 36.47 -0.33
N SER C 22 -13.08 35.19 -0.36
CA SER C 22 -12.24 34.10 -0.88
C SER C 22 -11.99 34.36 -2.35
N SER C 23 -13.05 34.57 -3.12
CA SER C 23 -12.94 34.87 -4.57
C SER C 23 -12.14 36.14 -4.77
N TYR C 24 -12.33 37.15 -3.91
CA TYR C 24 -11.60 38.42 -3.97
C TYR C 24 -10.12 38.13 -3.81
N ALA C 25 -9.76 37.40 -2.76
CA ALA C 25 -8.36 37.09 -2.50
C ALA C 25 -7.80 36.37 -3.75
N TYR C 26 -8.56 35.44 -4.35
CA TYR C 26 -8.05 34.66 -5.52
C TYR C 26 -7.84 35.63 -6.69
N ALA C 27 -8.75 36.57 -6.90
CA ALA C 27 -8.62 37.60 -7.94
C ALA C 27 -7.36 38.39 -7.74
N MET C 28 -7.07 38.78 -6.52
CA MET C 28 -5.84 39.57 -6.20
C MET C 28 -4.57 38.72 -6.43
N VAL C 29 -4.63 37.42 -6.12
CA VAL C 29 -3.54 36.44 -6.42
C VAL C 29 -3.32 36.36 -7.91
N LEU C 30 -4.35 36.09 -8.69
CA LEU C 30 -4.18 35.89 -10.15
C LEU C 30 -3.74 37.18 -10.81
N GLN C 31 -4.17 38.35 -10.32
CA GLN C 31 -3.80 39.60 -11.02
C GLN C 31 -2.49 40.13 -10.46
N GLY C 32 -1.89 39.53 -9.41
CA GLY C 32 -0.65 40.04 -8.81
C GLY C 32 -0.85 41.40 -8.14
N ILE C 33 -2.02 41.67 -7.55
CA ILE C 33 -2.27 42.96 -6.86
C ILE C 33 -1.96 42.77 -5.38
N ALA C 34 -1.13 43.63 -4.84
CA ALA C 34 -0.61 43.64 -3.45
C ALA C 34 0.39 42.50 -3.26
N GLN C 35 1.15 42.62 -2.18
CA GLN C 35 2.26 41.71 -1.85
C GLN C 35 1.90 40.92 -0.59
N GLU C 36 0.79 41.25 0.07
CA GLU C 36 0.42 40.61 1.34
C GLU C 36 -1.10 40.69 1.57
N ILE C 37 -1.71 39.55 1.87
CA ILE C 37 -3.16 39.47 2.21
C ILE C 37 -3.29 38.72 3.53
N GLY C 38 -3.76 39.43 4.55
CA GLY C 38 -4.24 38.82 5.79
C GLY C 38 -5.74 38.60 5.76
N ILE C 39 -6.18 37.38 6.06
CA ILE C 39 -7.60 37.00 5.98
C ILE C 39 -8.13 36.82 7.40
N VAL C 40 -9.09 37.67 7.78
CA VAL C 40 -9.70 37.67 9.13
C VAL C 40 -11.13 37.15 9.03
N ASP C 41 -11.46 36.17 9.85
CA ASP C 41 -12.84 35.65 9.96
C ASP C 41 -12.96 34.96 11.31
N ILE C 42 -14.18 34.88 11.87
CA ILE C 42 -14.51 34.03 13.04
C ILE C 42 -14.00 32.61 12.79
N PHE C 43 -14.22 32.09 11.59
CA PHE C 43 -13.85 30.70 11.21
C PHE C 43 -12.34 30.66 10.94
N LYS C 44 -11.53 30.46 11.98
CA LYS C 44 -10.07 30.38 11.89
C LYS C 44 -9.64 29.17 11.03
N ASP C 45 -10.37 28.06 11.12
CA ASP C 45 -10.12 26.84 10.29
C ASP C 45 -10.13 27.26 8.80
N LYS C 46 -11.17 27.93 8.43
CA LYS C 46 -11.50 28.26 7.04
C LYS C 46 -10.42 29.20 6.53
N THR C 47 -10.03 30.20 7.31
CA THR C 47 -9.04 31.19 6.86
C THR C 47 -7.69 30.53 6.73
N LYS C 48 -7.35 29.62 7.63
CA LYS C 48 -6.09 28.88 7.56
C LYS C 48 -6.08 28.02 6.28
N GLY C 49 -7.21 27.36 6.00
CA GLY C 49 -7.33 26.49 4.82
C GLY C 49 -7.22 27.32 3.55
N ASP C 50 -7.86 28.49 3.55
CA ASP C 50 -7.89 29.38 2.38
C ASP C 50 -6.49 29.93 2.16
N ALA C 51 -5.79 30.35 3.19
CA ALA C 51 -4.43 30.91 3.02
C ALA C 51 -3.57 29.83 2.33
N ILE C 52 -3.69 28.58 2.73
CA ILE C 52 -2.88 27.50 2.11
C ILE C 52 -3.34 27.29 0.67
N ASP C 53 -4.64 27.13 0.46
CA ASP C 53 -5.18 26.83 -0.88
C ASP C 53 -4.77 27.97 -1.86
N LEU C 54 -4.91 29.22 -1.46
CA LEU C 54 -4.52 30.41 -2.25
C LEU C 54 -3.00 30.42 -2.47
N SER C 55 -2.23 30.11 -1.45
CA SER C 55 -0.75 30.05 -1.54
C SER C 55 -0.32 29.02 -2.59
N ASN C 56 -1.08 27.93 -2.72
CA ASN C 56 -0.79 26.85 -3.69
C ASN C 56 -0.79 27.43 -5.12
N ALA C 57 -1.48 28.54 -5.35
CA ALA C 57 -1.59 29.16 -6.66
C ALA C 57 -0.34 30.02 -6.98
N LEU C 58 0.41 30.45 -5.96
CA LEU C 58 1.39 31.53 -6.09
C LEU C 58 2.49 31.18 -7.08
N PRO C 59 2.96 29.90 -7.20
CA PRO C 59 4.01 29.61 -8.16
C PRO C 59 3.64 29.97 -9.59
N PHE C 60 2.37 30.13 -9.91
CA PHE C 60 1.88 30.51 -11.27
C PHE C 60 1.62 32.01 -11.37
N THR C 61 1.97 32.80 -10.36
CA THR C 61 1.70 34.26 -10.38
C THR C 61 2.88 34.95 -9.67
N SER C 62 2.76 36.24 -9.40
CA SER C 62 3.70 36.96 -8.53
C SER C 62 3.47 36.58 -7.06
N PRO C 63 4.58 36.62 -6.30
CA PRO C 63 4.56 36.14 -4.92
C PRO C 63 3.77 37.06 -4.00
N LYS C 64 3.31 36.47 -2.89
CA LYS C 64 2.57 37.18 -1.85
C LYS C 64 2.81 36.42 -0.54
N LYS C 65 2.70 37.13 0.57
CA LYS C 65 2.49 36.54 1.92
C LYS C 65 0.97 36.52 2.15
N ILE C 66 0.39 35.33 2.26
CA ILE C 66 -1.06 35.12 2.49
C ILE C 66 -1.18 34.34 3.80
N TYR C 67 -2.02 34.82 4.74
CA TYR C 67 -2.10 34.17 6.06
C TYR C 67 -3.46 34.46 6.70
N SER C 68 -3.82 33.55 7.62
CA SER C 68 -4.91 33.72 8.61
C SER C 68 -4.49 34.84 9.54
N ALA C 69 -5.31 35.88 9.63
CA ALA C 69 -4.90 37.11 10.30
C ALA C 69 -5.85 37.45 11.42
N GLU C 70 -5.47 38.43 12.20
CA GLU C 70 -6.28 39.04 13.30
C GLU C 70 -6.45 40.53 12.95
N TYR C 71 -7.48 41.17 13.49
CA TYR C 71 -7.75 42.61 13.30
C TYR C 71 -6.48 43.41 13.62
N SER C 72 -5.67 42.99 14.58
CA SER C 72 -4.42 43.67 15.01
C SER C 72 -3.40 43.70 13.90
N ASP C 73 -3.48 42.79 12.93
CA ASP C 73 -2.56 42.79 11.76
C ASP C 73 -2.87 43.94 10.79
N ALA C 74 -3.95 44.72 11.01
CA ALA C 74 -4.32 45.89 10.16
C ALA C 74 -3.41 47.07 10.46
N LYS C 75 -2.55 46.97 11.48
CA LYS C 75 -1.77 48.13 11.99
C LYS C 75 -1.13 48.86 10.81
N ASP C 76 -0.43 48.15 9.92
CA ASP C 76 0.35 48.78 8.83
C ASP C 76 -0.26 48.40 7.47
N ALA C 77 -1.54 48.05 7.44
CA ALA C 77 -2.24 47.71 6.18
C ALA C 77 -2.51 48.98 5.36
N ASP C 78 -2.44 48.86 4.06
CA ASP C 78 -2.90 49.88 3.10
C ASP C 78 -4.40 49.87 2.99
N LEU C 79 -5.00 48.70 3.02
CA LEU C 79 -6.41 48.54 2.58
C LEU C 79 -7.05 47.52 3.50
N VAL C 80 -8.22 47.86 4.08
CA VAL C 80 -9.09 46.91 4.78
C VAL C 80 -10.35 46.76 3.92
N VAL C 81 -10.62 45.54 3.54
CA VAL C 81 -11.79 45.20 2.69
C VAL C 81 -12.77 44.40 3.56
N ILE C 82 -13.97 44.93 3.74
CA ILE C 82 -14.98 44.29 4.63
C ILE C 82 -16.04 43.66 3.73
N THR C 83 -16.01 42.34 3.69
CA THR C 83 -17.06 41.45 3.20
C THR C 83 -17.79 40.88 4.43
N VAL C 98 -29.88 44.71 8.76
CA VAL C 98 -29.18 46.03 8.94
C VAL C 98 -28.65 46.11 10.37
N ASN C 99 -29.55 46.01 11.36
CA ASN C 99 -29.19 46.05 12.79
C ASN C 99 -28.21 44.91 13.11
N LYS C 100 -28.45 43.71 12.58
CA LYS C 100 -27.57 42.54 12.75
C LYS C 100 -26.17 42.88 12.18
N ASN C 101 -26.11 43.47 11.00
CA ASN C 101 -24.85 43.75 10.27
C ASN C 101 -24.14 44.93 10.93
N LEU C 102 -24.87 45.87 11.52
CA LEU C 102 -24.24 47.00 12.25
C LEU C 102 -23.49 46.50 13.49
N LYS C 103 -24.06 45.55 14.23
CA LYS C 103 -23.39 45.01 15.44
C LYS C 103 -22.15 44.24 14.96
N ILE C 104 -22.25 43.40 13.94
CA ILE C 104 -21.05 42.72 13.35
C ILE C 104 -20.03 43.79 12.91
N LEU C 105 -20.45 44.81 12.19
CA LEU C 105 -19.53 45.83 11.64
C LEU C 105 -18.81 46.57 12.80
N LYS C 106 -19.51 46.88 13.90
CA LYS C 106 -18.88 47.56 15.07
C LYS C 106 -17.74 46.69 15.62
N SER C 107 -18.00 45.38 15.70
CA SER C 107 -17.02 44.37 16.20
C SER C 107 -15.83 44.25 15.26
N ILE C 108 -15.92 44.76 14.02
CA ILE C 108 -14.82 44.72 12.98
C ILE C 108 -14.08 46.05 13.03
N VAL C 109 -14.81 47.16 12.93
CA VAL C 109 -14.16 48.47 12.72
C VAL C 109 -13.38 48.86 13.96
N ASP C 110 -13.93 48.63 15.13
CA ASP C 110 -13.32 49.13 16.38
C ASP C 110 -11.92 48.54 16.56
N PRO C 111 -11.75 47.20 16.57
CA PRO C 111 -10.42 46.60 16.72
C PRO C 111 -9.43 46.94 15.58
N ILE C 112 -9.97 47.17 14.39
CA ILE C 112 -9.14 47.61 13.24
C ILE C 112 -8.60 49.01 13.51
N VAL C 113 -9.45 49.92 13.97
CA VAL C 113 -8.98 51.30 14.34
C VAL C 113 -7.98 51.19 15.48
N ASP C 114 -8.31 50.38 16.50
CA ASP C 114 -7.46 50.20 17.70
C ASP C 114 -6.08 49.72 17.27
N SER C 115 -5.96 48.93 16.19
CA SER C 115 -4.65 48.40 15.74
C SER C 115 -3.70 49.54 15.34
N GLY C 116 -4.23 50.74 15.03
CA GLY C 116 -3.45 51.85 14.43
C GLY C 116 -3.59 51.91 12.91
N PHE C 117 -4.47 51.09 12.31
CA PHE C 117 -4.72 51.11 10.85
C PHE C 117 -4.99 52.55 10.42
N ASN C 118 -4.39 52.94 9.32
CA ASN C 118 -4.37 54.33 8.85
C ASN C 118 -4.42 54.35 7.31
N GLY C 119 -5.12 53.40 6.69
CA GLY C 119 -5.23 53.26 5.23
C GLY C 119 -6.63 53.60 4.76
N ILE C 120 -7.13 52.87 3.78
CA ILE C 120 -8.50 53.04 3.23
C ILE C 120 -9.35 51.85 3.59
N PHE C 121 -10.58 52.10 3.98
CA PHE C 121 -11.63 51.08 4.11
C PHE C 121 -12.34 50.94 2.77
N LEU C 122 -12.50 49.71 2.32
CA LEU C 122 -13.34 49.36 1.15
C LEU C 122 -14.42 48.41 1.65
N VAL C 123 -15.66 48.85 1.62
CA VAL C 123 -16.81 48.13 2.24
C VAL C 123 -17.64 47.49 1.14
N ALA C 124 -17.86 46.17 1.21
CA ALA C 124 -18.70 45.44 0.24
C ALA C 124 -19.82 44.68 0.94
N ALA C 125 -19.88 44.70 2.26
CA ALA C 125 -20.95 44.02 3.01
C ALA C 125 -22.32 44.68 2.71
N ASN C 126 -23.36 43.86 2.62
CA ASN C 126 -24.72 44.32 2.32
C ASN C 126 -25.41 44.63 3.64
N PRO C 127 -26.16 45.75 3.75
CA PRO C 127 -26.36 46.71 2.66
C PRO C 127 -25.27 47.80 2.60
N VAL C 128 -24.66 47.92 1.43
CA VAL C 128 -23.31 48.49 1.32
C VAL C 128 -23.36 50.01 1.58
N ASP C 129 -24.38 50.72 1.05
CA ASP C 129 -24.36 52.17 1.23
C ASP C 129 -24.51 52.51 2.72
N ILE C 130 -25.42 51.79 3.41
CA ILE C 130 -25.64 51.99 4.86
C ILE C 130 -24.36 51.61 5.62
N LEU C 131 -23.74 50.47 5.31
CA LEU C 131 -22.60 50.01 6.15
C LEU C 131 -21.36 50.83 5.81
N THR C 132 -21.33 51.47 4.64
CA THR C 132 -20.23 52.38 4.26
C THR C 132 -20.35 53.62 5.15
N TYR C 133 -21.55 54.20 5.24
CA TYR C 133 -21.79 55.35 6.17
C TYR C 133 -21.43 54.92 7.60
N ALA C 134 -21.91 53.76 8.03
CA ALA C 134 -21.64 53.24 9.39
C ALA C 134 -20.12 53.11 9.60
N THR C 135 -19.38 52.59 8.61
CA THR C 135 -17.92 52.42 8.72
C THR C 135 -17.27 53.80 8.92
N TRP C 136 -17.69 54.80 8.14
CA TRP C 136 -17.23 56.21 8.31
C TRP C 136 -17.49 56.68 9.75
N LYS C 137 -18.72 56.53 10.23
CA LYS C 137 -19.15 57.00 11.60
C LYS C 137 -18.31 56.25 12.66
N LEU C 138 -18.17 54.93 12.56
CA LEU C 138 -17.47 54.12 13.60
C LEU C 138 -15.98 54.39 13.54
N SER C 139 -15.39 54.56 12.35
CA SER C 139 -13.93 54.65 12.18
C SER C 139 -13.39 56.02 12.62
N GLY C 140 -14.11 57.10 12.36
CA GLY C 140 -13.62 58.48 12.50
C GLY C 140 -12.72 58.87 11.32
N PHE C 141 -12.63 58.04 10.29
CA PHE C 141 -11.74 58.32 9.14
C PHE C 141 -12.34 59.46 8.31
N PRO C 142 -11.49 60.18 7.54
CA PRO C 142 -12.03 61.14 6.56
C PRO C 142 -12.94 60.44 5.53
N LYS C 143 -13.96 61.16 5.09
CA LYS C 143 -14.98 60.75 4.06
C LYS C 143 -14.35 60.02 2.85
N ASN C 144 -13.24 60.53 2.35
CA ASN C 144 -12.59 60.07 1.12
C ASN C 144 -11.80 58.76 1.37
N ARG C 145 -11.65 58.30 2.62
CA ARG C 145 -10.86 57.10 2.95
C ARG C 145 -11.81 56.01 3.43
N VAL C 146 -13.12 56.20 3.28
CA VAL C 146 -14.13 55.14 3.46
C VAL C 146 -14.93 55.10 2.16
N VAL C 147 -14.81 53.98 1.46
CA VAL C 147 -15.40 53.74 0.15
C VAL C 147 -16.26 52.48 0.19
N GLY C 148 -17.40 52.49 -0.48
CA GLY C 148 -18.23 51.29 -0.65
C GLY C 148 -18.21 50.85 -2.09
N SER C 149 -18.46 49.59 -2.33
CA SER C 149 -18.51 49.02 -3.69
C SER C 149 -19.74 49.60 -4.41
N GLY C 150 -20.75 50.04 -3.66
CA GLY C 150 -21.95 50.68 -4.23
C GLY C 150 -22.52 49.94 -5.43
N THR C 151 -22.62 50.61 -6.57
CA THR C 151 -23.24 50.11 -7.81
C THR C 151 -22.14 49.69 -8.81
N SER C 152 -20.89 49.47 -8.38
CA SER C 152 -19.83 49.00 -9.28
C SER C 152 -20.25 47.68 -9.96
N LEU C 153 -20.80 46.70 -9.22
CA LEU C 153 -21.18 45.42 -9.85
C LEU C 153 -22.44 45.60 -10.70
N ASP C 154 -23.43 46.31 -10.21
CA ASP C 154 -24.68 46.59 -10.98
C ASP C 154 -24.29 47.22 -12.31
N THR C 155 -23.33 48.16 -12.28
CA THR C 155 -22.82 48.88 -13.45
C THR C 155 -22.16 47.85 -14.40
N ALA C 156 -21.26 47.00 -13.88
CA ALA C 156 -20.67 45.95 -14.72
C ALA C 156 -21.77 45.09 -15.34
N ARG C 157 -22.72 44.62 -14.55
CA ARG C 157 -23.80 43.76 -15.08
C ARG C 157 -24.55 44.51 -16.19
N PHE C 158 -24.81 45.81 -15.98
CA PHE C 158 -25.51 46.65 -16.97
C PHE C 158 -24.68 46.70 -18.24
N ARG C 159 -23.39 47.02 -18.11
CA ARG C 159 -22.51 47.16 -19.30
C ARG C 159 -22.43 45.81 -20.04
N GLN C 160 -22.36 44.68 -19.32
CA GLN C 160 -22.18 43.38 -20.00
C GLN C 160 -23.46 43.00 -20.74
N SER C 161 -24.59 43.31 -20.16
CA SER C 161 -25.92 43.08 -20.79
C SER C 161 -26.04 43.91 -22.09
N ILE C 162 -25.62 45.17 -22.09
CA ILE C 162 -25.59 45.99 -23.33
C ILE C 162 -24.59 45.38 -24.33
N ALA C 163 -23.39 45.01 -23.85
CA ALA C 163 -22.33 44.35 -24.66
C ALA C 163 -22.89 43.14 -25.41
N GLU C 164 -23.66 42.32 -24.72
CA GLU C 164 -24.24 41.08 -25.29
C GLU C 164 -25.34 41.44 -26.31
N MET C 165 -26.20 42.40 -26.00
CA MET C 165 -27.26 42.79 -26.95
C MET C 165 -26.63 43.29 -28.27
N VAL C 166 -25.50 43.94 -28.21
CA VAL C 166 -24.94 44.72 -29.36
C VAL C 166 -23.67 44.02 -29.92
N ASN C 167 -23.20 42.97 -29.29
CA ASN C 167 -21.99 42.22 -29.72
C ASN C 167 -20.75 43.15 -29.73
N VAL C 168 -20.52 43.83 -28.62
CA VAL C 168 -19.36 44.75 -28.44
C VAL C 168 -18.72 44.41 -27.09
N ASP C 169 -17.41 44.43 -27.03
CA ASP C 169 -16.64 44.38 -25.78
C ASP C 169 -17.28 45.33 -24.77
N ALA C 170 -17.59 44.85 -23.56
CA ALA C 170 -18.21 45.71 -22.54
C ALA C 170 -17.28 46.89 -22.19
N ARG C 171 -15.97 46.76 -22.44
CA ARG C 171 -15.00 47.84 -22.12
C ARG C 171 -15.20 49.00 -23.10
N SER C 172 -15.98 48.82 -24.16
CA SER C 172 -16.36 49.89 -25.12
C SER C 172 -17.77 50.37 -24.81
N VAL C 173 -18.38 49.91 -23.71
CA VAL C 173 -19.77 50.25 -23.32
C VAL C 173 -19.68 51.07 -22.03
N HIS C 174 -20.40 52.18 -21.94
CA HIS C 174 -20.27 53.16 -20.85
C HIS C 174 -21.68 53.47 -20.35
N ALA C 175 -22.12 52.86 -19.26
CA ALA C 175 -23.44 53.07 -18.66
C ALA C 175 -23.31 52.92 -17.17
N TYR C 176 -24.11 53.62 -16.41
CA TYR C 176 -24.12 53.55 -14.93
C TYR C 176 -25.44 53.07 -14.39
N ILE C 177 -25.36 52.32 -13.30
CA ILE C 177 -26.45 52.18 -12.30
C ILE C 177 -26.04 53.07 -11.13
N MET C 178 -26.98 53.84 -10.58
CA MET C 178 -26.68 54.81 -9.50
C MET C 178 -27.75 54.69 -8.44
N GLY C 179 -27.51 55.43 -7.36
CA GLY C 179 -28.38 55.40 -6.17
C GLY C 179 -27.87 54.39 -5.17
N GLU C 180 -28.76 54.02 -4.27
CA GLU C 180 -28.52 52.97 -3.28
C GLU C 180 -28.56 51.63 -3.99
N HIS C 181 -27.48 50.88 -3.91
CA HIS C 181 -27.44 49.48 -4.41
C HIS C 181 -28.61 48.73 -3.76
N GLY C 182 -29.48 48.09 -4.55
CA GLY C 182 -30.74 47.48 -4.09
C GLY C 182 -31.90 47.90 -5.00
N ASP C 183 -33.14 47.71 -4.56
CA ASP C 183 -34.38 47.86 -5.36
C ASP C 183 -34.57 49.26 -5.90
N THR C 184 -34.01 50.29 -5.26
CA THR C 184 -34.29 51.70 -5.66
C THR C 184 -33.18 52.16 -6.59
N GLU C 185 -32.21 51.31 -6.97
CA GLU C 185 -31.12 51.78 -7.88
C GLU C 185 -31.73 52.09 -9.26
N PHE C 186 -31.07 52.85 -10.11
CA PHE C 186 -31.69 53.17 -11.44
C PHE C 186 -30.59 53.28 -12.49
N PRO C 187 -30.96 53.03 -13.77
CA PRO C 187 -30.03 53.20 -14.88
C PRO C 187 -29.99 54.65 -15.35
N VAL C 188 -28.79 55.16 -15.63
CA VAL C 188 -28.62 56.51 -16.23
C VAL C 188 -28.60 56.34 -17.74
N TRP C 189 -29.77 56.03 -18.32
CA TRP C 189 -29.88 55.88 -19.79
C TRP C 189 -29.43 57.16 -20.51
N SER C 190 -29.64 58.34 -19.92
CA SER C 190 -29.38 59.63 -20.63
C SER C 190 -27.92 59.70 -21.08
N HIS C 191 -26.97 59.11 -20.32
CA HIS C 191 -25.51 59.23 -20.59
C HIS C 191 -24.91 57.89 -21.00
N ALA C 192 -25.74 56.86 -21.09
CA ALA C 192 -25.30 55.49 -21.48
C ALA C 192 -24.93 55.57 -22.95
N ASN C 193 -23.84 54.95 -23.32
CA ASN C 193 -23.33 55.02 -24.69
C ASN C 193 -22.46 53.79 -24.99
N ILE C 194 -22.23 53.56 -26.26
CA ILE C 194 -21.40 52.50 -26.85
C ILE C 194 -20.42 53.27 -27.74
N GLY C 195 -19.17 53.33 -27.31
CA GLY C 195 -18.13 54.04 -28.07
C GLY C 195 -18.52 55.47 -28.32
N GLY C 196 -19.29 56.07 -27.41
CA GLY C 196 -19.64 57.50 -27.40
C GLY C 196 -20.98 57.76 -28.08
N VAL C 197 -21.54 56.75 -28.76
CA VAL C 197 -22.89 56.80 -29.38
C VAL C 197 -23.91 56.45 -28.28
N THR C 198 -24.75 57.40 -27.89
CA THR C 198 -25.69 57.25 -26.77
C THR C 198 -26.62 56.09 -27.15
N ILE C 199 -27.19 55.44 -26.14
CA ILE C 199 -28.20 54.39 -26.40
C ILE C 199 -29.37 54.99 -27.22
N ALA C 200 -29.85 56.18 -26.90
CA ALA C 200 -30.89 56.88 -27.74
C ALA C 200 -30.37 56.93 -29.18
N GLU C 201 -29.13 57.35 -29.42
CA GLU C 201 -28.61 57.44 -30.80
C GLU C 201 -28.56 56.02 -31.40
N TRP C 202 -28.15 55.01 -30.61
CA TRP C 202 -27.92 53.65 -31.11
C TRP C 202 -29.25 53.05 -31.53
N VAL C 203 -30.27 53.26 -30.71
CA VAL C 203 -31.64 52.76 -30.97
C VAL C 203 -32.21 53.40 -32.25
N LYS C 204 -31.92 54.66 -32.53
CA LYS C 204 -32.35 55.37 -33.80
C LYS C 204 -31.71 54.66 -35.01
N ALA C 205 -30.42 54.35 -34.97
CA ALA C 205 -29.71 53.66 -36.08
C ALA C 205 -30.10 52.18 -36.15
N HIS C 206 -30.56 51.57 -35.04
CA HIS C 206 -30.82 50.10 -34.94
C HIS C 206 -32.19 49.85 -34.30
N PRO C 207 -33.31 50.18 -34.99
CA PRO C 207 -34.64 50.19 -34.35
C PRO C 207 -35.29 48.81 -34.14
N GLU C 208 -34.63 47.72 -34.56
CA GLU C 208 -34.87 46.32 -34.09
C GLU C 208 -34.78 46.26 -32.56
N ILE C 209 -33.98 47.12 -31.94
CA ILE C 209 -33.86 47.24 -30.44
C ILE C 209 -35.08 48.04 -29.95
N LYS C 210 -36.00 47.33 -29.32
CA LYS C 210 -37.27 47.81 -28.75
C LYS C 210 -37.02 48.38 -27.37
N GLU C 211 -37.74 49.44 -27.02
CA GLU C 211 -37.76 50.01 -25.66
C GLU C 211 -37.98 48.91 -24.62
N ASP C 212 -38.82 47.93 -24.90
CA ASP C 212 -39.22 46.83 -23.98
C ASP C 212 -37.97 45.98 -23.66
N LYS C 213 -37.04 45.78 -24.62
CA LYS C 213 -35.80 45.02 -24.40
C LYS C 213 -34.92 45.77 -23.38
N LEU C 214 -34.79 47.08 -23.52
CA LEU C 214 -34.02 47.95 -22.59
C LEU C 214 -34.67 47.95 -21.20
N VAL C 215 -35.98 48.06 -21.09
CA VAL C 215 -36.68 48.02 -19.76
C VAL C 215 -36.28 46.70 -19.09
N LYS C 216 -36.41 45.58 -19.82
CA LYS C 216 -36.18 44.21 -19.31
C LYS C 216 -34.72 44.12 -18.88
N MET C 217 -33.82 44.64 -19.70
CA MET C 217 -32.37 44.61 -19.43
C MET C 217 -32.08 45.28 -18.08
N PHE C 218 -32.64 46.45 -17.76
CA PHE C 218 -32.43 47.06 -16.42
C PHE C 218 -33.06 46.18 -15.35
N GLU C 219 -34.24 45.61 -15.63
CA GLU C 219 -34.95 44.76 -14.63
C GLU C 219 -34.08 43.53 -14.30
N ASP C 220 -33.48 42.88 -15.30
CA ASP C 220 -32.56 41.73 -15.12
C ASP C 220 -31.34 42.15 -14.31
N VAL C 221 -30.82 43.36 -14.49
CA VAL C 221 -29.73 43.88 -13.61
C VAL C 221 -30.22 43.97 -12.16
N ARG C 222 -31.36 44.63 -11.91
CA ARG C 222 -31.88 44.85 -10.55
C ARG C 222 -32.12 43.50 -9.85
N ASP C 223 -32.64 42.51 -10.58
CA ASP C 223 -32.95 41.15 -10.07
C ASP C 223 -31.79 40.18 -10.33
N ALA C 224 -30.60 40.61 -10.72
CA ALA C 224 -29.51 39.68 -11.13
C ALA C 224 -29.16 38.73 -9.98
N ALA C 225 -28.96 39.25 -8.78
CA ALA C 225 -28.57 38.50 -7.59
C ALA C 225 -29.58 37.37 -7.36
N TYR C 226 -30.88 37.71 -7.39
CA TYR C 226 -31.99 36.76 -7.13
C TYR C 226 -31.88 35.62 -8.14
N GLU C 227 -31.64 35.94 -9.41
CA GLU C 227 -31.61 34.96 -10.52
C GLU C 227 -30.39 34.05 -10.33
N ILE C 228 -29.24 34.61 -9.97
CA ILE C 228 -28.00 33.81 -9.82
C ILE C 228 -28.12 32.92 -8.58
N ILE C 229 -28.60 33.44 -7.46
CA ILE C 229 -28.79 32.68 -6.19
C ILE C 229 -29.76 31.53 -6.46
N LYS C 230 -30.82 31.78 -7.22
CA LYS C 230 -31.80 30.74 -7.57
C LYS C 230 -31.07 29.64 -8.36
N LEU C 231 -30.18 30.01 -9.28
CA LEU C 231 -29.53 29.01 -10.18
C LEU C 231 -28.38 28.28 -9.49
N LYS C 232 -27.47 28.95 -8.79
CA LYS C 232 -26.23 28.31 -8.23
C LYS C 232 -26.10 28.55 -6.72
N GLY C 233 -27.02 29.23 -6.05
CA GLY C 233 -27.06 29.25 -4.57
C GLY C 233 -26.40 30.51 -4.00
N ALA C 234 -25.58 31.21 -4.75
CA ALA C 234 -24.86 32.42 -4.26
C ALA C 234 -24.28 33.19 -5.45
N THR C 235 -23.89 34.44 -5.22
CA THR C 235 -23.24 35.29 -6.25
C THR C 235 -21.93 35.74 -5.64
N PHE C 236 -20.84 35.69 -6.39
CA PHE C 236 -19.54 36.08 -5.81
C PHE C 236 -18.53 36.52 -6.88
N TYR C 237 -18.50 35.95 -8.08
CA TYR C 237 -17.42 36.27 -9.04
C TYR C 237 -17.53 37.74 -9.44
N GLY C 238 -18.73 38.25 -9.59
CA GLY C 238 -18.95 39.65 -9.97
C GLY C 238 -18.33 40.62 -9.00
N ILE C 239 -18.73 40.54 -7.75
CA ILE C 239 -18.31 41.52 -6.68
C ILE C 239 -16.83 41.30 -6.40
N ALA C 240 -16.36 40.05 -6.41
CA ALA C 240 -14.92 39.76 -6.18
C ALA C 240 -14.09 40.51 -7.21
N THR C 241 -14.50 40.42 -8.46
CA THR C 241 -13.79 41.06 -9.58
C THR C 241 -13.83 42.61 -9.44
N ALA C 242 -15.00 43.17 -9.12
CA ALA C 242 -15.18 44.63 -8.91
C ALA C 242 -14.27 45.09 -7.77
N LEU C 243 -14.23 44.32 -6.65
CA LEU C 243 -13.42 44.71 -5.48
C LEU C 243 -11.93 44.73 -5.86
N ALA C 244 -11.50 43.75 -6.66
CA ALA C 244 -10.11 43.67 -7.13
C ALA C 244 -9.84 44.86 -8.08
N ARG C 245 -10.79 45.27 -8.91
CA ARG C 245 -10.60 46.45 -9.81
C ARG C 245 -10.47 47.71 -8.96
N ILE C 246 -11.33 47.88 -7.97
CA ILE C 246 -11.26 49.03 -7.05
C ILE C 246 -9.92 48.99 -6.32
N SER C 247 -9.54 47.83 -5.81
CA SER C 247 -8.25 47.66 -5.11
C SER C 247 -7.13 48.12 -6.04
N LYS C 248 -7.11 47.76 -7.32
CA LYS C 248 -6.01 48.11 -8.30
C LYS C 248 -6.04 49.65 -8.47
N ALA C 249 -7.21 50.28 -8.54
CA ALA C 249 -7.33 51.76 -8.76
C ALA C 249 -6.70 52.52 -7.60
N ILE C 250 -6.88 52.00 -6.37
CA ILE C 250 -6.21 52.57 -5.17
C ILE C 250 -4.71 52.30 -5.24
N LEU C 251 -4.31 51.03 -5.34
CA LEU C 251 -2.91 50.59 -5.07
C LEU C 251 -1.98 51.04 -6.20
N ASN C 252 -2.51 51.22 -7.41
CA ASN C 252 -1.75 51.75 -8.58
C ASN C 252 -2.08 53.22 -8.79
N ASP C 253 -2.77 53.88 -7.84
CA ASP C 253 -2.90 55.37 -7.89
C ASP C 253 -3.43 55.82 -9.28
N GLU C 254 -4.55 55.29 -9.72
CA GLU C 254 -4.94 55.41 -11.15
C GLU C 254 -5.72 56.71 -11.43
N ASN C 255 -6.43 57.28 -10.44
CA ASN C 255 -7.38 58.37 -10.70
C ASN C 255 -8.39 57.86 -11.70
N ALA C 256 -8.88 56.67 -11.47
CA ALA C 256 -9.88 56.01 -12.31
C ALA C 256 -11.26 56.42 -11.85
N VAL C 257 -12.17 56.52 -12.82
CA VAL C 257 -13.60 56.80 -12.53
C VAL C 257 -14.27 55.44 -12.34
N LEU C 258 -14.84 55.24 -11.17
CA LEU C 258 -15.66 54.04 -10.88
C LEU C 258 -16.92 54.49 -10.15
N PRO C 259 -18.04 53.77 -10.35
CA PRO C 259 -19.25 54.02 -9.58
C PRO C 259 -19.04 53.44 -8.18
N LEU C 260 -19.07 54.26 -7.13
CA LEU C 260 -18.77 53.82 -5.76
C LEU C 260 -19.76 54.45 -4.80
N SER C 261 -19.86 53.92 -3.57
CA SER C 261 -20.54 54.60 -2.45
C SER C 261 -19.62 55.69 -1.95
N VAL C 262 -20.07 56.95 -2.05
CA VAL C 262 -19.27 58.14 -1.67
C VAL C 262 -20.18 59.12 -0.92
N TYR C 263 -19.55 59.98 -0.14
CA TYR C 263 -20.23 60.89 0.79
C TYR C 263 -20.83 62.07 0.00
N MET C 264 -22.13 62.25 0.13
CA MET C 264 -22.87 63.37 -0.51
C MET C 264 -22.64 64.66 0.29
N ASP C 265 -22.03 65.64 -0.38
CA ASP C 265 -21.85 67.02 0.14
C ASP C 265 -22.50 68.02 -0.83
N GLY C 266 -23.79 67.81 -1.16
CA GLY C 266 -24.54 68.71 -2.06
C GLY C 266 -24.79 68.11 -3.43
N GLN C 267 -24.04 67.07 -3.82
CA GLN C 267 -24.20 66.46 -5.16
C GLN C 267 -25.63 65.92 -5.26
N TYR C 268 -26.34 66.25 -6.36
CA TYR C 268 -27.73 65.78 -6.65
C TYR C 268 -28.70 66.35 -5.61
N GLY C 269 -28.27 67.35 -4.83
CA GLY C 269 -29.12 67.94 -3.77
C GLY C 269 -29.18 67.05 -2.55
N LEU C 270 -28.18 66.16 -2.38
CA LEU C 270 -28.12 65.20 -1.24
C LEU C 270 -27.02 65.62 -0.25
N ASN C 271 -27.22 65.28 1.04
CA ASN C 271 -26.24 65.55 2.11
C ASN C 271 -26.18 64.37 3.12
N ASP C 272 -24.96 64.07 3.60
CA ASP C 272 -24.75 63.26 4.83
C ASP C 272 -25.30 61.84 4.62
N ILE C 273 -25.11 61.29 3.43
CA ILE C 273 -25.26 59.85 3.15
C ILE C 273 -24.14 59.41 2.22
N TYR C 274 -23.90 58.13 2.21
CA TYR C 274 -23.10 57.45 1.17
C TYR C 274 -24.11 56.92 0.18
N ILE C 275 -23.82 57.12 -1.11
CA ILE C 275 -24.70 56.63 -2.20
C ILE C 275 -23.87 56.48 -3.47
N GLY C 276 -24.41 55.71 -4.43
CA GLY C 276 -23.68 55.27 -5.62
C GLY C 276 -23.67 56.36 -6.68
N THR C 277 -22.48 56.83 -7.03
CA THR C 277 -22.25 57.74 -8.15
C THR C 277 -20.82 57.51 -8.62
N PRO C 278 -20.52 57.78 -9.91
CA PRO C 278 -19.14 57.76 -10.36
C PRO C 278 -18.29 58.73 -9.54
N ALA C 279 -17.05 58.31 -9.26
CA ALA C 279 -16.04 59.11 -8.55
C ALA C 279 -14.66 58.75 -9.08
N VAL C 280 -13.71 59.65 -8.89
CA VAL C 280 -12.28 59.45 -9.16
C VAL C 280 -11.67 58.88 -7.89
N ILE C 281 -10.90 57.80 -8.04
CA ILE C 281 -10.24 57.17 -6.88
C ILE C 281 -8.77 56.94 -7.22
N ASN C 282 -7.91 57.23 -6.26
CA ASN C 282 -6.45 57.03 -6.36
C ASN C 282 -5.96 56.50 -5.01
N ARG C 283 -4.66 56.58 -4.78
CA ARG C 283 -4.01 56.03 -3.57
C ARG C 283 -4.55 56.68 -2.30
N ASN C 284 -5.10 57.89 -2.38
CA ASN C 284 -5.63 58.67 -1.22
C ASN C 284 -7.15 58.47 -1.14
N GLY C 285 -7.73 57.55 -1.87
CA GLY C 285 -9.18 57.31 -1.87
C GLY C 285 -9.91 58.26 -2.84
N ILE C 286 -11.09 58.73 -2.46
CA ILE C 286 -11.97 59.51 -3.33
C ILE C 286 -11.34 60.89 -3.56
N GLN C 287 -11.12 61.27 -4.81
CA GLN C 287 -10.52 62.60 -5.16
C GLN C 287 -11.63 63.55 -5.62
N ASN C 288 -12.59 63.08 -6.38
CA ASN C 288 -13.61 63.90 -7.07
C ASN C 288 -14.87 63.06 -7.13
N ILE C 289 -16.01 63.67 -6.84
CA ILE C 289 -17.30 62.97 -7.04
C ILE C 289 -17.86 63.52 -8.33
N LEU C 290 -18.09 62.67 -9.32
CA LEU C 290 -18.67 63.13 -10.60
C LEU C 290 -20.17 63.29 -10.37
N GLU C 291 -20.68 64.48 -10.67
CA GLU C 291 -22.13 64.74 -10.61
C GLU C 291 -22.63 64.65 -12.05
N ILE C 292 -23.21 63.51 -12.44
CA ILE C 292 -23.76 63.38 -13.80
C ILE C 292 -25.01 64.25 -13.85
N PRO C 293 -25.18 65.15 -14.84
CA PRO C 293 -26.43 65.91 -14.97
C PRO C 293 -27.52 64.91 -15.33
N LEU C 294 -28.44 64.65 -14.40
CA LEU C 294 -29.54 63.67 -14.60
C LEU C 294 -30.73 64.40 -15.23
N THR C 295 -31.51 63.69 -16.04
CA THR C 295 -32.86 64.13 -16.49
C THR C 295 -33.71 64.32 -15.24
N ASP C 296 -34.88 64.95 -15.39
CA ASP C 296 -35.85 65.10 -14.28
C ASP C 296 -36.17 63.70 -13.75
N HIS C 297 -36.49 62.73 -14.62
CA HIS C 297 -36.86 61.34 -14.25
C HIS C 297 -35.67 60.69 -13.48
N GLU C 298 -34.44 60.84 -13.96
CA GLU C 298 -33.24 60.20 -13.33
C GLU C 298 -33.00 60.84 -11.95
N GLU C 299 -33.15 62.17 -11.86
CA GLU C 299 -32.93 62.95 -10.60
C GLU C 299 -33.97 62.50 -9.58
N GLU C 300 -35.22 62.33 -10.02
CA GLU C 300 -36.31 61.86 -9.13
C GLU C 300 -35.95 60.48 -8.56
N SER C 301 -35.55 59.53 -9.42
CA SER C 301 -35.07 58.18 -9.01
C SER C 301 -33.97 58.31 -7.97
N MET C 302 -33.00 59.21 -8.19
CA MET C 302 -31.89 59.44 -7.23
C MET C 302 -32.47 59.96 -5.90
N GLN C 303 -33.40 60.90 -5.93
CA GLN C 303 -33.98 61.53 -4.72
C GLN C 303 -34.76 60.47 -3.93
N LYS C 304 -35.56 59.65 -4.62
CA LYS C 304 -36.38 58.58 -3.95
C LYS C 304 -35.43 57.56 -3.33
N SER C 305 -34.37 57.15 -4.05
CA SER C 305 -33.38 56.19 -3.53
C SER C 305 -32.76 56.80 -2.28
N ALA C 306 -32.29 58.05 -2.35
CA ALA C 306 -31.59 58.76 -1.24
C ALA C 306 -32.49 58.86 -0.02
N SER C 307 -33.70 59.33 -0.21
CA SER C 307 -34.63 59.70 0.90
C SER C 307 -34.96 58.43 1.73
N GLN C 308 -35.36 57.34 1.06
CA GLN C 308 -35.65 56.01 1.67
C GLN C 308 -34.39 55.52 2.41
N LEU C 309 -33.19 55.72 1.86
CA LEU C 309 -31.91 55.26 2.46
C LEU C 309 -31.62 56.10 3.70
N LYS C 310 -31.78 57.41 3.61
CA LYS C 310 -31.58 58.34 4.77
C LYS C 310 -32.51 57.94 5.93
N LYS C 311 -33.76 57.60 5.65
CA LYS C 311 -34.75 57.20 6.69
C LYS C 311 -34.24 55.96 7.45
N VAL C 312 -33.79 54.94 6.72
CA VAL C 312 -33.28 53.66 7.31
C VAL C 312 -32.04 53.95 8.19
N LEU C 313 -31.10 54.78 7.73
CA LEU C 313 -29.94 55.16 8.60
C LEU C 313 -30.35 55.65 10.01
N ILE D 4 -0.97 56.60 5.30
CA ILE D 4 0.04 55.58 4.85
C ILE D 4 -0.09 55.45 3.33
N THR D 5 -1.28 55.53 2.75
CA THR D 5 -1.46 55.21 1.30
C THR D 5 -0.91 56.38 0.46
N ASP D 6 -0.68 57.57 1.05
CA ASP D 6 0.07 58.65 0.35
C ASP D 6 1.44 58.16 -0.19
N LYS D 7 1.96 57.05 0.31
CA LYS D 7 3.22 56.38 -0.11
C LYS D 7 3.01 55.50 -1.35
N ASP D 8 1.77 55.10 -1.68
CA ASP D 8 1.50 54.12 -2.78
C ASP D 8 1.65 54.80 -4.13
N HIS D 9 2.82 55.38 -4.36
CA HIS D 9 3.19 56.07 -5.60
C HIS D 9 4.66 55.73 -5.81
N GLN D 10 4.97 54.96 -6.83
CA GLN D 10 6.37 54.51 -7.10
C GLN D 10 6.96 55.47 -8.15
N LYS D 11 8.14 55.98 -7.84
CA LYS D 11 8.82 56.97 -8.69
C LYS D 11 10.18 56.45 -9.15
N VAL D 12 10.42 56.57 -10.44
CA VAL D 12 11.70 56.14 -11.04
C VAL D 12 12.32 57.34 -11.70
N ILE D 13 13.59 57.60 -11.37
CA ILE D 13 14.42 58.59 -12.09
C ILE D 13 15.35 57.76 -12.98
N LEU D 14 15.25 57.99 -14.27
CA LEU D 14 16.12 57.39 -15.30
C LEU D 14 17.12 58.44 -15.70
N VAL D 15 18.40 58.10 -15.61
CA VAL D 15 19.51 58.93 -16.12
C VAL D 15 19.99 58.31 -17.42
N GLY D 16 19.88 59.08 -18.51
CA GLY D 16 20.27 58.64 -19.87
C GLY D 16 19.05 58.30 -20.68
N ASP D 17 18.77 59.08 -21.72
CA ASP D 17 17.62 58.91 -22.62
C ASP D 17 18.10 58.47 -23.98
N GLY D 18 19.19 57.70 -24.04
CA GLY D 18 19.64 57.04 -25.30
C GLY D 18 18.71 55.85 -25.61
N ALA D 19 19.07 55.01 -26.53
CA ALA D 19 18.22 53.90 -26.99
C ALA D 19 17.89 52.96 -25.80
N VAL D 20 18.82 52.81 -24.85
CA VAL D 20 18.64 51.91 -23.69
C VAL D 20 17.60 52.53 -22.76
N GLY D 21 17.82 53.76 -22.32
CA GLY D 21 16.96 54.40 -21.31
C GLY D 21 15.56 54.55 -21.86
N SER D 22 15.49 54.98 -23.10
CA SER D 22 14.21 55.29 -23.83
C SER D 22 13.45 53.97 -23.95
N SER D 23 14.10 52.92 -24.45
CA SER D 23 13.47 51.56 -24.52
C SER D 23 13.01 51.09 -23.14
N TYR D 24 13.80 51.35 -22.11
CA TYR D 24 13.49 50.95 -20.71
C TYR D 24 12.21 51.66 -20.29
N ALA D 25 12.15 52.97 -20.50
CA ALA D 25 10.95 53.76 -20.12
C ALA D 25 9.75 53.16 -20.86
N TYR D 26 9.90 52.81 -22.14
CA TYR D 26 8.77 52.24 -22.91
C TYR D 26 8.33 50.92 -22.30
N ALA D 27 9.28 50.07 -21.89
CA ALA D 27 8.97 48.77 -21.27
C ALA D 27 8.17 49.02 -19.98
N MET D 28 8.55 50.02 -19.21
CA MET D 28 7.88 50.33 -17.92
C MET D 28 6.49 50.89 -18.19
N VAL D 29 6.31 51.70 -19.24
CA VAL D 29 4.97 52.16 -19.72
C VAL D 29 4.10 50.97 -20.10
N LEU D 30 4.57 50.13 -21.01
CA LEU D 30 3.72 49.01 -21.50
C LEU D 30 3.41 48.03 -20.37
N GLN D 31 4.31 47.83 -19.43
CA GLN D 31 4.04 46.79 -18.41
C GLN D 31 3.36 47.43 -17.21
N GLY D 32 3.15 48.75 -17.16
CA GLY D 32 2.47 49.37 -16.02
C GLY D 32 3.31 49.33 -14.75
N ILE D 33 4.63 49.41 -14.86
CA ILE D 33 5.52 49.38 -13.66
C ILE D 33 5.85 50.82 -13.28
N ALA D 34 5.61 51.16 -12.03
CA ALA D 34 5.74 52.51 -11.43
C ALA D 34 4.64 53.46 -11.93
N GLN D 35 4.49 54.56 -11.23
CA GLN D 35 3.42 55.56 -11.50
C GLN D 35 4.06 56.86 -11.96
N GLU D 36 5.39 56.99 -11.89
CA GLU D 36 6.11 58.20 -12.32
C GLU D 36 7.51 57.87 -12.83
N ILE D 37 7.85 58.41 -14.00
CA ILE D 37 9.23 58.30 -14.56
C ILE D 37 9.71 59.71 -14.89
N GLY D 38 10.77 60.14 -14.21
CA GLY D 38 11.54 61.35 -14.57
C GLY D 38 12.74 60.96 -15.39
N ILE D 39 12.91 61.57 -16.56
CA ILE D 39 14.01 61.24 -17.50
C ILE D 39 15.01 62.40 -17.46
N VAL D 40 16.23 62.11 -17.02
CA VAL D 40 17.36 63.05 -16.92
C VAL D 40 18.37 62.77 -18.00
N ASP D 41 18.70 63.78 -18.77
CA ASP D 41 19.72 63.71 -19.84
C ASP D 41 20.11 65.15 -20.16
N ILE D 42 21.39 65.32 -20.51
CA ILE D 42 21.97 66.59 -21.02
C ILE D 42 21.07 67.13 -22.14
N PHE D 43 20.63 66.27 -23.06
CA PHE D 43 19.84 66.67 -24.25
C PHE D 43 18.38 66.94 -23.81
N LYS D 44 18.06 68.11 -23.29
CA LYS D 44 16.77 68.40 -22.63
C LYS D 44 15.62 68.32 -23.65
N ASP D 45 15.81 68.82 -24.87
CA ASP D 45 14.71 68.81 -25.87
C ASP D 45 14.37 67.34 -26.18
N LYS D 46 15.37 66.48 -26.32
CA LYS D 46 15.15 65.05 -26.63
C LYS D 46 14.32 64.40 -25.54
N THR D 47 14.62 64.66 -24.27
CA THR D 47 13.92 64.01 -23.16
C THR D 47 12.48 64.55 -23.11
N LYS D 48 12.27 65.83 -23.40
CA LYS D 48 10.91 66.42 -23.47
C LYS D 48 10.13 65.71 -24.59
N GLY D 49 10.75 65.49 -25.75
CA GLY D 49 10.11 64.81 -26.89
C GLY D 49 9.74 63.39 -26.52
N ASP D 50 10.66 62.71 -25.84
CA ASP D 50 10.46 61.30 -25.40
C ASP D 50 9.32 61.23 -24.39
N ALA D 51 9.32 62.12 -23.42
CA ALA D 51 8.28 62.14 -22.36
C ALA D 51 6.92 62.27 -23.06
N ILE D 52 6.80 63.12 -24.07
CA ILE D 52 5.48 63.29 -24.77
C ILE D 52 5.17 62.03 -25.57
N ASP D 53 6.11 61.53 -26.35
CA ASP D 53 5.89 60.33 -27.18
C ASP D 53 5.45 59.15 -26.31
N LEU D 54 6.13 58.91 -25.19
CA LEU D 54 5.80 57.85 -24.21
C LEU D 54 4.43 58.12 -23.59
N SER D 55 4.13 59.36 -23.24
CA SER D 55 2.82 59.76 -22.65
C SER D 55 1.70 59.45 -23.63
N ASN D 56 1.95 59.59 -24.93
CA ASN D 56 0.93 59.31 -25.98
C ASN D 56 0.47 57.86 -25.88
N ALA D 57 1.28 56.97 -25.32
CA ALA D 57 0.97 55.55 -25.18
C ALA D 57 0.05 55.30 -23.97
N LEU D 58 -0.04 56.23 -23.00
CA LEU D 58 -0.63 55.95 -21.68
C LEU D 58 -2.09 55.56 -21.79
N PRO D 59 -2.91 56.14 -22.70
CA PRO D 59 -4.30 55.73 -22.82
C PRO D 59 -4.49 54.23 -23.12
N PHE D 60 -3.47 53.51 -23.57
CA PHE D 60 -3.55 52.03 -23.84
C PHE D 60 -2.95 51.24 -22.67
N THR D 61 -2.57 51.86 -21.57
CA THR D 61 -1.94 51.14 -20.45
C THR D 61 -2.31 51.86 -19.15
N SER D 62 -1.66 51.56 -18.04
CA SER D 62 -1.99 52.21 -16.76
C SER D 62 -1.31 53.57 -16.72
N PRO D 63 -1.93 54.53 -16.00
CA PRO D 63 -1.49 55.93 -16.07
C PRO D 63 -0.16 56.11 -15.33
N LYS D 64 0.56 57.14 -15.77
CA LYS D 64 1.87 57.52 -15.23
C LYS D 64 2.01 59.03 -15.42
N LYS D 65 2.86 59.64 -14.65
CA LYS D 65 3.44 60.98 -14.85
C LYS D 65 4.82 60.71 -15.46
N ILE D 66 5.04 61.16 -16.70
CA ILE D 66 6.33 61.03 -17.40
C ILE D 66 6.79 62.44 -17.75
N TYR D 67 8.04 62.82 -17.45
CA TYR D 67 8.51 64.19 -17.68
C TYR D 67 10.04 64.20 -17.81
N SER D 68 10.52 65.24 -18.49
CA SER D 68 11.95 65.65 -18.51
C SER D 68 12.30 66.13 -17.10
N ALA D 69 13.30 65.53 -16.48
CA ALA D 69 13.58 65.71 -15.06
C ALA D 69 14.99 66.25 -14.84
N GLU D 70 15.28 66.62 -13.60
CA GLU D 70 16.62 67.06 -13.12
C GLU D 70 17.05 66.11 -12.00
N TYR D 71 18.36 66.01 -11.74
CA TYR D 71 18.93 65.22 -10.63
C TYR D 71 18.16 65.50 -9.33
N SER D 72 17.76 66.74 -9.08
CA SER D 72 17.08 67.16 -7.82
C SER D 72 15.71 66.49 -7.70
N ASP D 73 15.12 66.01 -8.79
CA ASP D 73 13.83 65.27 -8.72
C ASP D 73 13.98 63.86 -8.11
N ALA D 74 15.20 63.40 -7.84
CA ALA D 74 15.47 62.07 -7.24
C ALA D 74 15.16 62.07 -5.74
N LYS D 75 14.85 63.23 -5.17
CA LYS D 75 14.68 63.41 -3.71
C LYS D 75 13.82 62.28 -3.15
N ASP D 76 12.65 62.03 -3.73
CA ASP D 76 11.67 61.06 -3.17
C ASP D 76 11.51 59.88 -4.15
N ALA D 77 12.50 59.64 -5.02
CA ALA D 77 12.48 58.50 -5.95
C ALA D 77 12.70 57.18 -5.18
N ASP D 78 12.02 56.14 -5.62
CA ASP D 78 12.29 54.75 -5.19
C ASP D 78 13.57 54.22 -5.87
N LEU D 79 13.76 54.57 -7.12
CA LEU D 79 14.73 53.88 -7.98
C LEU D 79 15.40 54.92 -8.86
N VAL D 80 16.74 54.90 -8.92
CA VAL D 80 17.56 55.65 -9.89
C VAL D 80 18.21 54.61 -10.79
N VAL D 81 17.94 54.74 -12.07
CA VAL D 81 18.48 53.80 -13.09
C VAL D 81 19.48 54.58 -13.94
N ILE D 82 20.74 54.15 -13.93
CA ILE D 82 21.82 54.84 -14.68
C ILE D 82 22.15 54.01 -15.93
N THR D 83 21.89 54.61 -17.08
CA THR D 83 22.20 54.03 -18.41
C THR D 83 23.26 54.87 -19.15
N ALA D 84 23.57 56.10 -18.69
CA ALA D 84 24.44 57.06 -19.43
C ALA D 84 25.93 56.68 -19.30
N GLY D 85 26.44 55.84 -20.23
CA GLY D 85 27.84 55.33 -20.29
C GLY D 85 28.59 55.67 -21.60
N ALA D 86 29.75 56.34 -21.51
CA ALA D 86 30.56 56.72 -22.70
C ALA D 86 31.18 55.46 -23.32
N PRO D 87 31.12 55.27 -24.66
CA PRO D 87 31.53 53.98 -25.26
C PRO D 87 33.04 53.73 -25.32
N THR D 93 42.39 52.65 -24.12
CA THR D 93 42.73 51.67 -23.05
C THR D 93 41.50 51.44 -22.19
N ARG D 94 41.39 50.24 -21.61
CA ARG D 94 40.25 49.88 -20.71
C ARG D 94 40.25 50.88 -19.53
N LEU D 95 41.44 51.20 -19.00
CA LEU D 95 41.57 52.07 -17.80
C LEU D 95 41.13 53.49 -18.17
N ASP D 96 41.45 53.97 -19.38
CA ASP D 96 40.98 55.30 -19.84
C ASP D 96 39.45 55.31 -19.95
N LEU D 97 38.86 54.27 -20.54
CA LEU D 97 37.38 54.10 -20.64
C LEU D 97 36.76 54.27 -19.25
N VAL D 98 37.34 53.58 -18.27
CA VAL D 98 36.88 53.63 -16.85
C VAL D 98 37.03 55.06 -16.31
N ASN D 99 38.19 55.69 -16.47
CA ASN D 99 38.45 57.06 -15.91
C ASN D 99 37.45 58.05 -16.49
N LYS D 100 37.18 57.97 -17.80
CA LYS D 100 36.20 58.82 -18.50
C LYS D 100 34.81 58.60 -17.88
N ASN D 101 34.43 57.35 -17.65
CA ASN D 101 33.07 56.99 -17.16
C ASN D 101 32.95 57.34 -15.68
N LEU D 102 34.04 57.28 -14.92
CA LEU D 102 34.02 57.66 -13.49
C LEU D 102 33.73 59.16 -13.34
N LYS D 103 34.33 60.02 -14.17
CA LYS D 103 34.07 61.49 -14.09
C LYS D 103 32.59 61.71 -14.45
N ILE D 104 32.07 61.11 -15.51
CA ILE D 104 30.63 61.27 -15.87
C ILE D 104 29.78 60.72 -14.71
N LEU D 105 30.11 59.55 -14.18
CA LEU D 105 29.29 58.91 -13.12
C LEU D 105 29.29 59.80 -11.85
N LYS D 106 30.41 60.44 -11.51
CA LYS D 106 30.51 61.35 -10.33
C LYS D 106 29.54 62.51 -10.52
N SER D 107 29.45 63.04 -11.74
CA SER D 107 28.57 64.19 -12.11
C SER D 107 27.10 63.77 -12.02
N ILE D 108 26.80 62.45 -11.97
CA ILE D 108 25.42 61.92 -11.83
C ILE D 108 25.15 61.61 -10.35
N VAL D 109 26.03 60.84 -9.74
CA VAL D 109 25.76 60.27 -8.40
C VAL D 109 25.73 61.39 -7.37
N ASP D 110 26.65 62.35 -7.45
CA ASP D 110 26.77 63.39 -6.40
C ASP D 110 25.48 64.17 -6.31
N PRO D 111 24.97 64.80 -7.40
CA PRO D 111 23.74 65.60 -7.31
C PRO D 111 22.50 64.77 -6.95
N ILE D 112 22.49 63.50 -7.32
CA ILE D 112 21.40 62.58 -6.93
C ILE D 112 21.43 62.37 -5.42
N VAL D 113 22.61 62.11 -4.84
CA VAL D 113 22.72 61.96 -3.36
C VAL D 113 22.36 63.29 -2.71
N ASP D 114 22.88 64.40 -3.25
CA ASP D 114 22.61 65.78 -2.71
C ASP D 114 21.10 66.02 -2.69
N SER D 115 20.31 65.45 -3.62
CA SER D 115 18.84 65.66 -3.66
C SER D 115 18.17 65.13 -2.38
N GLY D 116 18.81 64.21 -1.65
CA GLY D 116 18.22 63.44 -0.53
C GLY D 116 17.71 62.07 -0.98
N PHE D 117 17.97 61.66 -2.21
CA PHE D 117 17.57 60.34 -2.73
C PHE D 117 17.98 59.27 -1.71
N ASN D 118 17.09 58.34 -1.46
CA ASN D 118 17.27 57.33 -0.38
C ASN D 118 16.67 56.00 -0.83
N GLY D 119 16.80 55.69 -2.13
CA GLY D 119 16.21 54.46 -2.71
C GLY D 119 17.28 53.50 -3.11
N ILE D 120 17.09 52.83 -4.24
CA ILE D 120 18.08 51.89 -4.81
C ILE D 120 18.63 52.46 -6.09
N PHE D 121 19.93 52.33 -6.29
CA PHE D 121 20.60 52.56 -7.57
C PHE D 121 20.59 51.25 -8.35
N LEU D 122 20.16 51.33 -9.60
CA LEU D 122 20.31 50.27 -10.61
C LEU D 122 21.19 50.80 -11.72
N VAL D 123 22.37 50.23 -11.89
CA VAL D 123 23.41 50.68 -12.84
C VAL D 123 23.42 49.71 -14.01
N ALA D 124 23.29 50.23 -15.21
CA ALA D 124 23.41 49.45 -16.47
C ALA D 124 24.51 50.00 -17.36
N ALA D 125 25.13 51.12 -17.03
CA ALA D 125 26.20 51.72 -17.86
C ALA D 125 27.41 50.80 -17.97
N ASN D 126 28.02 50.74 -19.15
CA ASN D 126 29.23 49.90 -19.38
C ASN D 126 30.46 50.71 -19.01
N PRO D 127 31.47 50.10 -18.35
CA PRO D 127 31.42 48.69 -17.90
C PRO D 127 30.77 48.49 -16.51
N VAL D 128 29.77 47.63 -16.48
CA VAL D 128 28.68 47.72 -15.45
C VAL D 128 29.22 47.27 -14.07
N ASP D 129 30.03 46.23 -14.02
CA ASP D 129 30.52 45.75 -12.71
C ASP D 129 31.38 46.83 -12.07
N ILE D 130 32.27 47.45 -12.87
CA ILE D 130 33.16 48.54 -12.40
C ILE D 130 32.30 49.74 -11.99
N LEU D 131 31.33 50.13 -12.81
CA LEU D 131 30.60 51.40 -12.51
C LEU D 131 29.59 51.14 -11.38
N THR D 132 29.23 49.88 -11.13
CA THR D 132 28.38 49.50 -9.98
C THR D 132 29.19 49.74 -8.71
N TYR D 133 30.43 49.22 -8.68
CA TYR D 133 31.36 49.45 -7.54
C TYR D 133 31.57 50.96 -7.37
N ALA D 134 31.83 51.66 -8.47
CA ALA D 134 32.06 53.12 -8.44
C ALA D 134 30.84 53.82 -7.85
N THR D 135 29.62 53.42 -8.25
CA THR D 135 28.37 54.05 -7.75
C THR D 135 28.29 53.84 -6.22
N TRP D 136 28.58 52.63 -5.76
CA TRP D 136 28.66 52.31 -4.29
C TRP D 136 29.65 53.27 -3.60
N LYS D 137 30.87 53.38 -4.12
CA LYS D 137 31.96 54.19 -3.52
C LYS D 137 31.51 55.68 -3.52
N LEU D 138 30.99 56.20 -4.63
CA LEU D 138 30.61 57.62 -4.75
C LEU D 138 29.40 57.93 -3.88
N SER D 139 28.42 57.03 -3.81
CA SER D 139 27.10 57.31 -3.19
C SER D 139 27.20 57.25 -1.65
N GLY D 140 28.02 56.35 -1.11
CA GLY D 140 28.04 56.05 0.33
C GLY D 140 26.87 55.17 0.75
N PHE D 141 26.10 54.64 -0.21
CA PHE D 141 24.92 53.80 0.07
C PHE D 141 25.39 52.44 0.57
N PRO D 142 24.53 51.72 1.30
CA PRO D 142 24.80 50.31 1.60
C PRO D 142 25.01 49.47 0.33
N LYS D 143 25.90 48.47 0.44
CA LYS D 143 26.19 47.46 -0.63
C LYS D 143 24.93 46.91 -1.34
N ASN D 144 23.91 46.58 -0.57
CA ASN D 144 22.70 45.89 -1.06
C ASN D 144 21.76 46.89 -1.78
N ARG D 145 22.04 48.19 -1.76
CA ARG D 145 21.15 49.21 -2.39
C ARG D 145 21.83 49.80 -3.62
N VAL D 146 22.95 49.19 -4.04
CA VAL D 146 23.60 49.51 -5.34
C VAL D 146 23.72 48.19 -6.08
N VAL D 147 23.01 48.11 -7.19
CA VAL D 147 22.84 46.88 -7.98
C VAL D 147 23.23 47.19 -9.42
N GLY D 148 23.93 46.25 -10.04
CA GLY D 148 24.22 46.36 -11.46
C GLY D 148 23.47 45.31 -12.22
N SER D 149 23.20 45.56 -13.49
CA SER D 149 22.55 44.59 -14.38
C SER D 149 23.46 43.39 -14.58
N GLY D 150 24.76 43.55 -14.42
CA GLY D 150 25.70 42.42 -14.50
C GLY D 150 25.48 41.50 -15.69
N THR D 151 25.28 40.20 -15.44
CA THR D 151 25.12 39.17 -16.50
C THR D 151 23.63 38.84 -16.72
N SER D 152 22.70 39.71 -16.32
CA SER D 152 21.26 39.46 -16.55
C SER D 152 21.01 39.31 -18.05
N LEU D 153 21.57 40.19 -18.88
CA LEU D 153 21.31 40.12 -20.33
C LEU D 153 22.02 38.90 -20.95
N ASP D 154 23.28 38.69 -20.60
CA ASP D 154 24.06 37.57 -21.16
C ASP D 154 23.32 36.28 -20.82
N THR D 155 22.76 36.20 -19.61
CA THR D 155 22.00 35.02 -19.12
C THR D 155 20.75 34.88 -20.00
N ALA D 156 19.99 35.94 -20.20
CA ALA D 156 18.82 35.90 -21.11
C ALA D 156 19.25 35.43 -22.52
N ARG D 157 20.31 36.01 -23.06
CA ARG D 157 20.79 35.58 -24.41
C ARG D 157 21.12 34.08 -24.38
N PHE D 158 21.79 33.62 -23.33
CA PHE D 158 22.19 32.21 -23.17
C PHE D 158 20.94 31.34 -23.14
N ARG D 159 19.98 31.71 -22.32
CA ARG D 159 18.73 30.93 -22.18
C ARG D 159 17.99 30.89 -23.52
N GLN D 160 17.95 31.98 -24.24
CA GLN D 160 17.15 32.05 -25.50
C GLN D 160 17.81 31.19 -26.58
N SER D 161 19.14 31.17 -26.59
CA SER D 161 19.95 30.34 -27.53
C SER D 161 19.65 28.85 -27.25
N ILE D 162 19.65 28.44 -25.98
CA ILE D 162 19.29 27.05 -25.59
C ILE D 162 17.84 26.77 -25.98
N ALA D 163 16.93 27.69 -25.68
CA ALA D 163 15.48 27.61 -26.02
C ALA D 163 15.31 27.29 -27.51
N GLU D 164 16.01 28.01 -28.35
CA GLU D 164 15.93 27.85 -29.83
C GLU D 164 16.55 26.50 -30.26
N MET D 165 17.67 26.11 -29.69
CA MET D 165 18.30 24.81 -30.06
C MET D 165 17.34 23.67 -29.74
N VAL D 166 16.58 23.78 -28.67
CA VAL D 166 15.85 22.64 -28.06
C VAL D 166 14.33 22.80 -28.28
N ASN D 167 13.89 23.93 -28.83
CA ASN D 167 12.46 24.23 -29.11
C ASN D 167 11.65 24.18 -27.78
N VAL D 168 12.11 24.92 -26.78
CA VAL D 168 11.45 25.05 -25.46
C VAL D 168 11.37 26.53 -25.13
N ASP D 169 10.29 26.93 -24.44
CA ASP D 169 10.17 28.29 -23.85
C ASP D 169 11.45 28.57 -23.06
N ALA D 170 12.10 29.71 -23.28
CA ALA D 170 13.32 30.04 -22.51
C ALA D 170 13.00 30.13 -21.01
N ARG D 171 11.75 30.36 -20.62
CA ARG D 171 11.35 30.46 -19.19
C ARG D 171 11.50 29.09 -18.52
N SER D 172 11.60 28.01 -19.31
CA SER D 172 11.79 26.63 -18.81
C SER D 172 13.26 26.24 -18.91
N VAL D 173 14.13 27.18 -19.30
CA VAL D 173 15.58 27.00 -19.45
C VAL D 173 16.26 27.74 -18.32
N HIS D 174 17.21 27.11 -17.62
CA HIS D 174 17.80 27.69 -16.38
C HIS D 174 19.31 27.54 -16.51
N ALA D 175 19.96 28.62 -16.88
CA ALA D 175 21.41 28.60 -17.17
C ALA D 175 21.89 30.01 -16.86
N TYR D 176 23.10 30.10 -16.33
CA TYR D 176 23.73 31.37 -15.98
C TYR D 176 24.98 31.60 -16.82
N ILE D 177 25.19 32.89 -17.11
CA ILE D 177 26.51 33.46 -17.39
C ILE D 177 26.90 34.18 -16.12
N MET D 178 28.15 34.00 -15.66
CA MET D 178 28.60 34.66 -14.42
C MET D 178 29.95 35.28 -14.67
N GLY D 179 30.40 36.01 -13.66
CA GLY D 179 31.66 36.77 -13.71
C GLY D 179 31.38 38.21 -14.08
N GLU D 180 32.43 38.91 -14.49
CA GLU D 180 32.35 40.28 -15.01
C GLU D 180 31.71 40.22 -16.39
N HIS D 181 30.60 40.90 -16.57
CA HIS D 181 29.99 41.12 -17.90
C HIS D 181 31.09 41.61 -18.85
N GLY D 182 31.33 40.93 -19.98
CA GLY D 182 32.50 41.18 -20.87
C GLY D 182 33.21 39.91 -21.27
N ASP D 183 34.40 39.99 -21.88
CA ASP D 183 35.17 38.85 -22.45
C ASP D 183 35.40 37.70 -21.46
N THR D 184 35.51 38.01 -20.17
CA THR D 184 35.96 37.01 -19.18
C THR D 184 34.73 36.33 -18.57
N GLU D 185 33.51 36.64 -19.01
CA GLU D 185 32.33 35.99 -18.40
C GLU D 185 32.33 34.50 -18.82
N PHE D 186 31.60 33.64 -18.13
CA PHE D 186 31.64 32.20 -18.50
C PHE D 186 30.29 31.57 -18.25
N PRO D 187 29.99 30.49 -18.99
CA PRO D 187 28.76 29.73 -18.78
C PRO D 187 28.89 28.72 -17.65
N VAL D 188 27.88 28.63 -16.78
CA VAL D 188 27.89 27.64 -15.69
C VAL D 188 27.21 26.37 -16.21
N TRP D 189 27.87 25.63 -17.10
CA TRP D 189 27.25 24.43 -17.69
C TRP D 189 26.88 23.41 -16.61
N SER D 190 27.65 23.32 -15.52
CA SER D 190 27.44 22.31 -14.44
C SER D 190 26.01 22.37 -13.89
N HIS D 191 25.37 23.54 -13.82
CA HIS D 191 24.03 23.72 -13.19
C HIS D 191 22.98 24.09 -14.25
N ALA D 192 23.39 24.26 -15.49
CA ALA D 192 22.49 24.65 -16.60
C ALA D 192 21.55 23.50 -16.87
N ASN D 193 20.27 23.77 -17.03
CA ASN D 193 19.27 22.69 -17.20
C ASN D 193 18.06 23.22 -17.98
N ILE D 194 17.26 22.28 -18.45
CA ILE D 194 15.99 22.46 -19.16
C ILE D 194 15.01 21.64 -18.36
N GLY D 195 14.12 22.35 -17.65
CA GLY D 195 13.13 21.72 -16.79
C GLY D 195 13.74 20.68 -15.88
N GLY D 196 14.95 21.00 -15.39
CA GLY D 196 15.65 20.25 -14.34
C GLY D 196 16.62 19.20 -14.89
N VAL D 197 16.57 18.91 -16.19
CA VAL D 197 17.50 18.01 -16.90
C VAL D 197 18.72 18.85 -17.29
N THR D 198 19.89 18.57 -16.68
CA THR D 198 21.13 19.34 -16.90
C THR D 198 21.44 19.26 -18.39
N ILE D 199 22.14 20.25 -18.90
CA ILE D 199 22.66 20.22 -20.30
C ILE D 199 23.53 18.96 -20.47
N ALA D 200 24.41 18.62 -19.51
CA ALA D 200 25.18 17.35 -19.58
C ALA D 200 24.18 16.20 -19.78
N GLU D 201 23.12 16.13 -18.96
CA GLU D 201 22.14 15.03 -19.10
C GLU D 201 21.48 15.11 -20.49
N TRP D 202 21.14 16.33 -20.96
CA TRP D 202 20.35 16.55 -22.19
C TRP D 202 21.19 16.09 -23.39
N VAL D 203 22.47 16.46 -23.38
CA VAL D 203 23.32 16.58 -24.59
C VAL D 203 23.49 15.22 -25.27
N LYS D 204 23.75 14.17 -24.46
CA LYS D 204 23.69 12.73 -24.80
C LYS D 204 22.70 12.46 -25.96
N ALA D 205 21.54 13.12 -25.95
CA ALA D 205 20.33 12.62 -26.66
C ALA D 205 20.40 12.91 -28.16
N HIS D 206 21.16 13.93 -28.63
CA HIS D 206 21.13 14.34 -30.08
C HIS D 206 22.53 14.40 -30.69
N GLU D 211 27.61 19.28 -28.50
CA GLU D 211 28.79 19.54 -27.61
C GLU D 211 29.64 20.65 -28.25
N ASP D 212 29.97 20.48 -29.54
CA ASP D 212 30.64 21.52 -30.37
C ASP D 212 29.59 22.65 -30.57
N LYS D 213 28.31 22.31 -30.65
CA LYS D 213 27.22 23.31 -30.80
C LYS D 213 27.16 24.14 -29.50
N LEU D 214 27.25 23.51 -28.33
CA LEU D 214 27.30 24.18 -27.00
C LEU D 214 28.49 25.16 -26.91
N VAL D 215 29.68 24.77 -27.35
CA VAL D 215 30.85 25.69 -27.31
C VAL D 215 30.50 26.95 -28.12
N LYS D 216 29.98 26.75 -29.34
CA LYS D 216 29.68 27.86 -30.28
C LYS D 216 28.58 28.73 -29.65
N MET D 217 27.58 28.09 -29.06
CA MET D 217 26.46 28.80 -28.43
C MET D 217 26.98 29.76 -27.35
N PHE D 218 27.92 29.36 -26.48
CA PHE D 218 28.48 30.32 -25.50
C PHE D 218 29.27 31.40 -26.23
N GLU D 219 29.99 31.04 -27.28
CA GLU D 219 30.81 32.02 -28.05
C GLU D 219 29.89 33.10 -28.68
N ASP D 220 28.77 32.69 -29.28
CA ASP D 220 27.75 33.62 -29.80
C ASP D 220 27.15 34.50 -28.69
N VAL D 221 26.97 33.98 -27.48
CA VAL D 221 26.54 34.82 -26.34
C VAL D 221 27.60 35.88 -26.02
N ARG D 222 28.85 35.47 -25.85
CA ARG D 222 29.95 36.39 -25.49
C ARG D 222 30.06 37.50 -26.55
N ASP D 223 29.91 37.16 -27.83
CA ASP D 223 30.03 38.10 -28.97
C ASP D 223 28.66 38.68 -29.39
N ALA D 224 27.57 38.46 -28.63
CA ALA D 224 26.21 38.86 -29.07
C ALA D 224 26.13 40.37 -29.39
N ALA D 225 26.61 41.21 -28.50
CA ALA D 225 26.51 42.69 -28.64
C ALA D 225 27.22 43.11 -29.93
N TYR D 226 28.42 42.56 -30.19
CA TYR D 226 29.23 42.88 -31.40
C TYR D 226 28.40 42.55 -32.65
N GLU D 227 27.76 41.39 -32.64
CA GLU D 227 27.00 40.86 -33.80
C GLU D 227 25.76 41.74 -34.01
N ILE D 228 25.08 42.14 -32.94
CA ILE D 228 23.85 42.97 -33.07
C ILE D 228 24.25 44.38 -33.58
N ILE D 229 25.28 44.98 -33.00
CA ILE D 229 25.76 46.33 -33.38
C ILE D 229 26.18 46.31 -34.85
N LYS D 230 26.85 45.23 -35.27
CA LYS D 230 27.26 45.07 -36.69
C LYS D 230 26.00 45.10 -37.57
N LEU D 231 24.93 44.42 -37.16
CA LEU D 231 23.72 44.25 -37.99
C LEU D 231 22.81 45.48 -37.97
N LYS D 232 22.52 46.08 -36.81
CA LYS D 232 21.52 47.18 -36.70
C LYS D 232 22.12 48.42 -36.04
N GLY D 233 23.38 48.44 -35.65
CA GLY D 233 24.06 49.67 -35.20
C GLY D 233 24.07 49.84 -33.70
N ALA D 234 23.22 49.13 -32.96
CA ALA D 234 23.12 49.27 -31.49
C ALA D 234 22.31 48.11 -30.90
N THR D 235 22.46 47.89 -29.62
CA THR D 235 21.78 46.83 -28.85
C THR D 235 20.99 47.53 -27.74
N PHE D 236 19.70 47.25 -27.57
CA PHE D 236 18.92 47.94 -26.53
C PHE D 236 17.70 47.15 -26.03
N TYR D 237 17.05 46.33 -26.86
CA TYR D 237 15.79 45.69 -26.43
C TYR D 237 16.06 44.73 -25.26
N GLY D 238 17.15 44.03 -25.35
CA GLY D 238 17.56 43.04 -24.32
C GLY D 238 17.70 43.70 -22.96
N ILE D 239 18.57 44.69 -22.87
CA ILE D 239 18.93 45.31 -21.56
C ILE D 239 17.73 46.11 -21.04
N ALA D 240 16.99 46.77 -21.93
CA ALA D 240 15.78 47.54 -21.51
C ALA D 240 14.83 46.56 -20.81
N THR D 241 14.61 45.41 -21.39
CA THR D 241 13.66 44.43 -20.86
C THR D 241 14.20 43.87 -19.50
N ALA D 242 15.48 43.57 -19.42
CA ALA D 242 16.14 43.08 -18.19
C ALA D 242 16.01 44.14 -17.08
N LEU D 243 16.23 45.39 -17.40
CA LEU D 243 16.13 46.50 -16.41
C LEU D 243 14.71 46.61 -15.92
N ALA D 244 13.72 46.46 -16.79
CA ALA D 244 12.30 46.49 -16.39
C ALA D 244 12.00 45.27 -15.52
N ARG D 245 12.58 44.09 -15.81
CA ARG D 245 12.37 42.88 -14.95
C ARG D 245 12.95 43.13 -13.54
N ILE D 246 14.15 43.68 -13.49
CA ILE D 246 14.84 43.98 -12.22
C ILE D 246 14.00 45.03 -11.48
N SER D 247 13.57 46.07 -12.19
CA SER D 247 12.72 47.12 -11.59
C SER D 247 11.47 46.47 -10.97
N LYS D 248 10.80 45.52 -11.63
CA LYS D 248 9.50 44.91 -11.16
C LYS D 248 9.88 44.07 -9.89
N ALA D 249 11.02 43.41 -9.86
CA ALA D 249 11.45 42.58 -8.71
C ALA D 249 11.58 43.46 -7.46
N ILE D 250 12.13 44.64 -7.63
CA ILE D 250 12.27 45.63 -6.53
C ILE D 250 10.88 46.17 -6.15
N LEU D 251 10.14 46.74 -7.09
CA LEU D 251 8.92 47.56 -6.78
C LEU D 251 7.76 46.67 -6.32
N ASN D 252 7.73 45.40 -6.73
CA ASN D 252 6.75 44.39 -6.27
C ASN D 252 7.37 43.47 -5.20
N ASP D 253 8.55 43.81 -4.67
CA ASP D 253 9.09 43.11 -3.50
C ASP D 253 9.05 41.56 -3.70
N GLU D 254 9.65 41.06 -4.75
CA GLU D 254 9.40 39.67 -5.19
C GLU D 254 10.33 38.65 -4.51
N ASN D 255 11.52 39.05 -4.07
CA ASN D 255 12.54 38.08 -3.62
C ASN D 255 12.83 37.15 -4.78
N ALA D 256 13.00 37.72 -5.95
CA ALA D 256 13.28 36.98 -7.19
C ALA D 256 14.79 36.74 -7.30
N VAL D 257 15.15 35.61 -7.90
CA VAL D 257 16.56 35.27 -8.15
C VAL D 257 16.90 35.77 -9.55
N LEU D 258 17.86 36.65 -9.62
CA LEU D 258 18.34 37.22 -10.89
C LEU D 258 19.87 37.25 -10.85
N PRO D 259 20.53 37.08 -11.99
CA PRO D 259 21.97 37.24 -12.07
C PRO D 259 22.26 38.74 -12.09
N LEU D 260 22.97 39.27 -11.11
CA LEU D 260 23.19 40.74 -10.95
C LEU D 260 24.63 41.01 -10.53
N SER D 261 25.10 42.24 -10.67
CA SER D 261 26.37 42.70 -10.07
C SER D 261 26.12 42.95 -8.60
N VAL D 262 26.79 42.19 -7.75
CA VAL D 262 26.61 42.26 -6.27
C VAL D 262 27.98 42.19 -5.60
N TYR D 263 28.02 42.69 -4.38
CA TYR D 263 29.26 42.91 -3.61
C TYR D 263 29.76 41.57 -3.07
N MET D 264 30.98 41.22 -3.44
CA MET D 264 31.63 39.97 -2.95
C MET D 264 32.14 40.19 -1.52
N ASP D 265 31.61 39.41 -0.57
CA ASP D 265 32.09 39.34 0.83
C ASP D 265 32.49 37.90 1.18
N GLY D 266 33.37 37.29 0.36
CA GLY D 266 33.88 35.92 0.58
C GLY D 266 33.30 34.90 -0.37
N GLN D 267 32.20 35.21 -1.04
CA GLN D 267 31.58 34.31 -2.05
C GLN D 267 32.62 33.99 -3.13
N TYR D 268 32.80 32.69 -3.44
CA TYR D 268 33.74 32.17 -4.48
C TYR D 268 35.19 32.53 -4.10
N GLY D 269 35.44 32.91 -2.83
CA GLY D 269 36.77 33.34 -2.39
C GLY D 269 37.14 34.73 -2.87
N LEU D 270 36.14 35.57 -3.19
CA LEU D 270 36.32 36.96 -3.70
C LEU D 270 35.92 37.98 -2.63
N ASN D 271 36.53 39.17 -2.65
CA ASN D 271 36.24 40.28 -1.70
C ASN D 271 36.31 41.66 -2.40
N ASP D 272 35.41 42.57 -2.03
CA ASP D 272 35.54 44.02 -2.31
C ASP D 272 35.51 44.27 -3.82
N ILE D 273 34.67 43.55 -4.54
CA ILE D 273 34.29 43.90 -5.95
C ILE D 273 32.80 43.64 -6.13
N TYR D 274 32.23 44.24 -7.17
CA TYR D 274 30.91 43.85 -7.71
C TYR D 274 31.19 42.88 -8.85
N ILE D 275 30.47 41.77 -8.89
CA ILE D 275 30.59 40.78 -9.99
C ILE D 275 29.26 40.02 -10.13
N GLY D 276 29.09 39.36 -11.27
CA GLY D 276 27.82 38.73 -11.67
C GLY D 276 27.66 37.37 -11.02
N THR D 277 26.60 37.25 -10.23
CA THR D 277 26.16 35.99 -9.64
C THR D 277 24.68 36.10 -9.39
N PRO D 278 23.94 34.98 -9.39
CA PRO D 278 22.56 35.00 -8.98
C PRO D 278 22.43 35.55 -7.56
N ALA D 279 21.36 36.32 -7.35
CA ALA D 279 21.06 36.94 -6.05
C ALA D 279 19.55 37.09 -5.92
N VAL D 280 19.09 37.13 -4.68
CA VAL D 280 17.68 37.42 -4.34
C VAL D 280 17.54 38.93 -4.19
N ILE D 281 16.55 39.51 -4.86
CA ILE D 281 16.30 40.97 -4.80
C ILE D 281 14.82 41.23 -4.47
N ASN D 282 14.60 42.16 -3.56
CA ASN D 282 13.26 42.62 -3.15
C ASN D 282 13.30 44.15 -3.02
N ARG D 283 12.31 44.71 -2.34
CA ARG D 283 12.13 46.17 -2.20
C ARG D 283 13.33 46.82 -1.53
N ASN D 284 14.10 46.05 -0.71
CA ASN D 284 15.27 46.57 0.05
C ASN D 284 16.55 46.25 -0.72
N GLY D 285 16.48 45.84 -1.98
CA GLY D 285 17.66 45.52 -2.78
C GLY D 285 18.12 44.07 -2.56
N ILE D 286 19.43 43.85 -2.55
CA ILE D 286 20.03 42.49 -2.48
C ILE D 286 19.74 41.90 -1.09
N GLN D 287 19.10 40.73 -1.03
CA GLN D 287 18.78 40.04 0.24
C GLN D 287 19.77 38.90 0.47
N ASN D 288 20.14 38.16 -0.56
CA ASN D 288 20.95 36.91 -0.45
C ASN D 288 21.78 36.83 -1.72
N ILE D 289 23.04 36.50 -1.58
CA ILE D 289 23.90 36.24 -2.76
C ILE D 289 23.99 34.74 -2.87
N LEU D 290 23.52 34.16 -3.99
CA LEU D 290 23.57 32.71 -4.18
C LEU D 290 24.99 32.38 -4.59
N GLU D 291 25.61 31.45 -3.84
CA GLU D 291 26.94 30.94 -4.20
C GLU D 291 26.75 29.60 -4.89
N ILE D 292 26.76 29.57 -6.21
CA ILE D 292 26.63 28.29 -6.96
C ILE D 292 27.91 27.51 -6.75
N PRO D 293 27.86 26.23 -6.31
CA PRO D 293 29.08 25.42 -6.21
C PRO D 293 29.58 25.17 -7.62
N LEU D 294 30.70 25.79 -7.99
CA LEU D 294 31.27 25.72 -9.35
C LEU D 294 32.24 24.53 -9.42
N THR D 295 32.38 23.92 -10.59
CA THR D 295 33.45 22.94 -10.87
C THR D 295 34.80 23.64 -10.67
N ASP D 296 35.90 22.90 -10.65
CA ASP D 296 37.25 23.50 -10.59
C ASP D 296 37.40 24.45 -11.80
N HIS D 297 37.06 24.00 -13.01
CA HIS D 297 37.18 24.82 -14.25
C HIS D 297 36.30 26.09 -14.10
N GLU D 298 35.06 25.98 -13.62
CA GLU D 298 34.13 27.15 -13.53
C GLU D 298 34.66 28.13 -12.48
N GLU D 299 35.18 27.62 -11.35
CA GLU D 299 35.73 28.44 -10.25
C GLU D 299 36.95 29.20 -10.78
N GLU D 300 37.81 28.53 -11.54
CA GLU D 300 39.01 29.17 -12.17
C GLU D 300 38.54 30.34 -13.07
N SER D 301 37.57 30.11 -13.96
CA SER D 301 36.99 31.16 -14.84
C SER D 301 36.50 32.33 -13.97
N MET D 302 35.81 32.05 -12.86
CA MET D 302 35.31 33.11 -11.96
C MET D 302 36.51 33.88 -11.37
N GLN D 303 37.55 33.17 -10.91
CA GLN D 303 38.74 33.81 -10.26
C GLN D 303 39.48 34.67 -11.30
N LYS D 304 39.66 34.18 -12.55
CA LYS D 304 40.35 34.95 -13.62
C LYS D 304 39.51 36.19 -13.94
N SER D 305 38.18 36.07 -14.06
CA SER D 305 37.30 37.22 -14.34
C SER D 305 37.48 38.23 -13.19
N ALA D 306 37.38 37.78 -11.95
CA ALA D 306 37.45 38.63 -10.73
C ALA D 306 38.80 39.35 -10.66
N SER D 307 39.90 38.60 -10.79
CA SER D 307 41.27 39.12 -10.56
C SER D 307 41.59 40.26 -11.56
N GLN D 308 41.35 40.03 -12.85
CA GLN D 308 41.49 41.05 -13.93
C GLN D 308 40.63 42.30 -13.61
N LEU D 309 39.42 42.10 -13.09
CA LEU D 309 38.46 43.20 -12.77
C LEU D 309 38.97 43.97 -11.54
N LYS D 310 39.42 43.24 -10.52
CA LYS D 310 39.98 43.85 -9.28
C LYS D 310 41.21 44.73 -9.61
N LYS D 311 42.07 44.27 -10.53
CA LYS D 311 43.27 45.04 -10.94
C LYS D 311 42.83 46.40 -11.53
N VAL D 312 41.86 46.39 -12.44
CA VAL D 312 41.34 47.64 -13.09
C VAL D 312 40.73 48.57 -12.03
N LEU D 313 39.94 48.05 -11.08
CA LEU D 313 39.34 48.88 -10.01
C LEU D 313 40.42 49.55 -9.17
N THR D 314 41.34 48.74 -8.61
CA THR D 314 42.54 49.23 -7.87
C THR D 314 43.18 50.40 -8.65
N ASP D 315 43.54 50.18 -9.92
CA ASP D 315 44.27 51.19 -10.76
C ASP D 315 43.39 52.44 -10.92
N ALA D 316 42.08 52.26 -11.05
CA ALA D 316 41.13 53.38 -11.28
C ALA D 316 40.95 54.20 -10.00
N ILE E 4 -8.76 33.33 -42.83
CA ILE E 4 -7.87 32.51 -41.95
C ILE E 4 -8.04 33.00 -40.52
N THR E 5 -8.27 34.30 -40.32
CA THR E 5 -8.41 34.89 -38.96
C THR E 5 -9.76 34.46 -38.37
N ASP E 6 -10.72 33.97 -39.18
CA ASP E 6 -11.95 33.32 -38.66
C ASP E 6 -11.63 32.19 -37.65
N LYS E 7 -10.40 31.66 -37.63
CA LYS E 7 -9.88 30.62 -36.72
C LYS E 7 -9.43 31.24 -35.37
N ASP E 8 -9.15 32.55 -35.31
CA ASP E 8 -8.56 33.20 -34.12
C ASP E 8 -9.63 33.42 -33.07
N HIS E 9 -10.24 32.32 -32.67
CA HIS E 9 -11.29 32.27 -31.62
C HIS E 9 -11.03 30.95 -30.87
N GLN E 10 -10.60 31.02 -29.63
CA GLN E 10 -10.24 29.82 -28.84
C GLN E 10 -11.44 29.45 -27.97
N LYS E 11 -11.82 28.18 -28.02
CA LYS E 11 -13.02 27.70 -27.32
C LYS E 11 -12.67 26.57 -26.34
N VAL E 12 -13.19 26.66 -25.14
CA VAL E 12 -12.98 25.64 -24.09
C VAL E 12 -14.32 25.12 -23.66
N ILE E 13 -14.46 23.78 -23.62
CA ILE E 13 -15.60 23.11 -22.97
C ILE E 13 -15.09 22.56 -21.65
N LEU E 14 -15.72 22.99 -20.57
CA LEU E 14 -15.44 22.49 -19.21
C LEU E 14 -16.54 21.51 -18.86
N VAL E 15 -16.14 20.28 -18.47
CA VAL E 15 -17.06 19.27 -17.91
C VAL E 15 -16.82 19.24 -16.41
N GLY E 16 -17.87 19.53 -15.65
CA GLY E 16 -17.82 19.57 -14.18
C GLY E 16 -17.73 21.01 -13.68
N ASP E 17 -18.78 21.46 -13.05
CA ASP E 17 -18.91 22.83 -12.55
C ASP E 17 -18.94 22.81 -11.02
N GLY E 18 -18.17 21.96 -10.40
CA GLY E 18 -17.89 21.99 -8.96
C GLY E 18 -16.91 23.10 -8.65
N ALA E 19 -16.38 23.12 -7.44
CA ALA E 19 -15.44 24.16 -6.97
C ALA E 19 -14.23 24.28 -7.93
N VAL E 20 -13.76 23.18 -8.46
CA VAL E 20 -12.54 23.12 -9.30
C VAL E 20 -12.89 23.73 -10.66
N GLY E 21 -13.91 23.23 -11.33
CA GLY E 21 -14.24 23.69 -12.69
C GLY E 21 -14.57 25.18 -12.66
N SER E 22 -15.39 25.56 -11.68
CA SER E 22 -15.89 26.94 -11.45
C SER E 22 -14.70 27.89 -11.22
N SER E 23 -13.80 27.52 -10.32
CA SER E 23 -12.58 28.30 -10.03
C SER E 23 -11.70 28.38 -11.29
N TYR E 24 -11.62 27.28 -12.06
CA TYR E 24 -10.84 27.22 -13.32
C TYR E 24 -11.42 28.26 -14.27
N ALA E 25 -12.72 28.23 -14.46
CA ALA E 25 -13.37 29.17 -15.40
C ALA E 25 -13.03 30.59 -14.93
N TYR E 26 -13.09 30.85 -13.61
CA TYR E 26 -12.82 32.21 -13.08
C TYR E 26 -11.39 32.62 -13.42
N ALA E 27 -10.45 31.70 -13.24
CA ALA E 27 -9.02 31.95 -13.53
C ALA E 27 -8.88 32.32 -15.01
N MET E 28 -9.57 31.61 -15.91
CA MET E 28 -9.50 31.86 -17.36
C MET E 28 -10.10 33.24 -17.70
N VAL E 29 -11.18 33.62 -17.03
CA VAL E 29 -11.79 34.98 -17.15
C VAL E 29 -10.78 36.04 -16.72
N LEU E 30 -10.25 35.93 -15.51
CA LEU E 30 -9.34 36.99 -15.01
C LEU E 30 -8.06 37.07 -15.83
N GLN E 31 -7.57 35.97 -16.36
CA GLN E 31 -6.29 36.03 -17.09
C GLN E 31 -6.54 36.30 -18.56
N GLY E 32 -7.78 36.35 -19.04
CA GLY E 32 -8.06 36.62 -20.47
C GLY E 32 -7.64 35.47 -21.34
N ILE E 33 -7.72 34.22 -20.87
CA ILE E 33 -7.31 33.05 -21.68
C ILE E 33 -8.57 32.49 -22.35
N ALA E 34 -8.52 32.32 -23.65
CA ALA E 34 -9.60 31.84 -24.52
C ALA E 34 -10.70 32.93 -24.66
N GLN E 35 -11.57 32.74 -25.63
CA GLN E 35 -12.60 33.73 -26.02
C GLN E 35 -13.97 33.12 -25.76
N GLU E 36 -14.05 31.83 -25.39
CA GLU E 36 -15.34 31.14 -25.20
C GLU E 36 -15.20 29.96 -24.22
N ILE E 37 -16.10 29.87 -23.26
CA ILE E 37 -16.14 28.79 -22.25
C ILE E 37 -17.57 28.26 -22.19
N GLY E 38 -17.77 27.01 -22.59
CA GLY E 38 -19.00 26.27 -22.37
C GLY E 38 -18.87 25.39 -21.14
N ILE E 39 -19.81 25.50 -20.21
CA ILE E 39 -19.78 24.77 -18.94
C ILE E 39 -20.85 23.67 -18.97
N VAL E 40 -20.41 22.41 -18.91
CA VAL E 40 -21.28 21.21 -18.96
C VAL E 40 -21.28 20.55 -17.59
N ASP E 41 -22.44 20.27 -17.07
CA ASP E 41 -22.64 19.55 -15.79
C ASP E 41 -24.09 19.03 -15.79
N ILE E 42 -24.32 17.89 -15.18
CA ILE E 42 -25.67 17.33 -14.91
C ILE E 42 -26.52 18.42 -14.23
N PHE E 43 -25.94 19.17 -13.30
CA PHE E 43 -26.67 20.25 -12.56
C PHE E 43 -26.73 21.49 -13.47
N LYS E 44 -27.76 21.53 -14.32
CA LYS E 44 -27.88 22.49 -15.44
C LYS E 44 -28.12 23.89 -14.85
N ASP E 45 -28.93 24.00 -13.80
CA ASP E 45 -29.21 25.29 -13.13
C ASP E 45 -27.89 25.91 -12.66
N LYS E 46 -27.04 25.12 -12.03
CA LYS E 46 -25.78 25.60 -11.44
C LYS E 46 -24.92 26.20 -12.56
N THR E 47 -24.82 25.54 -13.71
CA THR E 47 -23.93 25.97 -14.80
C THR E 47 -24.48 27.27 -15.39
N LYS E 48 -25.81 27.41 -15.47
CA LYS E 48 -26.46 28.65 -15.97
C LYS E 48 -26.11 29.78 -14.99
N GLY E 49 -26.19 29.51 -13.71
CA GLY E 49 -25.88 30.51 -12.67
C GLY E 49 -24.41 30.93 -12.75
N ASP E 50 -23.54 29.96 -12.96
CA ASP E 50 -22.08 30.21 -13.02
C ASP E 50 -21.77 31.03 -14.27
N ALA E 51 -22.36 30.70 -15.41
CA ALA E 51 -22.11 31.40 -16.67
C ALA E 51 -22.46 32.90 -16.45
N ILE E 52 -23.56 33.19 -15.75
CA ILE E 52 -23.97 34.57 -15.51
C ILE E 52 -22.99 35.22 -14.54
N ASP E 53 -22.72 34.58 -13.43
CA ASP E 53 -21.82 35.14 -12.37
C ASP E 53 -20.45 35.47 -12.98
N LEU E 54 -19.88 34.54 -13.74
CA LEU E 54 -18.58 34.72 -14.42
C LEU E 54 -18.68 35.85 -15.46
N SER E 55 -19.75 35.88 -16.22
CA SER E 55 -19.99 36.96 -17.25
C SER E 55 -20.00 38.33 -16.60
N ASN E 56 -20.51 38.41 -15.36
CA ASN E 56 -20.58 39.69 -14.61
C ASN E 56 -19.18 40.28 -14.43
N ALA E 57 -18.15 39.45 -14.50
CA ALA E 57 -16.75 39.89 -14.30
C ALA E 57 -16.18 40.47 -15.60
N LEU E 58 -16.75 40.17 -16.74
CA LEU E 58 -16.09 40.40 -18.06
C LEU E 58 -15.81 41.88 -18.30
N PRO E 59 -16.66 42.83 -17.85
CA PRO E 59 -16.35 44.23 -18.08
C PRO E 59 -15.03 44.68 -17.43
N PHE E 60 -14.47 43.92 -16.49
CA PHE E 60 -13.16 44.23 -15.85
C PHE E 60 -12.02 43.46 -16.51
N THR E 61 -12.27 42.72 -17.58
CA THR E 61 -11.19 41.88 -18.20
C THR E 61 -11.46 41.82 -19.70
N SER E 62 -10.84 40.90 -20.43
CA SER E 62 -11.14 40.75 -21.86
C SER E 62 -12.44 39.96 -22.04
N PRO E 63 -13.18 40.26 -23.14
CA PRO E 63 -14.47 39.65 -23.40
C PRO E 63 -14.37 38.15 -23.70
N LYS E 64 -15.46 37.47 -23.44
CA LYS E 64 -15.66 36.04 -23.65
C LYS E 64 -17.14 35.80 -23.85
N LYS E 65 -17.48 34.72 -24.55
CA LYS E 65 -18.82 34.10 -24.54
C LYS E 65 -18.75 32.94 -23.52
N ILE E 66 -19.54 33.04 -22.46
CA ILE E 66 -19.58 32.04 -21.36
C ILE E 66 -21.03 31.57 -21.27
N TYR E 67 -21.28 30.27 -21.30
CA TYR E 67 -22.67 29.74 -21.31
C TYR E 67 -22.70 28.32 -20.75
N SER E 68 -23.90 27.95 -20.29
CA SER E 68 -24.34 26.59 -19.97
C SER E 68 -24.32 25.78 -21.25
N ALA E 69 -23.53 24.71 -21.31
CA ALA E 69 -23.27 24.02 -22.57
C ALA E 69 -23.71 22.55 -22.49
N GLU E 70 -23.68 21.88 -23.64
CA GLU E 70 -23.92 20.43 -23.82
C GLU E 70 -22.68 19.82 -24.47
N TYR E 71 -22.56 18.50 -24.39
CA TYR E 71 -21.45 17.74 -24.99
C TYR E 71 -21.32 18.10 -26.47
N SER E 72 -22.43 18.32 -27.16
CA SER E 72 -22.47 18.63 -28.62
C SER E 72 -21.79 19.97 -28.92
N ASP E 73 -21.66 20.85 -27.93
CA ASP E 73 -20.93 22.13 -28.11
C ASP E 73 -19.42 21.95 -28.22
N ALA E 74 -18.90 20.74 -28.00
CA ALA E 74 -17.45 20.45 -28.11
C ALA E 74 -16.99 20.36 -29.56
N LYS E 75 -17.94 20.40 -30.51
CA LYS E 75 -17.66 20.12 -31.94
C LYS E 75 -16.41 20.88 -32.38
N ASP E 76 -16.35 22.18 -32.14
CA ASP E 76 -15.26 23.05 -32.68
C ASP E 76 -14.43 23.59 -31.51
N ALA E 77 -14.46 22.93 -30.35
CA ALA E 77 -13.65 23.31 -29.17
C ALA E 77 -12.18 23.01 -29.43
N ASP E 78 -11.31 23.88 -28.94
CA ASP E 78 -9.85 23.59 -28.85
C ASP E 78 -9.56 22.64 -27.69
N LEU E 79 -10.29 22.77 -26.60
CA LEU E 79 -9.87 22.16 -25.32
C LEU E 79 -11.12 21.66 -24.60
N VAL E 80 -11.10 20.41 -24.15
CA VAL E 80 -12.11 19.82 -23.25
C VAL E 80 -11.38 19.54 -21.93
N VAL E 81 -11.88 20.16 -20.87
CA VAL E 81 -11.29 20.05 -19.52
C VAL E 81 -12.25 19.23 -18.65
N ILE E 82 -11.81 18.08 -18.17
CA ILE E 82 -12.67 17.13 -17.41
C ILE E 82 -12.27 17.23 -15.94
N THR E 83 -13.19 17.71 -15.10
CA THR E 83 -13.00 17.84 -13.65
C THR E 83 -14.00 16.94 -12.90
N ALA E 84 -13.91 16.92 -11.56
CA ALA E 84 -14.91 16.40 -10.60
C ALA E 84 -15.15 14.86 -10.70
N GLY E 85 -14.20 14.02 -10.26
CA GLY E 85 -14.41 12.56 -10.25
C GLY E 85 -15.37 12.16 -9.12
N ALA E 86 -15.98 10.98 -9.17
CA ALA E 86 -16.79 10.42 -8.06
C ALA E 86 -15.82 10.02 -6.96
N PRO E 87 -16.03 10.49 -5.72
CA PRO E 87 -15.12 10.17 -4.61
C PRO E 87 -15.25 8.73 -4.07
N GLN E 88 -14.17 8.20 -3.47
CA GLN E 88 -14.12 6.84 -2.86
C GLN E 88 -14.98 6.78 -1.59
N LYS E 89 -15.78 5.73 -1.41
CA LYS E 89 -16.61 5.44 -0.19
C LYS E 89 -15.88 4.42 0.69
N PRO E 90 -16.08 4.47 2.03
CA PRO E 90 -15.63 3.40 2.93
C PRO E 90 -16.26 2.08 2.47
N GLY E 91 -15.44 1.05 2.27
CA GLY E 91 -15.90 -0.29 1.84
C GLY E 91 -15.61 -0.53 0.38
N GLU E 92 -15.27 0.52 -0.36
CA GLU E 92 -15.03 0.41 -1.82
C GLU E 92 -13.52 0.16 -2.01
N THR E 93 -13.13 -0.74 -2.88
CA THR E 93 -11.70 -0.89 -3.33
C THR E 93 -11.27 0.29 -4.23
N ARG E 94 -9.96 0.46 -4.45
CA ARG E 94 -9.44 1.40 -5.47
C ARG E 94 -10.06 1.01 -6.83
N LEU E 95 -10.15 -0.28 -7.11
CA LEU E 95 -10.67 -0.83 -8.38
C LEU E 95 -12.14 -0.43 -8.53
N ASP E 96 -12.95 -0.54 -7.46
CA ASP E 96 -14.37 -0.07 -7.50
C ASP E 96 -14.43 1.42 -7.82
N LEU E 97 -13.61 2.25 -7.15
CA LEU E 97 -13.49 3.70 -7.43
C LEU E 97 -13.29 3.93 -8.93
N VAL E 98 -12.37 3.19 -9.53
CA VAL E 98 -12.02 3.31 -10.97
C VAL E 98 -13.23 2.88 -11.81
N ASN E 99 -13.85 1.75 -11.52
CA ASN E 99 -14.99 1.20 -12.31
C ASN E 99 -16.16 2.22 -12.29
N LYS E 100 -16.46 2.79 -11.13
CA LYS E 100 -17.52 3.80 -10.96
C LYS E 100 -17.16 5.03 -11.84
N ASN E 101 -15.90 5.47 -11.83
CA ASN E 101 -15.46 6.68 -12.57
C ASN E 101 -15.43 6.38 -14.08
N LEU E 102 -15.13 5.14 -14.46
CA LEU E 102 -15.11 4.73 -15.89
C LEU E 102 -16.50 4.83 -16.50
N LYS E 103 -17.55 4.40 -15.79
CA LYS E 103 -18.93 4.47 -16.33
C LYS E 103 -19.29 5.95 -16.54
N ILE E 104 -19.03 6.80 -15.55
CA ILE E 104 -19.33 8.25 -15.66
C ILE E 104 -18.47 8.82 -16.80
N LEU E 105 -17.18 8.47 -16.86
CA LEU E 105 -16.26 9.05 -17.86
C LEU E 105 -16.71 8.67 -19.28
N LYS E 106 -17.18 7.44 -19.48
CA LYS E 106 -17.65 6.95 -20.80
C LYS E 106 -18.85 7.81 -21.24
N SER E 107 -19.72 8.16 -20.31
CA SER E 107 -20.93 8.99 -20.56
C SER E 107 -20.53 10.43 -20.94
N ILE E 108 -19.29 10.84 -20.67
CA ILE E 108 -18.74 12.19 -21.03
C ILE E 108 -18.00 12.09 -22.37
N VAL E 109 -17.06 11.18 -22.45
CA VAL E 109 -16.10 11.14 -23.57
C VAL E 109 -16.83 10.75 -24.85
N ASP E 110 -17.75 9.82 -24.81
CA ASP E 110 -18.38 9.26 -26.04
C ASP E 110 -19.13 10.39 -26.75
N PRO E 111 -20.09 11.10 -26.11
CA PRO E 111 -20.81 12.19 -26.76
C PRO E 111 -19.91 13.35 -27.22
N ILE E 112 -18.81 13.58 -26.49
CA ILE E 112 -17.81 14.60 -26.88
C ILE E 112 -17.15 14.18 -28.19
N VAL E 113 -16.73 12.93 -28.30
CA VAL E 113 -16.11 12.42 -29.56
C VAL E 113 -17.16 12.49 -30.68
N ASP E 114 -18.38 12.03 -30.37
CA ASP E 114 -19.50 12.03 -31.35
C ASP E 114 -19.74 13.44 -31.87
N SER E 115 -19.50 14.49 -31.07
CA SER E 115 -19.73 15.89 -31.50
C SER E 115 -18.83 16.26 -32.70
N GLY E 116 -17.73 15.54 -32.91
CA GLY E 116 -16.67 15.88 -33.88
C GLY E 116 -15.51 16.63 -33.22
N PHE E 117 -15.48 16.74 -31.88
CA PHE E 117 -14.38 17.40 -31.15
C PHE E 117 -13.05 16.85 -31.65
N ASN E 118 -12.10 17.73 -31.88
CA ASN E 118 -10.82 17.36 -32.52
C ASN E 118 -9.68 18.16 -31.88
N GLY E 119 -9.78 18.44 -30.59
CA GLY E 119 -8.80 19.25 -29.85
C GLY E 119 -8.00 18.40 -28.89
N ILE E 120 -7.70 18.99 -27.74
CA ILE E 120 -6.94 18.30 -26.66
C ILE E 120 -7.87 18.08 -25.48
N PHE E 121 -7.80 16.89 -24.89
CA PHE E 121 -8.40 16.57 -23.60
C PHE E 121 -7.42 16.95 -22.50
N LEU E 122 -7.91 17.67 -21.50
CA LEU E 122 -7.15 18.03 -20.30
C LEU E 122 -7.93 17.47 -19.11
N VAL E 123 -7.38 16.47 -18.44
CA VAL E 123 -8.11 15.67 -17.42
C VAL E 123 -7.54 16.08 -16.06
N ALA E 124 -8.41 16.50 -15.15
CA ALA E 124 -8.04 16.82 -13.76
C ALA E 124 -8.84 15.96 -12.78
N ALA E 125 -9.79 15.16 -13.22
CA ALA E 125 -10.64 14.36 -12.31
C ALA E 125 -9.77 13.29 -11.61
N ASN E 126 -10.05 13.07 -10.33
CA ASN E 126 -9.32 12.10 -9.51
C ASN E 126 -10.00 10.75 -9.68
N PRO E 127 -9.23 9.64 -9.81
CA PRO E 127 -7.77 9.65 -9.85
C PRO E 127 -7.18 9.91 -11.26
N VAL E 128 -6.33 10.93 -11.35
CA VAL E 128 -6.09 11.66 -12.61
C VAL E 128 -5.30 10.82 -13.57
N ASP E 129 -4.27 10.14 -13.11
CA ASP E 129 -3.39 9.39 -14.05
C ASP E 129 -4.22 8.25 -14.65
N ILE E 130 -5.03 7.57 -13.83
CA ILE E 130 -5.91 6.46 -14.30
C ILE E 130 -6.96 7.04 -15.24
N LEU E 131 -7.61 8.15 -14.91
CA LEU E 131 -8.71 8.67 -15.74
C LEU E 131 -8.14 9.32 -17.00
N THR E 132 -6.87 9.70 -16.99
CA THR E 132 -6.16 10.23 -18.18
C THR E 132 -6.02 9.09 -19.15
N TYR E 133 -5.49 7.94 -18.66
CA TYR E 133 -5.40 6.71 -19.49
C TYR E 133 -6.80 6.33 -19.97
N ALA E 134 -7.79 6.31 -19.09
CA ALA E 134 -9.16 5.94 -19.46
C ALA E 134 -9.68 6.87 -20.55
N THR E 135 -9.43 8.18 -20.43
CA THR E 135 -9.89 9.17 -21.46
C THR E 135 -9.24 8.81 -22.80
N TRP E 136 -7.93 8.53 -22.80
CA TRP E 136 -7.20 8.06 -24.02
C TRP E 136 -7.90 6.82 -24.62
N LYS E 137 -8.17 5.81 -23.79
CA LYS E 137 -8.72 4.50 -24.25
C LYS E 137 -10.14 4.73 -24.78
N LEU E 138 -10.97 5.53 -24.09
CA LEU E 138 -12.37 5.75 -24.53
C LEU E 138 -12.39 6.62 -25.80
N SER E 139 -11.52 7.63 -25.88
CA SER E 139 -11.62 8.69 -26.93
C SER E 139 -11.11 8.18 -28.28
N GLY E 140 -10.09 7.34 -28.28
CA GLY E 140 -9.34 6.96 -29.51
C GLY E 140 -8.41 8.06 -29.98
N PHE E 141 -8.20 9.10 -29.18
CA PHE E 141 -7.31 10.23 -29.54
C PHE E 141 -5.87 9.79 -29.48
N PRO E 142 -4.97 10.50 -30.19
CA PRO E 142 -3.53 10.28 -30.00
C PRO E 142 -3.12 10.52 -28.52
N LYS E 143 -2.14 9.77 -28.07
CA LYS E 143 -1.45 9.86 -26.75
C LYS E 143 -1.13 11.30 -26.33
N ASN E 144 -0.59 12.10 -27.25
CA ASN E 144 -0.03 13.44 -26.95
C ASN E 144 -1.21 14.44 -26.86
N ARG E 145 -2.44 14.06 -27.16
CA ARG E 145 -3.60 14.99 -27.14
C ARG E 145 -4.53 14.62 -26.00
N VAL E 146 -4.10 13.74 -25.11
CA VAL E 146 -4.80 13.44 -23.83
C VAL E 146 -3.80 13.66 -22.72
N VAL E 147 -4.06 14.67 -21.92
CA VAL E 147 -3.10 15.21 -20.92
C VAL E 147 -3.79 15.24 -19.58
N GLY E 148 -3.07 14.84 -18.55
CA GLY E 148 -3.60 14.95 -17.19
C GLY E 148 -2.84 15.98 -16.44
N SER E 149 -3.48 16.57 -15.44
CA SER E 149 -2.82 17.57 -14.57
C SER E 149 -1.73 16.86 -13.75
N GLY E 150 -1.87 15.56 -13.53
CA GLY E 150 -0.80 14.79 -12.84
C GLY E 150 -0.30 15.44 -11.56
N THR E 151 0.99 15.70 -11.48
CA THR E 151 1.69 16.26 -10.30
C THR E 151 1.96 17.75 -10.52
N SER E 152 1.22 18.43 -11.39
CA SER E 152 1.41 19.90 -11.55
C SER E 152 1.06 20.59 -10.24
N LEU E 153 -0.01 20.23 -9.58
CA LEU E 153 -0.39 20.88 -8.29
C LEU E 153 0.57 20.48 -7.18
N ASP E 154 0.92 19.20 -7.09
CA ASP E 154 1.84 18.73 -6.03
C ASP E 154 3.13 19.50 -6.18
N THR E 155 3.59 19.69 -7.43
CA THR E 155 4.87 20.39 -7.73
C THR E 155 4.70 21.87 -7.30
N ALA E 156 3.61 22.53 -7.64
CA ALA E 156 3.38 23.91 -7.17
C ALA E 156 3.41 23.94 -5.63
N ARG E 157 2.69 23.04 -4.98
CA ARG E 157 2.70 23.01 -3.50
C ARG E 157 4.11 22.85 -2.99
N PHE E 158 4.89 21.94 -3.62
CA PHE E 158 6.27 21.67 -3.21
C PHE E 158 7.08 22.97 -3.37
N ARG E 159 6.99 23.59 -4.53
CA ARG E 159 7.81 24.81 -4.79
C ARG E 159 7.40 25.92 -3.79
N GLN E 160 6.13 26.11 -3.52
CA GLN E 160 5.70 27.17 -2.57
C GLN E 160 6.19 26.89 -1.15
N SER E 161 6.20 25.64 -0.72
CA SER E 161 6.72 25.22 0.60
C SER E 161 8.21 25.54 0.69
N ILE E 162 8.99 25.23 -0.34
CA ILE E 162 10.44 25.60 -0.37
C ILE E 162 10.56 27.12 -0.36
N ALA E 163 9.79 27.83 -1.22
CA ALA E 163 9.78 29.31 -1.32
C ALA E 163 9.57 29.95 0.07
N GLU E 164 8.63 29.42 0.84
CA GLU E 164 8.31 29.95 2.20
C GLU E 164 9.45 29.61 3.18
N MET E 165 10.06 28.43 3.10
CA MET E 165 11.15 28.06 4.02
C MET E 165 12.31 29.04 3.80
N VAL E 166 12.55 29.47 2.57
CA VAL E 166 13.83 30.12 2.14
C VAL E 166 13.56 31.60 1.81
N ASN E 167 12.30 32.06 1.87
CA ASN E 167 11.92 33.47 1.58
C ASN E 167 12.37 33.90 0.16
N VAL E 168 11.93 33.13 -0.82
CA VAL E 168 12.26 33.33 -2.25
C VAL E 168 10.95 33.14 -3.02
N ASP E 169 10.71 33.97 -4.02
CA ASP E 169 9.65 33.76 -5.02
C ASP E 169 9.68 32.31 -5.48
N ALA E 170 8.54 31.63 -5.44
CA ALA E 170 8.47 30.23 -5.88
C ALA E 170 8.84 30.12 -7.37
N ARG E 171 8.74 31.18 -8.15
CA ARG E 171 9.07 31.15 -9.60
C ARG E 171 10.57 30.99 -9.78
N SER E 172 11.37 31.20 -8.72
CA SER E 172 12.84 31.02 -8.71
C SER E 172 13.19 29.66 -8.07
N VAL E 173 12.19 28.86 -7.77
CA VAL E 173 12.34 27.53 -7.10
C VAL E 173 11.95 26.47 -8.13
N HIS E 174 12.76 25.44 -8.28
CA HIS E 174 12.61 24.44 -9.36
C HIS E 174 12.71 23.07 -8.70
N ALA E 175 11.56 22.43 -8.50
CA ALA E 175 11.46 21.14 -7.81
C ALA E 175 10.24 20.42 -8.33
N TYR E 176 10.34 19.11 -8.47
CA TYR E 176 9.24 18.28 -8.98
C TYR E 176 8.77 17.27 -7.93
N ILE E 177 7.48 17.01 -7.97
CA ILE E 177 6.86 15.76 -7.49
C ILE E 177 6.52 14.94 -8.73
N MET E 178 6.84 13.65 -8.73
CA MET E 178 6.61 12.79 -9.91
C MET E 178 5.93 11.51 -9.46
N GLY E 179 5.56 10.71 -10.44
CA GLY E 179 4.84 9.44 -10.24
C GLY E 179 3.36 9.66 -10.45
N GLU E 180 2.57 8.71 -9.98
CA GLU E 180 1.11 8.79 -9.89
C GLU E 180 0.77 9.81 -8.81
N HIS E 181 0.05 10.84 -9.16
CA HIS E 181 -0.55 11.76 -8.16
C HIS E 181 -1.28 10.92 -7.11
N GLY E 182 -0.95 11.08 -5.83
CA GLY E 182 -1.50 10.26 -4.73
C GLY E 182 -0.40 9.79 -3.80
N ASP E 183 -0.70 8.83 -2.91
CA ASP E 183 0.20 8.27 -1.87
C ASP E 183 1.57 7.82 -2.40
N THR E 184 1.68 7.40 -3.67
CA THR E 184 2.94 6.79 -4.13
C THR E 184 3.80 7.85 -4.82
N GLU E 185 3.38 9.10 -4.86
CA GLU E 185 4.17 10.15 -5.60
C GLU E 185 5.45 10.42 -4.80
N PHE E 186 6.48 11.04 -5.37
CA PHE E 186 7.72 11.28 -4.61
C PHE E 186 8.38 12.58 -5.04
N PRO E 187 9.22 13.17 -4.16
CA PRO E 187 9.95 14.36 -4.49
C PRO E 187 11.26 14.04 -5.20
N VAL E 188 11.59 14.79 -6.25
CA VAL E 188 12.90 14.65 -6.91
C VAL E 188 13.87 15.61 -6.22
N TRP E 189 14.27 15.33 -4.99
CA TRP E 189 15.25 16.18 -4.27
C TRP E 189 16.55 16.36 -5.05
N SER E 190 16.99 15.31 -5.75
CA SER E 190 18.30 15.29 -6.48
C SER E 190 18.40 16.50 -7.44
N HIS E 191 17.32 16.98 -8.02
CA HIS E 191 17.33 18.05 -9.07
C HIS E 191 16.70 19.34 -8.53
N ALA E 192 16.16 19.31 -7.31
CA ALA E 192 15.41 20.43 -6.72
C ALA E 192 16.44 21.53 -6.43
N ASN E 193 16.12 22.76 -6.80
CA ASN E 193 17.12 23.85 -6.69
C ASN E 193 16.39 25.17 -6.56
N ILE E 194 17.14 26.16 -6.10
CA ILE E 194 16.74 27.56 -5.91
C ILE E 194 17.75 28.33 -6.72
N GLY E 195 17.31 28.91 -7.83
CA GLY E 195 18.21 29.71 -8.67
C GLY E 195 19.43 28.90 -9.08
N GLY E 196 19.27 27.58 -9.22
CA GLY E 196 20.30 26.67 -9.73
C GLY E 196 21.14 26.05 -8.63
N VAL E 197 21.02 26.53 -7.39
CA VAL E 197 21.68 25.94 -6.18
C VAL E 197 20.78 24.81 -5.70
N THR E 198 21.24 23.56 -5.79
CA THR E 198 20.44 22.37 -5.40
C THR E 198 20.09 22.52 -3.92
N ILE E 199 18.99 21.94 -3.49
CA ILE E 199 18.67 21.84 -2.03
C ILE E 199 19.86 21.18 -1.29
N ALA E 200 20.49 20.12 -1.80
CA ALA E 200 21.70 19.52 -1.16
C ALA E 200 22.74 20.64 -1.01
N GLU E 201 22.99 21.41 -2.06
CA GLU E 201 23.99 22.52 -1.95
C GLU E 201 23.51 23.56 -0.92
N TRP E 202 22.23 23.88 -0.90
CA TRP E 202 21.62 24.96 -0.08
C TRP E 202 21.73 24.56 1.38
N VAL E 203 21.46 23.30 1.67
CA VAL E 203 21.54 22.72 3.04
C VAL E 203 22.98 22.79 3.56
N LYS E 204 23.99 22.53 2.71
CA LYS E 204 25.44 22.66 3.08
C LYS E 204 25.73 24.11 3.49
N ALA E 205 25.28 25.10 2.73
CA ALA E 205 25.52 26.54 3.05
C ALA E 205 24.64 27.01 4.24
N HIS E 206 23.53 26.33 4.53
CA HIS E 206 22.51 26.76 5.54
C HIS E 206 22.14 25.59 6.44
N PRO E 207 23.06 25.06 7.28
CA PRO E 207 22.83 23.79 7.98
C PRO E 207 21.85 23.84 9.17
N GLU E 208 21.31 25.03 9.51
CA GLU E 208 20.08 25.22 10.31
C GLU E 208 18.91 24.43 9.70
N ILE E 209 18.91 24.21 8.39
CA ILE E 209 17.89 23.38 7.67
C ILE E 209 18.23 21.90 7.93
N LYS E 210 17.41 21.27 8.77
CA LYS E 210 17.55 19.87 9.21
C LYS E 210 16.93 18.94 8.17
N GLU E 211 17.51 17.76 7.96
CA GLU E 211 16.95 16.71 7.09
C GLU E 211 15.48 16.47 7.45
N ASP E 212 15.13 16.50 8.74
CA ASP E 212 13.77 16.20 9.25
C ASP E 212 12.79 17.26 8.74
N LYS E 213 13.20 18.52 8.56
CA LYS E 213 12.31 19.60 8.04
C LYS E 213 11.94 19.27 6.57
N LEU E 214 12.91 18.86 5.77
CA LEU E 214 12.70 18.45 4.36
C LEU E 214 11.82 17.20 4.27
N VAL E 215 12.04 16.19 5.12
CA VAL E 215 11.18 14.97 5.08
C VAL E 215 9.73 15.43 5.33
N LYS E 216 9.54 16.24 6.37
CA LYS E 216 8.20 16.71 6.80
C LYS E 216 7.58 17.53 5.67
N MET E 217 8.38 18.39 5.04
CA MET E 217 7.91 19.25 3.94
C MET E 217 7.34 18.38 2.82
N PHE E 218 7.99 17.27 2.39
CA PHE E 218 7.39 16.42 1.34
C PHE E 218 6.13 15.76 1.92
N GLU E 219 6.15 15.34 3.19
CA GLU E 219 4.96 14.68 3.78
C GLU E 219 3.77 15.64 3.79
N ASP E 220 3.96 16.89 4.18
CA ASP E 220 2.91 17.96 4.16
C ASP E 220 2.43 18.21 2.73
N VAL E 221 3.29 18.16 1.72
CA VAL E 221 2.84 18.24 0.31
C VAL E 221 1.93 17.05 -0.03
N ARG E 222 2.37 15.83 0.24
CA ARG E 222 1.60 14.60 -0.06
C ARG E 222 0.24 14.64 0.62
N ASP E 223 0.16 15.13 1.85
CA ASP E 223 -1.06 15.17 2.69
C ASP E 223 -1.74 16.55 2.59
N ALA E 224 -1.31 17.43 1.67
CA ALA E 224 -1.86 18.80 1.62
C ALA E 224 -3.38 18.78 1.47
N ALA E 225 -3.93 18.02 0.55
CA ALA E 225 -5.36 18.00 0.23
C ALA E 225 -6.16 17.70 1.52
N TYR E 226 -5.74 16.69 2.28
CA TYR E 226 -6.42 16.26 3.52
C TYR E 226 -6.45 17.44 4.49
N GLU E 227 -5.33 18.14 4.64
CA GLU E 227 -5.18 19.23 5.62
C GLU E 227 -6.08 20.42 5.17
N ILE E 228 -6.12 20.71 3.88
CA ILE E 228 -6.91 21.85 3.36
C ILE E 228 -8.41 21.53 3.50
N ILE E 229 -8.83 20.34 3.08
CA ILE E 229 -10.24 19.89 3.17
C ILE E 229 -10.68 19.93 4.64
N LYS E 230 -9.82 19.48 5.54
CA LYS E 230 -10.13 19.50 6.99
C LYS E 230 -10.38 20.96 7.42
N LEU E 231 -9.57 21.90 6.95
CA LEU E 231 -9.64 23.31 7.42
C LEU E 231 -10.81 24.06 6.76
N LYS E 232 -10.93 24.01 5.44
CA LYS E 232 -11.91 24.89 4.71
C LYS E 232 -12.92 24.06 3.92
N GLY E 233 -12.86 22.71 3.94
CA GLY E 233 -13.92 21.88 3.38
C GLY E 233 -13.63 21.43 1.97
N ALA E 234 -12.70 22.07 1.25
CA ALA E 234 -12.34 21.63 -0.11
C ALA E 234 -11.03 22.29 -0.55
N THR E 235 -10.43 21.77 -1.60
CA THR E 235 -9.19 22.27 -2.22
C THR E 235 -9.53 22.57 -3.67
N PHE E 236 -9.24 23.75 -4.17
CA PHE E 236 -9.61 24.09 -5.56
C PHE E 236 -8.69 25.17 -6.15
N TYR E 237 -8.19 26.15 -5.41
CA TYR E 237 -7.49 27.31 -6.06
C TYR E 237 -6.20 26.79 -6.71
N GLY E 238 -5.54 25.82 -6.08
CA GLY E 238 -4.29 25.28 -6.61
C GLY E 238 -4.47 24.69 -8.00
N ILE E 239 -5.36 23.72 -8.11
CA ILE E 239 -5.57 22.94 -9.36
C ILE E 239 -6.22 23.87 -10.39
N ALA E 240 -7.14 24.76 -9.99
CA ALA E 240 -7.77 25.72 -10.93
C ALA E 240 -6.67 26.53 -11.61
N THR E 241 -5.71 27.01 -10.83
CA THR E 241 -4.61 27.83 -11.32
C THR E 241 -3.70 27.00 -12.25
N ALA E 242 -3.37 25.78 -11.86
CA ALA E 242 -2.55 24.85 -12.67
C ALA E 242 -3.25 24.58 -13.99
N LEU E 243 -4.56 24.31 -13.97
CA LEU E 243 -5.33 24.02 -15.21
C LEU E 243 -5.29 25.22 -16.14
N ALA E 244 -5.42 26.41 -15.58
CA ALA E 244 -5.37 27.66 -16.40
C ALA E 244 -3.95 27.83 -16.95
N ARG E 245 -2.91 27.48 -16.18
CA ARG E 245 -1.52 27.57 -16.67
C ARG E 245 -1.30 26.60 -17.84
N ILE E 246 -1.77 25.37 -17.68
CA ILE E 246 -1.63 24.34 -18.75
C ILE E 246 -2.43 24.84 -19.96
N SER E 247 -3.67 25.31 -19.75
CA SER E 247 -4.50 25.89 -20.83
C SER E 247 -3.71 26.99 -21.58
N LYS E 248 -2.99 27.88 -20.90
CA LYS E 248 -2.25 29.04 -21.55
C LYS E 248 -1.11 28.40 -22.36
N ALA E 249 -0.43 27.38 -21.85
CA ALA E 249 0.72 26.76 -22.53
C ALA E 249 0.29 26.17 -23.85
N ILE E 250 -0.89 25.57 -23.88
CA ILE E 250 -1.49 25.01 -25.12
C ILE E 250 -1.89 26.17 -26.04
N LEU E 251 -2.74 27.08 -25.57
CA LEU E 251 -3.43 28.08 -26.47
C LEU E 251 -2.47 29.16 -26.96
N ASN E 252 -1.37 29.40 -26.23
CA ASN E 252 -0.28 30.33 -26.63
C ASN E 252 0.90 29.54 -27.17
N ASP E 253 0.76 28.23 -27.41
CA ASP E 253 1.80 27.46 -28.12
C ASP E 253 3.19 27.70 -27.49
N GLU E 254 3.34 27.50 -26.20
CA GLU E 254 4.53 27.99 -25.47
C GLU E 254 5.72 27.03 -25.53
N ASN E 255 5.50 25.72 -25.68
CA ASN E 255 6.57 24.71 -25.51
C ASN E 255 7.12 24.88 -24.12
N ALA E 256 6.21 24.97 -23.16
CA ALA E 256 6.53 25.10 -21.75
C ALA E 256 6.79 23.71 -21.15
N VAL E 257 7.71 23.65 -20.19
CA VAL E 257 7.95 22.40 -19.43
C VAL E 257 7.04 22.43 -18.21
N LEU E 258 6.16 21.47 -18.10
CA LEU E 258 5.30 21.29 -16.91
C LEU E 258 5.29 19.81 -16.53
N PRO E 259 5.14 19.50 -15.24
CA PRO E 259 4.96 18.11 -14.80
C PRO E 259 3.52 17.72 -15.12
N LEU E 260 3.30 16.74 -15.99
CA LEU E 260 1.94 16.33 -16.41
C LEU E 260 1.81 14.81 -16.42
N SER E 261 0.57 14.29 -16.45
CA SER E 261 0.33 12.87 -16.78
C SER E 261 0.51 12.68 -18.25
N VAL E 262 1.50 11.88 -18.65
CA VAL E 262 1.85 11.66 -20.08
C VAL E 262 2.09 10.16 -20.30
N TYR E 263 1.99 9.75 -21.54
CA TYR E 263 1.99 8.34 -21.96
C TYR E 263 3.42 7.86 -21.95
N MET E 264 3.68 6.80 -21.17
CA MET E 264 5.02 6.16 -21.10
C MET E 264 5.21 5.28 -22.34
N ASP E 265 6.20 5.62 -23.15
CA ASP E 265 6.65 4.84 -24.33
C ASP E 265 8.13 4.47 -24.16
N GLY E 266 8.51 3.87 -23.02
CA GLY E 266 9.89 3.42 -22.73
C GLY E 266 10.62 4.33 -21.75
N GLN E 267 10.12 5.54 -21.49
CA GLN E 267 10.72 6.46 -20.50
C GLN E 267 10.75 5.76 -19.15
N TYR E 268 11.91 5.78 -18.47
CA TYR E 268 12.14 5.16 -17.14
C TYR E 268 11.92 3.63 -17.21
N GLY E 269 11.87 3.04 -18.40
CA GLY E 269 11.62 1.60 -18.57
C GLY E 269 10.14 1.26 -18.39
N LEU E 270 9.24 2.24 -18.55
CA LEU E 270 7.77 2.09 -18.37
C LEU E 270 7.05 2.13 -19.73
N ASN E 271 5.91 1.44 -19.82
CA ASN E 271 5.06 1.39 -21.06
C ASN E 271 3.57 1.40 -20.71
N ASP E 272 2.78 2.10 -21.53
CA ASP E 272 1.30 1.93 -21.61
C ASP E 272 0.69 2.36 -20.27
N ILE E 273 1.21 3.42 -19.66
CA ILE E 273 0.46 4.10 -18.56
C ILE E 273 0.62 5.59 -18.77
N TYR E 274 -0.30 6.36 -18.17
CA TYR E 274 -0.07 7.79 -17.93
C TYR E 274 0.50 7.93 -16.55
N ILE E 275 1.55 8.73 -16.42
CA ILE E 275 2.18 9.01 -15.11
C ILE E 275 2.87 10.37 -15.16
N GLY E 276 3.12 10.94 -13.99
CA GLY E 276 3.64 12.30 -13.82
C GLY E 276 5.11 12.38 -14.06
N THR E 277 5.49 13.19 -15.04
CA THR E 277 6.89 13.54 -15.35
C THR E 277 6.85 14.89 -16.06
N PRO E 278 7.93 15.70 -15.98
CA PRO E 278 8.00 16.91 -16.77
C PRO E 278 7.89 16.57 -18.26
N ALA E 279 7.25 17.46 -19.00
CA ALA E 279 7.03 17.34 -20.44
C ALA E 279 6.91 18.72 -21.04
N VAL E 280 7.19 18.82 -22.32
CA VAL E 280 7.04 20.04 -23.14
C VAL E 280 5.62 20.00 -23.72
N ILE E 281 4.87 21.09 -23.59
CA ILE E 281 3.50 21.15 -24.14
C ILE E 281 3.34 22.42 -24.96
N ASN E 282 2.67 22.30 -26.10
CA ASN E 282 2.37 23.43 -27.01
C ASN E 282 0.96 23.20 -27.55
N ARG E 283 0.61 23.91 -28.62
CA ARG E 283 -0.72 23.87 -29.25
C ARG E 283 -1.13 22.45 -29.66
N ASN E 284 -0.15 21.59 -29.95
CA ASN E 284 -0.39 20.20 -30.44
C ASN E 284 -0.32 19.22 -29.27
N GLY E 285 -0.33 19.70 -28.03
CA GLY E 285 -0.25 18.85 -26.84
C GLY E 285 1.19 18.49 -26.52
N ILE E 286 1.42 17.25 -26.06
CA ILE E 286 2.76 16.83 -25.54
C ILE E 286 3.73 16.74 -26.72
N GLN E 287 4.85 17.46 -26.66
CA GLN E 287 5.88 17.42 -27.73
C GLN E 287 7.03 16.50 -27.31
N ASN E 288 7.44 16.52 -26.05
CA ASN E 288 8.66 15.83 -25.57
C ASN E 288 8.36 15.42 -24.12
N ILE E 289 8.70 14.21 -23.76
CA ILE E 289 8.62 13.77 -22.36
C ILE E 289 10.04 13.84 -21.80
N LEU E 290 10.27 14.65 -20.79
CA LEU E 290 11.63 14.81 -20.19
C LEU E 290 11.84 13.65 -19.24
N GLU E 291 12.93 12.96 -19.43
CA GLU E 291 13.28 11.80 -18.58
C GLU E 291 14.33 12.23 -17.56
N ILE E 292 13.92 12.60 -16.36
CA ILE E 292 14.86 13.14 -15.34
C ILE E 292 15.71 11.97 -14.85
N PRO E 293 17.06 12.07 -14.84
CA PRO E 293 17.91 10.99 -14.27
C PRO E 293 17.69 10.97 -12.76
N LEU E 294 17.06 9.94 -12.24
CA LEU E 294 16.72 9.80 -10.80
C LEU E 294 17.87 9.06 -10.07
N THR E 295 18.07 9.34 -8.78
CA THR E 295 18.90 8.51 -7.86
C THR E 295 18.26 7.12 -7.79
N ASP E 296 18.97 6.14 -7.21
CA ASP E 296 18.40 4.81 -7.00
C ASP E 296 17.11 4.93 -6.16
N HIS E 297 17.11 5.68 -5.08
CA HIS E 297 15.93 5.86 -4.18
C HIS E 297 14.78 6.48 -5.00
N GLU E 298 15.05 7.51 -5.81
CA GLU E 298 13.99 8.22 -6.57
C GLU E 298 13.42 7.28 -7.64
N GLU E 299 14.32 6.50 -8.29
CA GLU E 299 13.93 5.55 -9.36
C GLU E 299 13.03 4.48 -8.76
N GLU E 300 13.39 3.99 -7.58
CA GLU E 300 12.59 2.95 -6.87
C GLU E 300 11.17 3.49 -6.63
N SER E 301 11.07 4.70 -6.06
CA SER E 301 9.76 5.38 -5.84
C SER E 301 8.96 5.47 -7.16
N MET E 302 9.62 5.83 -8.25
CA MET E 302 8.96 5.93 -9.57
C MET E 302 8.45 4.54 -9.97
N GLN E 303 9.27 3.50 -9.81
CA GLN E 303 8.92 2.14 -10.26
C GLN E 303 7.76 1.60 -9.44
N LYS E 304 7.77 1.82 -8.13
CA LYS E 304 6.68 1.36 -7.22
C LYS E 304 5.40 2.10 -7.55
N SER E 305 5.47 3.42 -7.83
CA SER E 305 4.29 4.21 -8.21
C SER E 305 3.75 3.60 -9.50
N ALA E 306 4.59 3.43 -10.51
CA ALA E 306 4.20 2.94 -11.87
C ALA E 306 3.58 1.52 -11.77
N SER E 307 4.26 0.62 -11.09
CA SER E 307 3.87 -0.81 -11.07
C SER E 307 2.50 -0.99 -10.41
N GLN E 308 2.27 -0.39 -9.24
CA GLN E 308 0.96 -0.39 -8.52
C GLN E 308 -0.11 0.23 -9.43
N LEU E 309 0.23 1.27 -10.19
CA LEU E 309 -0.75 1.97 -11.09
C LEU E 309 -1.08 1.07 -12.28
N LYS E 310 -0.07 0.45 -12.86
CA LYS E 310 -0.26 -0.51 -13.98
C LYS E 310 -1.15 -1.68 -13.56
N LYS E 311 -0.97 -2.21 -12.36
CA LYS E 311 -1.79 -3.36 -11.85
C LYS E 311 -3.28 -2.95 -11.81
N VAL E 312 -3.60 -1.75 -11.28
CA VAL E 312 -4.98 -1.24 -11.21
C VAL E 312 -5.56 -1.08 -12.64
N LEU E 313 -4.80 -0.54 -13.57
CA LEU E 313 -5.28 -0.32 -14.97
C LEU E 313 -5.55 -1.67 -15.62
N THR E 314 -4.58 -2.60 -15.62
CA THR E 314 -4.74 -4.02 -16.07
C THR E 314 -6.08 -4.55 -15.55
N ASP E 315 -6.31 -4.51 -14.22
CA ASP E 315 -7.50 -5.14 -13.57
C ASP E 315 -8.74 -4.42 -14.07
N ALA E 316 -8.68 -3.11 -14.27
CA ALA E 316 -9.82 -2.27 -14.66
C ALA E 316 -10.22 -2.53 -16.11
N PHE E 317 -9.23 -2.67 -17.00
CA PHE E 317 -9.40 -2.99 -18.44
C PHE E 317 -8.96 -4.44 -18.67
N ILE F 4 -7.05 20.32 -34.46
CA ILE F 4 -7.69 21.70 -34.68
C ILE F 4 -6.80 22.74 -34.00
N THR F 5 -6.14 22.35 -32.89
CA THR F 5 -5.29 23.25 -32.09
C THR F 5 -4.01 23.56 -32.87
N ASP F 6 -3.67 22.79 -33.93
CA ASP F 6 -2.57 23.16 -34.88
C ASP F 6 -2.74 24.62 -35.38
N LYS F 7 -3.94 25.20 -35.32
CA LYS F 7 -4.28 26.58 -35.71
C LYS F 7 -3.90 27.60 -34.63
N ASP F 8 -3.72 27.17 -33.36
CA ASP F 8 -3.50 28.09 -32.21
C ASP F 8 -2.05 28.56 -32.23
N HIS F 9 -1.67 29.20 -33.33
CA HIS F 9 -0.37 29.85 -33.54
C HIS F 9 -0.68 31.11 -34.36
N GLN F 10 -0.54 32.29 -33.77
CA GLN F 10 -0.83 33.56 -34.44
C GLN F 10 0.45 34.13 -35.01
N LYS F 11 0.41 34.49 -36.30
CA LYS F 11 1.60 34.95 -37.04
C LYS F 11 1.39 36.36 -37.58
N VAL F 12 2.36 37.22 -37.34
CA VAL F 12 2.33 38.61 -37.84
C VAL F 12 3.53 38.81 -38.73
N ILE F 13 3.28 39.35 -39.92
CA ILE F 13 4.35 39.85 -40.82
C ILE F 13 4.29 41.37 -40.71
N LEU F 14 5.41 41.95 -40.30
CA LEU F 14 5.62 43.42 -40.25
C LEU F 14 6.45 43.81 -41.45
N VAL F 15 5.94 44.77 -42.21
CA VAL F 15 6.68 45.39 -43.36
C VAL F 15 7.13 46.77 -42.90
N GLY F 16 8.43 46.98 -42.89
CA GLY F 16 9.04 48.23 -42.38
C GLY F 16 9.60 48.04 -40.98
N ASP F 17 10.90 48.13 -40.87
CA ASP F 17 11.63 47.93 -39.59
C ASP F 17 12.30 49.24 -39.21
N GLY F 18 11.66 50.38 -39.52
CA GLY F 18 12.11 51.67 -38.96
C GLY F 18 11.69 51.78 -37.50
N ALA F 19 11.71 52.99 -36.95
CA ALA F 19 11.45 53.23 -35.52
C ALA F 19 10.05 52.71 -35.13
N VAL F 20 9.11 52.85 -36.02
CA VAL F 20 7.69 52.50 -35.81
C VAL F 20 7.56 50.97 -35.76
N GLY F 21 8.02 50.30 -36.80
CA GLY F 21 7.87 48.83 -36.94
C GLY F 21 8.57 48.15 -35.77
N SER F 22 9.79 48.61 -35.51
CA SER F 22 10.70 48.09 -34.47
C SER F 22 10.04 48.24 -33.10
N SER F 23 9.56 49.46 -32.80
CA SER F 23 8.83 49.75 -31.55
C SER F 23 7.58 48.87 -31.45
N TYR F 24 6.88 48.68 -32.56
CA TYR F 24 5.64 47.85 -32.62
C TYR F 24 6.02 46.42 -32.25
N ALA F 25 7.07 45.89 -32.86
CA ALA F 25 7.49 44.50 -32.57
C ALA F 25 7.81 44.42 -31.07
N TYR F 26 8.48 45.40 -30.51
CA TYR F 26 8.86 45.37 -29.07
C TYR F 26 7.58 45.40 -28.22
N ALA F 27 6.59 46.21 -28.59
CA ALA F 27 5.32 46.28 -27.85
C ALA F 27 4.65 44.89 -27.87
N MET F 28 4.68 44.20 -29.02
CA MET F 28 4.07 42.85 -29.17
C MET F 28 4.83 41.82 -28.34
N VAL F 29 6.17 41.92 -28.26
CA VAL F 29 7.02 41.10 -27.37
C VAL F 29 6.63 41.32 -25.92
N LEU F 30 6.64 42.57 -25.45
CA LEU F 30 6.39 42.83 -24.01
C LEU F 30 4.97 42.43 -23.63
N GLN F 31 4.00 42.58 -24.52
CA GLN F 31 2.62 42.29 -24.12
C GLN F 31 2.26 40.84 -24.41
N GLY F 32 3.13 40.05 -25.04
CA GLY F 32 2.83 38.63 -25.32
C GLY F 32 1.79 38.47 -26.39
N ILE F 33 1.71 39.40 -27.35
CA ILE F 33 0.69 39.31 -28.43
C ILE F 33 1.30 38.61 -29.63
N ALA F 34 0.64 37.56 -30.10
CA ALA F 34 1.07 36.67 -31.19
C ALA F 34 2.23 35.77 -30.75
N GLN F 35 2.49 34.76 -31.57
CA GLN F 35 3.51 33.72 -31.27
C GLN F 35 4.64 33.81 -32.27
N GLU F 36 4.50 34.65 -33.30
CA GLU F 36 5.50 34.68 -34.40
C GLU F 36 5.46 36.03 -35.13
N ILE F 37 6.62 36.65 -35.27
CA ILE F 37 6.77 37.96 -35.96
C ILE F 37 7.86 37.80 -37.01
N GLY F 38 7.49 37.92 -38.27
CA GLY F 38 8.46 38.06 -39.37
C GLY F 38 8.60 39.52 -39.76
N ILE F 39 9.83 40.00 -39.80
CA ILE F 39 10.13 41.44 -40.06
C ILE F 39 10.72 41.54 -41.48
N VAL F 40 10.01 42.24 -42.35
CA VAL F 40 10.38 42.44 -43.77
C VAL F 40 10.79 43.90 -43.97
N ASP F 41 11.95 44.10 -44.54
CA ASP F 41 12.48 45.44 -44.87
C ASP F 41 13.57 45.24 -45.91
N ILE F 42 13.70 46.21 -46.80
CA ILE F 42 14.81 46.26 -47.82
C ILE F 42 16.13 46.11 -47.08
N PHE F 43 16.30 46.77 -45.92
CA PHE F 43 17.58 46.74 -45.16
C PHE F 43 17.65 45.42 -44.36
N LYS F 44 18.15 44.37 -45.00
CA LYS F 44 18.08 42.99 -44.47
C LYS F 44 18.92 42.87 -43.19
N ASP F 45 20.10 43.49 -43.13
CA ASP F 45 20.98 43.38 -41.94
C ASP F 45 20.22 43.96 -40.73
N LYS F 46 19.55 45.09 -40.91
CA LYS F 46 18.83 45.77 -39.81
C LYS F 46 17.78 44.80 -39.24
N THR F 47 17.02 44.12 -40.08
CA THR F 47 15.90 43.27 -39.63
C THR F 47 16.49 42.03 -38.92
N LYS F 48 17.63 41.51 -39.39
CA LYS F 48 18.31 40.38 -38.73
C LYS F 48 18.73 40.85 -37.33
N GLY F 49 19.29 42.06 -37.24
CA GLY F 49 19.78 42.58 -35.97
C GLY F 49 18.62 42.79 -35.01
N ASP F 50 17.52 43.33 -35.53
CA ASP F 50 16.32 43.60 -34.70
C ASP F 50 15.73 42.27 -34.21
N ALA F 51 15.63 41.27 -35.06
CA ALA F 51 15.06 39.96 -34.68
C ALA F 51 15.88 39.41 -33.52
N ILE F 52 17.19 39.53 -33.56
CA ILE F 52 18.06 39.01 -32.45
C ILE F 52 17.82 39.88 -31.20
N ASP F 53 17.89 41.21 -31.34
CA ASP F 53 17.76 42.12 -30.20
C ASP F 53 16.41 41.88 -29.50
N LEU F 54 15.33 41.77 -30.25
CA LEU F 54 13.99 41.52 -29.72
C LEU F 54 13.92 40.13 -29.09
N SER F 55 14.53 39.12 -29.71
CA SER F 55 14.57 37.75 -29.18
C SER F 55 15.25 37.73 -27.83
N ASN F 56 16.25 38.60 -27.63
CA ASN F 56 17.01 38.68 -26.35
C ASN F 56 16.03 39.01 -25.21
N ALA F 57 14.89 39.61 -25.49
CA ALA F 57 13.92 40.03 -24.47
C ALA F 57 13.01 38.85 -24.08
N LEU F 58 12.92 37.80 -24.91
CA LEU F 58 11.85 36.79 -24.81
C LEU F 58 11.91 36.06 -23.48
N PRO F 59 13.09 35.77 -22.89
CA PRO F 59 13.10 35.03 -21.63
C PRO F 59 12.41 35.77 -20.49
N PHE F 60 12.14 37.06 -20.61
CA PHE F 60 11.39 37.89 -19.62
C PHE F 60 9.92 38.02 -20.03
N THR F 61 9.43 37.33 -21.04
CA THR F 61 8.03 37.45 -21.47
C THR F 61 7.61 36.11 -22.06
N SER F 62 6.51 36.04 -22.82
CA SER F 62 6.08 34.79 -23.45
C SER F 62 6.89 34.56 -24.73
N PRO F 63 7.08 33.27 -25.09
CA PRO F 63 7.92 32.90 -26.22
C PRO F 63 7.31 33.34 -27.55
N LYS F 64 8.18 33.56 -28.52
CA LYS F 64 7.84 33.90 -29.90
C LYS F 64 8.95 33.38 -30.81
N LYS F 65 8.63 33.12 -32.06
CA LYS F 65 9.57 32.99 -33.18
C LYS F 65 9.67 34.37 -33.87
N ILE F 66 10.81 35.02 -33.82
CA ILE F 66 11.04 36.36 -34.43
C ILE F 66 12.17 36.21 -35.42
N TYR F 67 11.98 36.67 -36.67
CA TYR F 67 13.04 36.47 -37.71
C TYR F 67 12.92 37.55 -38.79
N SER F 68 14.03 37.75 -39.50
CA SER F 68 14.12 38.50 -40.77
C SER F 68 13.34 37.70 -41.80
N ALA F 69 12.32 38.32 -42.38
CA ALA F 69 11.34 37.58 -43.22
C ALA F 69 11.33 38.14 -44.63
N GLU F 70 10.63 37.42 -45.50
CA GLU F 70 10.35 37.83 -46.91
C GLU F 70 8.83 37.88 -47.07
N TYR F 71 8.36 38.57 -48.10
CA TYR F 71 6.93 38.70 -48.44
C TYR F 71 6.31 37.30 -48.51
N SER F 72 7.04 36.30 -49.00
CA SER F 72 6.53 34.92 -49.20
C SER F 72 6.17 34.29 -47.83
N ASP F 73 6.73 34.79 -46.72
CA ASP F 73 6.42 34.29 -45.37
C ASP F 73 5.02 34.72 -44.92
N ALA F 74 4.33 35.57 -45.67
CA ALA F 74 2.93 36.00 -45.38
C ALA F 74 1.91 34.89 -45.69
N LYS F 75 2.33 33.80 -46.32
CA LYS F 75 1.40 32.76 -46.84
C LYS F 75 0.37 32.40 -45.76
N ASP F 76 0.82 32.10 -44.53
CA ASP F 76 -0.08 31.61 -43.47
C ASP F 76 -0.12 32.65 -42.33
N ALA F 77 0.19 33.91 -42.61
CA ALA F 77 0.11 34.99 -41.61
C ALA F 77 -1.35 35.32 -41.30
N ASP F 78 -1.64 35.63 -40.03
CA ASP F 78 -2.92 36.24 -39.64
C ASP F 78 -2.97 37.71 -40.03
N LEU F 79 -1.86 38.40 -39.91
CA LEU F 79 -1.85 39.87 -39.88
C LEU F 79 -0.62 40.35 -40.63
N VAL F 80 -0.80 41.26 -41.60
CA VAL F 80 0.29 42.00 -42.26
C VAL F 80 0.14 43.46 -41.81
N VAL F 81 1.20 43.96 -41.20
CA VAL F 81 1.25 45.35 -40.69
C VAL F 81 2.22 46.15 -41.57
N ILE F 82 1.72 47.17 -42.26
CA ILE F 82 2.54 47.98 -43.20
C ILE F 82 2.85 49.31 -42.53
N THR F 83 4.12 49.54 -42.23
CA THR F 83 4.67 50.83 -41.71
C THR F 83 5.63 51.50 -42.71
N ALA F 84 5.93 50.83 -43.81
CA ALA F 84 6.92 51.23 -44.87
C ALA F 84 6.45 52.44 -45.69
N GLY F 85 6.72 53.70 -45.23
CA GLY F 85 6.13 54.92 -45.86
C GLY F 85 7.16 56.02 -46.27
N ALA F 86 7.30 56.30 -47.56
CA ALA F 86 8.32 57.26 -48.06
C ALA F 86 7.90 58.69 -47.65
N PRO F 87 8.77 59.43 -46.98
CA PRO F 87 8.37 60.71 -46.36
C PRO F 87 8.29 61.88 -47.38
N GLN F 88 7.44 62.87 -47.06
CA GLN F 88 7.28 64.10 -47.89
C GLN F 88 8.61 64.87 -47.93
N LYS F 89 9.20 65.03 -49.11
CA LYS F 89 10.44 65.80 -49.40
C LYS F 89 10.07 67.28 -49.48
N PRO F 90 11.00 68.22 -49.23
CA PRO F 90 10.72 69.66 -49.29
C PRO F 90 10.23 70.04 -50.69
N GLY F 91 9.09 70.73 -50.74
CA GLY F 91 8.50 71.23 -52.01
C GLY F 91 7.90 70.11 -52.85
N GLU F 92 7.63 68.94 -52.26
CA GLU F 92 6.92 67.85 -52.98
C GLU F 92 5.42 68.12 -52.85
N THR F 93 4.62 67.90 -53.89
CA THR F 93 3.13 67.93 -53.78
C THR F 93 2.65 66.72 -52.97
N ARG F 94 1.48 66.82 -52.36
CA ARG F 94 0.81 65.69 -51.70
C ARG F 94 0.58 64.61 -52.74
N LEU F 95 0.22 64.96 -53.96
CA LEU F 95 -0.05 64.01 -55.07
C LEU F 95 1.23 63.24 -55.42
N ASP F 96 2.38 63.92 -55.47
CA ASP F 96 3.69 63.24 -55.72
C ASP F 96 3.99 62.28 -54.57
N LEU F 97 3.82 62.71 -53.33
CA LEU F 97 3.99 61.86 -52.14
C LEU F 97 3.19 60.56 -52.29
N VAL F 98 1.93 60.69 -52.71
CA VAL F 98 1.02 59.54 -52.94
C VAL F 98 1.56 58.65 -54.06
N ASN F 99 1.94 59.22 -55.18
CA ASN F 99 2.41 58.45 -56.36
C ASN F 99 3.66 57.65 -55.97
N LYS F 100 4.61 58.26 -55.27
CA LYS F 100 5.84 57.63 -54.78
C LYS F 100 5.47 56.44 -53.84
N ASN F 101 4.50 56.64 -52.94
CA ASN F 101 4.12 55.62 -51.95
C ASN F 101 3.32 54.52 -52.63
N LEU F 102 2.57 54.83 -53.69
CA LEU F 102 1.79 53.81 -54.42
C LEU F 102 2.73 52.83 -55.13
N LYS F 103 3.82 53.31 -55.75
CA LYS F 103 4.80 52.41 -56.43
C LYS F 103 5.38 51.48 -55.35
N ILE F 104 5.84 52.03 -54.23
CA ILE F 104 6.44 51.20 -53.15
C ILE F 104 5.35 50.25 -52.60
N LEU F 105 4.14 50.73 -52.37
CA LEU F 105 3.04 49.91 -51.80
C LEU F 105 2.72 48.73 -52.73
N LYS F 106 2.71 48.95 -54.05
CA LYS F 106 2.42 47.88 -55.04
C LYS F 106 3.48 46.79 -54.90
N SER F 107 4.75 47.18 -54.73
CA SER F 107 5.90 46.26 -54.57
C SER F 107 5.79 45.45 -53.28
N ILE F 108 4.93 45.86 -52.32
CA ILE F 108 4.70 45.16 -51.03
C ILE F 108 3.47 44.27 -51.16
N VAL F 109 2.37 44.86 -51.57
CA VAL F 109 1.04 44.18 -51.52
C VAL F 109 1.02 43.05 -52.53
N ASP F 110 1.57 43.23 -53.73
CA ASP F 110 1.44 42.21 -54.81
C ASP F 110 2.09 40.91 -54.33
N PRO F 111 3.38 40.90 -53.93
CA PRO F 111 4.03 39.65 -53.50
C PRO F 111 3.40 39.04 -52.24
N ILE F 112 2.84 39.87 -51.37
CA ILE F 112 2.10 39.40 -50.18
C ILE F 112 0.85 38.64 -50.63
N VAL F 113 0.06 39.21 -51.56
CA VAL F 113 -1.14 38.50 -52.09
C VAL F 113 -0.68 37.22 -52.82
N ASP F 114 0.37 37.33 -53.65
CA ASP F 114 0.91 36.19 -54.42
C ASP F 114 1.31 35.07 -53.45
N SER F 115 1.74 35.37 -52.22
CA SER F 115 2.17 34.33 -51.25
C SER F 115 1.00 33.40 -50.88
N GLY F 116 -0.25 33.85 -51.10
CA GLY F 116 -1.46 33.16 -50.59
C GLY F 116 -1.98 33.76 -49.29
N PHE F 117 -1.39 34.85 -48.80
CA PHE F 117 -1.85 35.53 -47.56
C PHE F 117 -3.35 35.77 -47.66
N ASN F 118 -4.04 35.49 -46.58
CA ASN F 118 -5.51 35.49 -46.56
C ASN F 118 -5.99 36.02 -45.20
N GLY F 119 -5.25 36.95 -44.60
CA GLY F 119 -5.54 37.51 -43.27
C GLY F 119 -6.06 38.92 -43.34
N ILE F 120 -5.66 39.75 -42.40
CA ILE F 120 -6.04 41.20 -42.36
C ILE F 120 -4.80 42.03 -42.63
N PHE F 121 -4.95 43.06 -43.43
CA PHE F 121 -3.96 44.14 -43.59
C PHE F 121 -4.24 45.22 -42.54
N LEU F 122 -3.22 45.59 -41.77
CA LEU F 122 -3.21 46.77 -40.89
C LEU F 122 -2.17 47.77 -41.42
N VAL F 123 -2.63 48.91 -41.90
CA VAL F 123 -1.81 49.94 -42.60
C VAL F 123 -1.58 51.11 -41.66
N ALA F 124 -0.34 51.46 -41.42
CA ALA F 124 0.05 52.64 -40.61
C ALA F 124 0.91 53.60 -41.42
N ALA F 125 1.33 53.28 -42.63
CA ALA F 125 2.22 54.15 -43.44
C ALA F 125 1.52 55.45 -43.80
N ASN F 126 2.27 56.56 -43.81
CA ASN F 126 1.69 57.88 -44.16
C ASN F 126 1.76 58.09 -45.66
N PRO F 127 0.72 58.62 -46.31
CA PRO F 127 -0.53 59.00 -45.67
C PRO F 127 -1.57 57.88 -45.51
N VAL F 128 -2.03 57.65 -44.30
CA VAL F 128 -2.57 56.32 -43.88
C VAL F 128 -3.95 56.11 -44.53
N ASP F 129 -4.81 57.14 -44.56
CA ASP F 129 -6.16 56.91 -45.11
C ASP F 129 -6.06 56.61 -46.60
N ILE F 130 -5.19 57.34 -47.32
CA ILE F 130 -4.97 57.12 -48.78
C ILE F 130 -4.33 55.75 -48.95
N LEU F 131 -3.30 55.39 -48.18
CA LEU F 131 -2.59 54.11 -48.45
C LEU F 131 -3.42 52.93 -47.99
N THR F 132 -4.39 53.15 -47.11
CA THR F 132 -5.36 52.12 -46.68
C THR F 132 -6.24 51.82 -47.88
N TYR F 133 -6.80 52.87 -48.50
CA TYR F 133 -7.60 52.72 -49.75
C TYR F 133 -6.74 52.02 -50.81
N ALA F 134 -5.52 52.49 -51.02
CA ALA F 134 -4.61 51.92 -52.04
C ALA F 134 -4.38 50.42 -51.72
N THR F 135 -4.19 50.05 -50.46
CA THR F 135 -3.95 48.63 -50.07
C THR F 135 -5.20 47.81 -50.45
N TRP F 136 -6.38 48.32 -50.15
CA TRP F 136 -7.67 47.70 -50.57
C TRP F 136 -7.70 47.48 -52.10
N LYS F 137 -7.41 48.52 -52.88
CA LYS F 137 -7.46 48.52 -54.37
C LYS F 137 -6.42 47.47 -54.86
N LEU F 138 -5.19 47.50 -54.35
CA LEU F 138 -4.11 46.63 -54.85
C LEU F 138 -4.36 45.18 -54.43
N SER F 139 -4.87 44.94 -53.23
CA SER F 139 -4.95 43.59 -52.66
C SER F 139 -6.12 42.81 -53.24
N GLY F 140 -7.25 43.47 -53.53
CA GLY F 140 -8.51 42.82 -53.91
C GLY F 140 -9.22 42.25 -52.70
N PHE F 141 -8.74 42.56 -51.49
CA PHE F 141 -9.34 42.03 -50.24
C PHE F 141 -10.67 42.70 -50.00
N PRO F 142 -11.55 42.05 -49.23
CA PRO F 142 -12.76 42.75 -48.77
C PRO F 142 -12.41 44.02 -47.96
N LYS F 143 -13.29 45.02 -48.06
CA LYS F 143 -13.25 46.31 -47.33
C LYS F 143 -12.90 46.14 -45.83
N ASN F 144 -13.55 45.15 -45.19
CA ASN F 144 -13.49 44.98 -43.73
C ASN F 144 -12.15 44.30 -43.33
N ARG F 145 -11.33 43.85 -44.27
CA ARG F 145 -10.05 43.15 -43.95
C ARG F 145 -8.87 44.02 -44.35
N VAL F 146 -9.13 45.28 -44.69
CA VAL F 146 -8.06 46.30 -44.88
C VAL F 146 -8.40 47.45 -43.93
N VAL F 147 -7.51 47.66 -42.97
CA VAL F 147 -7.75 48.58 -41.84
C VAL F 147 -6.56 49.51 -41.76
N GLY F 148 -6.82 50.78 -41.51
CA GLY F 148 -5.75 51.75 -41.26
C GLY F 148 -5.78 52.20 -39.83
N SER F 149 -4.65 52.61 -39.31
CA SER F 149 -4.54 53.11 -37.92
C SER F 149 -5.34 54.43 -37.80
N GLY F 150 -5.56 55.12 -38.91
CA GLY F 150 -6.41 56.32 -38.92
C GLY F 150 -6.10 57.31 -37.81
N THR F 151 -7.12 57.66 -37.02
CA THR F 151 -7.05 58.65 -35.92
C THR F 151 -6.92 57.93 -34.55
N SER F 152 -6.44 56.68 -34.52
CA SER F 152 -6.28 55.95 -33.23
C SER F 152 -5.29 56.71 -32.36
N LEU F 153 -4.17 57.15 -32.92
CA LEU F 153 -3.14 57.85 -32.12
C LEU F 153 -3.60 59.26 -31.78
N ASP F 154 -4.20 59.96 -32.72
CA ASP F 154 -4.69 61.34 -32.48
C ASP F 154 -5.69 61.29 -31.33
N THR F 155 -6.55 60.28 -31.34
CA THR F 155 -7.57 60.04 -30.29
C THR F 155 -6.86 59.79 -28.94
N ALA F 156 -5.87 58.90 -28.91
CA ALA F 156 -5.09 58.66 -27.66
C ALA F 156 -4.49 59.99 -27.21
N ARG F 157 -3.85 60.73 -28.10
CA ARG F 157 -3.21 62.02 -27.71
C ARG F 157 -4.26 62.94 -27.11
N PHE F 158 -5.43 63.00 -27.74
CA PHE F 158 -6.55 63.87 -27.30
C PHE F 158 -7.00 63.42 -25.92
N ARG F 159 -7.22 62.13 -25.74
CA ARG F 159 -7.65 61.59 -24.40
C ARG F 159 -6.59 61.88 -23.35
N GLN F 160 -5.31 61.73 -23.66
CA GLN F 160 -4.24 61.91 -22.63
C GLN F 160 -4.15 63.40 -22.24
N SER F 161 -4.35 64.29 -23.21
CA SER F 161 -4.35 65.75 -22.97
C SER F 161 -5.52 66.13 -22.06
N ILE F 162 -6.71 65.60 -22.28
CA ILE F 162 -7.86 65.80 -21.38
C ILE F 162 -7.54 65.21 -20.01
N ALA F 163 -7.03 63.96 -19.96
CA ALA F 163 -6.62 63.25 -18.72
C ALA F 163 -5.71 64.15 -17.87
N GLU F 164 -4.72 64.77 -18.50
CA GLU F 164 -3.74 65.62 -17.78
C GLU F 164 -4.41 66.94 -17.34
N MET F 165 -5.28 67.53 -18.13
CA MET F 165 -6.00 68.76 -17.72
C MET F 165 -6.81 68.48 -16.43
N VAL F 166 -7.40 67.30 -16.32
CA VAL F 166 -8.48 67.01 -15.34
C VAL F 166 -7.95 66.03 -14.25
N ASN F 167 -6.72 65.54 -14.38
CA ASN F 167 -6.13 64.59 -13.39
C ASN F 167 -6.97 63.29 -13.27
N VAL F 168 -7.28 62.69 -14.41
CA VAL F 168 -8.10 61.46 -14.50
C VAL F 168 -7.36 60.52 -15.45
N ASP F 169 -7.31 59.24 -15.10
CA ASP F 169 -6.83 58.17 -15.99
C ASP F 169 -7.44 58.38 -17.38
N ALA F 170 -6.65 58.40 -18.43
CA ALA F 170 -7.17 58.56 -19.80
C ALA F 170 -8.15 57.42 -20.16
N ARG F 171 -8.08 56.27 -19.46
CA ARG F 171 -8.96 55.13 -19.71
C ARG F 171 -10.38 55.47 -19.26
N SER F 172 -10.57 56.55 -18.48
CA SER F 172 -11.89 57.05 -18.06
C SER F 172 -12.28 58.24 -18.91
N VAL F 173 -11.52 58.56 -19.94
CA VAL F 173 -11.77 59.75 -20.83
C VAL F 173 -12.15 59.21 -22.21
N HIS F 174 -13.20 59.73 -22.82
CA HIS F 174 -13.78 59.17 -24.06
C HIS F 174 -14.01 60.32 -25.05
N ALA F 175 -13.08 60.52 -25.96
CA ALA F 175 -13.13 61.59 -26.97
C ALA F 175 -12.52 61.08 -28.24
N TYR F 176 -13.02 61.53 -29.38
CA TYR F 176 -12.47 61.14 -30.70
C TYR F 176 -11.86 62.33 -31.44
N ILE F 177 -10.80 62.03 -32.20
CA ILE F 177 -10.41 62.80 -33.40
C ILE F 177 -10.87 61.99 -34.60
N MET F 178 -11.48 62.62 -35.59
CA MET F 178 -12.03 61.91 -36.76
C MET F 178 -11.60 62.65 -38.02
N GLY F 179 -11.93 62.03 -39.15
CA GLY F 179 -11.56 62.52 -40.49
C GLY F 179 -10.29 61.85 -40.96
N GLU F 180 -9.68 62.47 -41.96
CA GLU F 180 -8.38 62.06 -42.49
C GLU F 180 -7.33 62.44 -41.45
N HIS F 181 -6.58 61.46 -40.98
CA HIS F 181 -5.40 61.73 -40.13
C HIS F 181 -4.53 62.76 -40.86
N GLY F 182 -4.19 63.88 -40.22
CA GLY F 182 -3.47 65.01 -40.79
C GLY F 182 -4.18 66.34 -40.49
N ASP F 183 -3.86 67.43 -41.23
CA ASP F 183 -4.25 68.82 -40.83
C ASP F 183 -5.76 69.01 -40.81
N THR F 184 -6.53 68.24 -41.57
CA THR F 184 -8.00 68.44 -41.69
C THR F 184 -8.74 67.61 -40.64
N GLU F 185 -8.05 66.85 -39.76
CA GLU F 185 -8.79 66.00 -38.79
C GLU F 185 -9.48 66.95 -37.78
N PHE F 186 -10.48 66.50 -37.01
CA PHE F 186 -11.20 67.42 -36.10
C PHE F 186 -11.62 66.68 -34.84
N PRO F 187 -11.83 67.44 -33.75
CA PRO F 187 -12.28 66.84 -32.48
C PRO F 187 -13.80 66.74 -32.42
N VAL F 188 -14.32 65.62 -31.94
CA VAL F 188 -15.77 65.47 -31.71
C VAL F 188 -16.07 65.93 -30.28
N TRP F 189 -16.04 67.24 -30.05
CA TRP F 189 -16.34 67.76 -28.68
C TRP F 189 -17.74 67.34 -28.24
N SER F 190 -18.70 67.26 -29.17
CA SER F 190 -20.14 67.04 -28.84
C SER F 190 -20.30 65.75 -28.02
N HIS F 191 -19.50 64.72 -28.26
CA HIS F 191 -19.67 63.38 -27.64
C HIS F 191 -18.49 63.06 -26.71
N ALA F 192 -17.53 63.97 -26.60
CA ALA F 192 -16.36 63.81 -25.71
C ALA F 192 -16.88 63.88 -24.28
N ASN F 193 -16.37 63.02 -23.45
CA ASN F 193 -16.84 62.93 -22.05
C ASN F 193 -15.73 62.34 -21.16
N ILE F 194 -15.91 62.51 -19.86
CA ILE F 194 -15.07 62.03 -18.76
C ILE F 194 -16.03 61.24 -17.89
N GLY F 195 -15.90 59.91 -17.92
CA GLY F 195 -16.75 59.02 -17.15
C GLY F 195 -18.19 59.28 -17.41
N GLY F 196 -18.52 59.70 -18.63
CA GLY F 196 -19.90 59.89 -19.10
C GLY F 196 -20.38 61.33 -18.98
N VAL F 197 -19.65 62.20 -18.29
CA VAL F 197 -19.92 63.65 -18.17
C VAL F 197 -19.31 64.34 -19.41
N THR F 198 -20.14 64.91 -20.29
CA THR F 198 -19.66 65.52 -21.55
C THR F 198 -18.71 66.66 -21.15
N ILE F 199 -17.75 66.97 -22.01
CA ILE F 199 -16.88 68.16 -21.80
C ILE F 199 -17.76 69.42 -21.61
N ALA F 200 -18.82 69.63 -22.41
CA ALA F 200 -19.72 70.81 -22.20
C ALA F 200 -20.24 70.72 -20.74
N GLU F 201 -20.69 69.54 -20.27
CA GLU F 201 -21.20 69.43 -18.88
C GLU F 201 -20.06 69.74 -17.89
N TRP F 202 -18.85 69.27 -18.17
CA TRP F 202 -17.69 69.37 -17.25
C TRP F 202 -17.30 70.84 -17.13
N VAL F 203 -17.28 71.53 -18.26
CA VAL F 203 -16.93 72.98 -18.33
C VAL F 203 -17.96 73.82 -17.54
N LYS F 204 -19.25 73.48 -17.58
CA LYS F 204 -20.31 74.14 -16.75
C LYS F 204 -19.97 73.99 -15.26
N ALA F 205 -19.62 72.79 -14.79
CA ALA F 205 -19.30 72.54 -13.37
C ALA F 205 -17.92 73.12 -13.01
N HIS F 206 -17.02 73.33 -13.99
CA HIS F 206 -15.60 73.72 -13.75
C HIS F 206 -15.21 74.87 -14.69
N PRO F 207 -15.79 76.08 -14.52
CA PRO F 207 -15.64 77.16 -15.50
C PRO F 207 -14.28 77.89 -15.54
N GLU F 208 -13.35 77.54 -14.64
CA GLU F 208 -11.87 77.79 -14.75
C GLU F 208 -11.35 77.27 -16.10
N ILE F 209 -11.97 76.23 -16.67
CA ILE F 209 -11.62 75.69 -18.02
C ILE F 209 -12.22 76.64 -19.06
N LYS F 210 -11.34 77.42 -19.71
CA LYS F 210 -11.70 78.44 -20.72
C LYS F 210 -11.82 77.76 -22.09
N GLU F 211 -12.74 78.26 -22.91
CA GLU F 211 -12.91 77.87 -24.34
C GLU F 211 -11.54 77.82 -25.02
N ASP F 212 -10.70 78.83 -24.78
CA ASP F 212 -9.41 79.03 -25.51
C ASP F 212 -8.46 77.88 -25.13
N LYS F 213 -8.53 77.33 -23.91
CA LYS F 213 -7.65 76.21 -23.48
C LYS F 213 -8.04 74.96 -24.30
N LEU F 214 -9.33 74.69 -24.46
CA LEU F 214 -9.85 73.57 -25.27
C LEU F 214 -9.47 73.74 -26.75
N VAL F 215 -9.59 74.94 -27.31
CA VAL F 215 -9.21 75.16 -28.74
C VAL F 215 -7.73 74.80 -28.89
N LYS F 216 -6.90 75.31 -27.98
CA LYS F 216 -5.42 75.12 -28.01
C LYS F 216 -5.12 73.64 -27.85
N MET F 217 -5.84 72.97 -26.94
CA MET F 217 -5.64 71.52 -26.66
C MET F 217 -5.86 70.75 -27.98
N PHE F 218 -6.90 71.03 -28.77
CA PHE F 218 -7.07 70.32 -30.07
C PHE F 218 -5.93 70.73 -31.00
N GLU F 219 -5.52 71.97 -31.00
CA GLU F 219 -4.41 72.44 -31.88
C GLU F 219 -3.13 71.66 -31.54
N ASP F 220 -2.79 71.55 -30.27
CA ASP F 220 -1.62 70.77 -29.81
C ASP F 220 -1.74 69.27 -30.18
N VAL F 221 -2.92 68.68 -30.16
CA VAL F 221 -3.14 67.31 -30.69
C VAL F 221 -2.82 67.25 -32.19
N ARG F 222 -3.40 68.14 -32.99
CA ARG F 222 -3.21 68.18 -34.46
C ARG F 222 -1.72 68.33 -34.78
N ASP F 223 -1.01 69.16 -34.05
CA ASP F 223 0.42 69.46 -34.25
C ASP F 223 1.31 68.56 -33.38
N ALA F 224 0.80 67.53 -32.70
CA ALA F 224 1.63 66.75 -31.75
C ALA F 224 2.88 66.18 -32.46
N ALA F 225 2.72 65.50 -33.56
CA ALA F 225 3.82 64.87 -34.33
C ALA F 225 4.90 65.92 -34.65
N TYR F 226 4.52 67.10 -35.13
CA TYR F 226 5.47 68.18 -35.50
C TYR F 226 6.30 68.56 -34.25
N GLU F 227 5.64 68.68 -33.09
CA GLU F 227 6.26 69.11 -31.82
C GLU F 227 7.24 68.01 -31.36
N ILE F 228 6.87 66.75 -31.51
CA ILE F 228 7.73 65.63 -31.06
C ILE F 228 8.93 65.53 -31.99
N ILE F 229 8.72 65.55 -33.31
CA ILE F 229 9.81 65.50 -34.32
C ILE F 229 10.79 66.64 -34.07
N LYS F 230 10.28 67.82 -33.77
CA LYS F 230 11.13 69.00 -33.50
C LYS F 230 12.00 68.68 -32.26
N LEU F 231 11.43 68.05 -31.23
CA LEU F 231 12.15 67.83 -29.94
C LEU F 231 13.11 66.64 -30.03
N LYS F 232 12.69 65.48 -30.57
CA LYS F 232 13.51 64.22 -30.51
C LYS F 232 13.73 63.63 -31.90
N GLY F 233 13.24 64.24 -32.98
CA GLY F 233 13.64 63.88 -34.36
C GLY F 233 12.69 62.91 -35.01
N ALA F 234 11.79 62.27 -34.28
CA ALA F 234 10.84 61.27 -34.84
C ALA F 234 9.80 60.92 -33.76
N THR F 235 8.71 60.32 -34.21
CA THR F 235 7.56 59.93 -33.39
C THR F 235 7.41 58.43 -33.55
N PHE F 236 7.29 57.64 -32.47
CA PHE F 236 7.10 56.19 -32.71
C PHE F 236 6.38 55.47 -31.56
N TYR F 237 6.53 55.88 -30.31
CA TYR F 237 5.96 55.10 -29.17
C TYR F 237 4.44 55.10 -29.29
N GLY F 238 3.88 56.25 -29.66
CA GLY F 238 2.43 56.41 -29.75
C GLY F 238 1.82 55.40 -30.70
N ILE F 239 2.27 55.44 -31.95
CA ILE F 239 1.67 54.61 -33.04
C ILE F 239 2.01 53.14 -32.78
N ALA F 240 3.21 52.84 -32.32
CA ALA F 240 3.62 51.44 -31.99
C ALA F 240 2.61 50.86 -30.99
N THR F 241 2.27 51.62 -29.97
CA THR F 241 1.34 51.18 -28.92
C THR F 241 -0.06 50.98 -29.52
N ALA F 242 -0.54 51.92 -30.30
CA ALA F 242 -1.85 51.87 -30.98
C ALA F 242 -1.92 50.63 -31.87
N LEU F 243 -0.86 50.38 -32.66
CA LEU F 243 -0.84 49.23 -33.61
C LEU F 243 -0.95 47.93 -32.82
N ALA F 244 -0.25 47.85 -31.70
CA ALA F 244 -0.29 46.67 -30.82
C ALA F 244 -1.69 46.53 -30.22
N ARG F 245 -2.37 47.64 -29.87
CA ARG F 245 -3.73 47.55 -29.31
C ARG F 245 -4.69 47.04 -30.39
N ILE F 246 -4.58 47.56 -31.60
CA ILE F 246 -5.43 47.12 -32.74
C ILE F 246 -5.12 45.64 -32.99
N SER F 247 -3.84 45.26 -33.02
CA SER F 247 -3.43 43.86 -33.21
C SER F 247 -4.12 42.99 -32.15
N LYS F 248 -4.18 43.39 -30.87
CA LYS F 248 -4.76 42.59 -29.74
C LYS F 248 -6.28 42.48 -30.03
N ALA F 249 -6.93 43.55 -30.49
CA ALA F 249 -8.38 43.54 -30.73
C ALA F 249 -8.72 42.51 -31.80
N ILE F 250 -7.89 42.40 -32.83
CA ILE F 250 -8.08 41.37 -33.89
C ILE F 250 -7.79 39.98 -33.30
N LEU F 251 -6.60 39.77 -32.74
CA LEU F 251 -6.11 38.38 -32.42
C LEU F 251 -6.84 37.79 -31.21
N ASN F 252 -7.38 38.63 -30.32
CA ASN F 252 -8.23 38.20 -29.19
C ASN F 252 -9.71 38.42 -29.51
N ASP F 253 -10.06 38.74 -30.76
CA ASP F 253 -11.47 38.73 -31.22
C ASP F 253 -12.33 39.56 -30.27
N GLU F 254 -11.99 40.81 -30.02
CA GLU F 254 -12.56 41.57 -28.87
C GLU F 254 -13.88 42.25 -29.22
N ASN F 255 -14.16 42.58 -30.49
CA ASN F 255 -15.29 43.47 -30.84
C ASN F 255 -15.11 44.76 -30.06
N ALA F 256 -13.88 45.27 -30.10
CA ALA F 256 -13.51 46.52 -29.44
C ALA F 256 -13.86 47.70 -30.39
N VAL F 257 -14.26 48.81 -29.79
CA VAL F 257 -14.48 50.07 -30.56
C VAL F 257 -13.16 50.82 -30.59
N LEU F 258 -12.62 51.03 -31.77
CA LEU F 258 -11.40 51.84 -31.98
C LEU F 258 -11.64 52.80 -33.15
N PRO F 259 -11.02 53.98 -33.09
CA PRO F 259 -11.07 54.91 -34.20
C PRO F 259 -10.09 54.41 -35.27
N LEU F 260 -10.58 54.04 -36.45
CA LEU F 260 -9.74 53.41 -37.50
C LEU F 260 -10.08 54.03 -38.85
N SER F 261 -9.21 53.84 -39.84
CA SER F 261 -9.52 54.11 -41.27
C SER F 261 -10.40 52.96 -41.75
N VAL F 262 -11.64 53.27 -42.13
CA VAL F 262 -12.64 52.28 -42.57
C VAL F 262 -13.37 52.82 -43.79
N TYR F 263 -13.95 51.93 -44.57
CA TYR F 263 -14.53 52.23 -45.89
C TYR F 263 -15.89 52.88 -45.69
N MET F 264 -16.05 54.07 -46.24
CA MET F 264 -17.32 54.85 -46.17
C MET F 264 -18.30 54.29 -47.21
N ASP F 265 -19.43 53.78 -46.73
CA ASP F 265 -20.58 53.35 -47.59
C ASP F 265 -21.84 54.15 -47.22
N GLY F 266 -21.75 55.48 -47.19
CA GLY F 266 -22.88 56.40 -46.88
C GLY F 266 -22.75 57.04 -45.51
N GLN F 267 -21.92 56.49 -44.61
CA GLN F 267 -21.68 57.09 -43.28
C GLN F 267 -21.20 58.55 -43.47
N TYR F 268 -21.83 59.48 -42.76
CA TYR F 268 -21.52 60.94 -42.76
C TYR F 268 -21.76 61.54 -44.15
N GLY F 269 -22.47 60.83 -45.03
CA GLY F 269 -22.70 61.30 -46.41
C GLY F 269 -21.47 61.11 -47.29
N LEU F 270 -20.57 60.17 -46.90
CA LEU F 270 -19.32 59.88 -47.64
C LEU F 270 -19.42 58.52 -48.33
N ASN F 271 -18.71 58.35 -49.45
CA ASN F 271 -18.65 57.07 -50.22
C ASN F 271 -17.25 56.84 -50.80
N ASP F 272 -16.79 55.59 -50.78
CA ASP F 272 -15.65 55.14 -51.62
C ASP F 272 -14.37 55.88 -51.19
N ILE F 273 -14.21 56.09 -49.88
CA ILE F 273 -12.90 56.45 -49.26
C ILE F 273 -12.76 55.68 -47.97
N TYR F 274 -11.53 55.56 -47.51
CA TYR F 274 -11.19 55.19 -46.13
C TYR F 274 -10.99 56.47 -45.36
N ILE F 275 -11.59 56.56 -44.19
CA ILE F 275 -11.46 57.75 -43.31
C ILE F 275 -11.68 57.34 -41.85
N GLY F 276 -11.24 58.18 -40.94
CA GLY F 276 -11.22 57.90 -39.51
C GLY F 276 -12.57 58.06 -38.88
N THR F 277 -13.05 56.99 -38.27
CA THR F 277 -14.24 56.98 -37.40
C THR F 277 -14.14 55.77 -36.48
N PRO F 278 -14.78 55.80 -35.29
CA PRO F 278 -14.90 54.61 -34.47
C PRO F 278 -15.55 53.48 -35.25
N ALA F 279 -15.08 52.27 -35.02
CA ALA F 279 -15.60 51.03 -35.59
C ALA F 279 -15.35 49.88 -34.60
N VAL F 280 -16.14 48.82 -34.72
CA VAL F 280 -16.00 47.56 -33.98
C VAL F 280 -15.07 46.67 -34.80
N ILE F 281 -14.05 46.13 -34.14
CA ILE F 281 -13.07 45.25 -34.83
C ILE F 281 -12.92 43.95 -34.03
N ASN F 282 -12.91 42.84 -34.75
CA ASN F 282 -12.68 41.50 -34.17
C ASN F 282 -11.76 40.72 -35.11
N ARG F 283 -11.74 39.39 -34.96
CA ARG F 283 -10.83 38.50 -35.70
C ARG F 283 -11.08 38.59 -37.20
N ASN F 284 -12.28 38.98 -37.64
CA ASN F 284 -12.67 39.09 -39.08
C ASN F 284 -12.53 40.53 -39.55
N GLY F 285 -11.88 41.40 -38.78
CA GLY F 285 -11.67 42.82 -39.16
C GLY F 285 -12.89 43.67 -38.76
N ILE F 286 -13.27 44.63 -39.62
CA ILE F 286 -14.30 45.64 -39.27
C ILE F 286 -15.66 44.94 -39.28
N GLN F 287 -16.42 45.04 -38.19
CA GLN F 287 -17.75 44.42 -38.07
C GLN F 287 -18.82 45.51 -38.21
N ASN F 288 -18.62 46.68 -37.62
CA ASN F 288 -19.63 47.76 -37.55
C ASN F 288 -18.86 49.06 -37.64
N ILE F 289 -19.34 50.01 -38.42
CA ILE F 289 -18.79 51.36 -38.45
C ILE F 289 -19.73 52.20 -37.60
N LEU F 290 -19.24 52.81 -36.53
CA LEU F 290 -20.10 53.69 -35.69
C LEU F 290 -20.19 55.05 -36.43
N GLU F 291 -21.40 55.49 -36.69
CA GLU F 291 -21.65 56.80 -37.28
C GLU F 291 -22.08 57.73 -36.16
N ILE F 292 -21.17 58.50 -35.59
CA ILE F 292 -21.52 59.41 -34.45
C ILE F 292 -22.35 60.56 -35.05
N PRO F 293 -23.52 60.90 -34.49
CA PRO F 293 -24.30 62.05 -34.95
C PRO F 293 -23.49 63.30 -34.63
N LEU F 294 -22.95 63.96 -35.65
CA LEU F 294 -22.09 65.16 -35.50
C LEU F 294 -22.99 66.39 -35.51
N THR F 295 -22.56 67.45 -34.81
CA THR F 295 -23.15 68.81 -34.94
C THR F 295 -22.99 69.25 -36.40
N ASP F 296 -23.66 70.33 -36.79
CA ASP F 296 -23.46 70.91 -38.14
C ASP F 296 -21.99 71.25 -38.31
N HIS F 297 -21.35 71.92 -37.34
CA HIS F 297 -19.91 72.32 -37.43
C HIS F 297 -19.04 71.04 -37.57
N GLU F 298 -19.29 69.97 -36.79
CA GLU F 298 -18.46 68.74 -36.82
C GLU F 298 -18.65 68.04 -38.19
N GLU F 299 -19.88 68.00 -38.69
CA GLU F 299 -20.22 67.36 -39.98
C GLU F 299 -19.51 68.14 -41.12
N GLU F 300 -19.50 69.45 -41.04
CA GLU F 300 -18.79 70.30 -42.03
C GLU F 300 -17.29 69.93 -42.05
N SER F 301 -16.66 69.87 -40.88
CA SER F 301 -15.24 69.43 -40.70
C SER F 301 -15.03 68.07 -41.37
N MET F 302 -15.96 67.14 -41.16
CA MET F 302 -15.89 65.78 -41.76
C MET F 302 -15.96 65.90 -43.28
N GLN F 303 -16.90 66.70 -43.80
CA GLN F 303 -17.06 66.88 -45.27
C GLN F 303 -15.82 67.50 -45.89
N LYS F 304 -15.24 68.53 -45.27
CA LYS F 304 -14.01 69.22 -45.78
C LYS F 304 -12.83 68.24 -45.75
N SER F 305 -12.67 67.46 -44.67
CA SER F 305 -11.59 66.46 -44.57
C SER F 305 -11.79 65.46 -45.71
N ALA F 306 -12.98 64.90 -45.85
CA ALA F 306 -13.32 63.84 -46.83
C ALA F 306 -13.10 64.35 -48.26
N SER F 307 -13.64 65.53 -48.57
CA SER F 307 -13.69 66.06 -49.95
C SER F 307 -12.25 66.27 -50.47
N GLN F 308 -11.40 66.96 -49.71
CA GLN F 308 -9.94 67.16 -50.01
C GLN F 308 -9.25 65.77 -50.19
N LEU F 309 -9.59 64.79 -49.37
CA LEU F 309 -8.97 63.42 -49.44
C LEU F 309 -9.46 62.69 -50.72
N LYS F 310 -10.75 62.75 -50.98
CA LYS F 310 -11.35 62.15 -52.20
C LYS F 310 -10.73 62.74 -53.47
N LYS F 311 -10.47 64.05 -53.50
CA LYS F 311 -9.87 64.73 -54.68
C LYS F 311 -8.48 64.12 -54.95
N VAL F 312 -7.64 63.98 -53.90
CA VAL F 312 -6.27 63.40 -54.03
C VAL F 312 -6.37 61.94 -54.52
N LEU F 313 -7.28 61.13 -53.98
CA LEU F 313 -7.43 59.72 -54.42
C LEU F 313 -7.82 59.65 -55.90
N THR F 314 -8.91 60.32 -56.28
CA THR F 314 -9.34 60.48 -57.70
C THR F 314 -8.09 60.79 -58.58
N ASP F 315 -7.36 61.86 -58.27
CA ASP F 315 -6.23 62.33 -59.11
C ASP F 315 -5.14 61.25 -59.13
N ALA F 316 -4.93 60.53 -58.03
CA ALA F 316 -3.86 59.53 -57.91
C ALA F 316 -4.20 58.29 -58.73
N PHE F 317 -5.46 57.83 -58.73
CA PHE F 317 -5.90 56.67 -59.55
C PHE F 317 -6.30 57.09 -60.99
N ALA F 318 -6.20 58.37 -61.39
CA ALA F 318 -6.81 58.97 -62.61
C ALA F 318 -6.83 57.96 -63.78
#